data_7NFD
#
_entry.id   7NFD
#
_cell.length_a   1.00
_cell.length_b   1.00
_cell.length_c   1.00
_cell.angle_alpha   90.00
_cell.angle_beta   90.00
_cell.angle_gamma   90.00
#
_symmetry.space_group_name_H-M   'P 1'
#
loop_
_entity.id
_entity.type
_entity.pdbx_description
1 polymer 'ATP-binding cassette sub-family G member 2'
2 polymer '5D3(Fab) light chain variable domain'
3 polymer '5D3(Fab) heavy chain variable domain'
4 branched 2-acetamido-2-deoxy-beta-D-glucopyranose-(1-4)-2-acetamido-2-deoxy-beta-D-glucopyranose
5 non-polymer 1,4-DIHYDROXY-5,8-BIS({2-[(2-HYDROXYETHYL)AMINO]ETHYL}AMINO)-9,10-ANTHRACENEDIONE
#
loop_
_entity_poly.entity_id
_entity_poly.type
_entity_poly.pdbx_seq_one_letter_code
_entity_poly.pdbx_strand_id
1 'polypeptide(L)'
;MSSSNVEVFIPVSQGNTNGFPATASNDLKAFTEGAVLSFHNICYRVKLKSGFLPCRKPVEKEILSNINGIMKPGLNAILG
PTGGGKSSLLDVLAARKDPSGLSGDVLINGAPRPANFKCNSGYVVQDDVVMGTLTVRENLQFSAALRLATTMTNHEKNER
INRVIQELGLDKVADSKVGTQFIRGVSGGERKRTSIGMELITDPSILFLDEPTTGLDSSTANAVLLLLKRMSKQGRTIIF
SIHQPRYSIFKLFDSLTLLASGRLMFHGPAQEALGYFESAGYHCEAYNNPADFFLDIINGDSTAVALNREEDFKATEIIE
PSKQDKPLIEKLAEIYVNSSFYKETKAELHQLSGGEKKKKITVFKEISYTTSFCHQLRWVSKRSFKNLLGNPQASIAQII
VTVVLGLVIGAIYFGLKNDSTGIQNRAGVLFFLTTNQCFSSVSAVELFVVEKKLFIHEYISGYYRVSSYFLGKLLSDLLP
MRMLPSIIFTCIVYFMLGLKPKADAFFVMMFTLMMVAYSASSMALAIAAGQSVVSVATLLMTICFVFMMIFSGLLVNLTT
IASWLSWLQYFSIPRYGFTALQHNEFLGQNFCPGLNATGNNPCNYATCTGEEYLVKQGIDLSPWGLWKNHVALACMIVIF
LTIAYLKLLFLKKYS
;
A,B
2 'polypeptide(L)'
;DIVLTQSPSSFSVSLGDRVTISCKASGYILNRLAWYQQKPGNAPRLLISGATSLETGFPSRFSGTGSGKDYTLSISSLQT
EDVGTYYCQQYWSTPWTFGGGTKLEIRRADAAPTVSIFPPSSEQLTSGGASVVCFLNNFYPKDINVKWKIDGSERQNGVL
NSWTDQDSKDSTYSMSSTLTLTKDEYERHNSYTCEATHKTSTSPIVKSFNRNEC
;
C,E
3 'polypeptide(L)'
;QVQLQESGPGLVKPSQSLSLTCTVTGFSITSDYAWNWIRQFPGKKLEWMGYINFDGGTTYNPSLRGRISITRDTSKNQFF
LQLRSVTPEDTATYYCATFYGAKGTLDYWGQGTSVTVSSAKTTPPSVYPLAPVCGDTSGSSVTLGCLVKGYFPEPVTLTW
NSGSLSSGVHTFPAVLQSDLYTLSSSVTVTSSTWPSQSITCNVAHPASSTKVDKKIEPRGP
;
D,F
#
# COMPACT_ATOMS: atom_id res chain seq x y z
N ALA A 35 15.91 -16.08 -53.90
CA ALA A 35 15.93 -15.12 -52.81
C ALA A 35 16.99 -15.48 -51.79
N VAL A 36 18.23 -15.61 -52.25
CA VAL A 36 19.30 -16.13 -51.39
C VAL A 36 19.71 -15.11 -50.35
N LEU A 37 20.31 -15.61 -49.27
CA LEU A 37 20.76 -14.78 -48.15
C LEU A 37 22.16 -15.18 -47.72
N SER A 38 23.07 -15.25 -48.68
CA SER A 38 24.44 -15.66 -48.38
C SER A 38 25.06 -14.78 -47.30
N PHE A 39 25.27 -15.36 -46.13
CA PHE A 39 26.02 -14.71 -45.07
C PHE A 39 27.44 -15.25 -45.06
N HIS A 40 28.33 -14.55 -44.34
CA HIS A 40 29.77 -14.83 -44.44
C HIS A 40 30.48 -14.26 -43.22
N ASN A 41 31.04 -15.15 -42.40
CA ASN A 41 31.92 -14.77 -41.29
C ASN A 41 31.24 -13.83 -40.28
N ILE A 42 30.21 -14.36 -39.62
CA ILE A 42 29.49 -13.60 -38.61
C ILE A 42 30.25 -13.81 -37.30
N CYS A 43 31.24 -12.95 -37.08
CA CYS A 43 32.00 -12.97 -35.82
C CYS A 43 31.41 -11.91 -34.89
N TYR A 44 30.35 -12.31 -34.20
CA TYR A 44 29.68 -11.40 -33.28
C TYR A 44 30.35 -11.44 -31.92
N ARG A 45 30.55 -10.26 -31.34
CA ARG A 45 31.13 -10.14 -30.01
C ARG A 45 30.31 -9.16 -29.18
N VAL A 46 29.68 -9.67 -28.14
CA VAL A 46 28.86 -8.83 -27.27
C VAL A 46 29.74 -7.99 -26.36
N LYS A 61 34.39 -11.22 -25.63
CA LYS A 61 33.05 -11.71 -25.29
C LYS A 61 32.29 -12.14 -26.53
N GLU A 62 32.70 -13.26 -27.14
CA GLU A 62 32.03 -13.73 -28.34
C GLU A 62 30.66 -14.28 -27.99
N ILE A 63 29.87 -14.59 -29.02
CA ILE A 63 28.85 -15.62 -28.90
C ILE A 63 28.83 -16.48 -30.16
N LEU A 64 29.65 -16.13 -31.15
CA LEU A 64 29.68 -16.84 -32.42
C LEU A 64 31.11 -16.86 -32.94
N SER A 65 31.30 -17.52 -34.08
CA SER A 65 32.61 -17.66 -34.71
C SER A 65 32.44 -17.48 -36.21
N ASN A 66 33.49 -17.79 -36.97
CA ASN A 66 33.49 -17.55 -38.42
C ASN A 66 32.56 -18.55 -39.11
N ILE A 67 31.26 -18.27 -38.97
CA ILE A 67 30.22 -19.04 -39.64
C ILE A 67 30.23 -18.72 -41.12
N ASN A 68 29.87 -19.70 -41.95
CA ASN A 68 29.68 -19.49 -43.38
C ASN A 68 28.32 -20.04 -43.78
N GLY A 69 28.09 -20.11 -45.08
CA GLY A 69 26.96 -20.82 -45.64
C GLY A 69 25.87 -19.87 -46.09
N ILE A 70 25.13 -20.32 -47.12
CA ILE A 70 24.05 -19.55 -47.70
C ILE A 70 22.74 -20.30 -47.47
N MET A 71 21.64 -19.56 -47.58
CA MET A 71 20.31 -20.08 -47.28
C MET A 71 19.40 -19.82 -48.47
N LYS A 72 19.45 -20.73 -49.44
CA LYS A 72 18.68 -20.60 -50.67
C LYS A 72 17.19 -20.71 -50.38
N PRO A 73 16.34 -20.44 -51.37
CA PRO A 73 14.89 -20.57 -51.16
C PRO A 73 14.51 -21.99 -50.79
N GLY A 74 13.32 -22.10 -50.19
CA GLY A 74 12.84 -23.39 -49.72
C GLY A 74 12.35 -23.31 -48.30
N LEU A 75 12.99 -24.02 -47.38
CA LEU A 75 12.64 -23.90 -45.98
C LEU A 75 13.90 -24.23 -45.16
N ASN A 76 14.70 -23.21 -44.89
CA ASN A 76 15.96 -23.40 -44.18
C ASN A 76 15.72 -23.50 -42.68
N ALA A 77 16.61 -24.23 -42.00
CA ALA A 77 16.40 -24.53 -40.59
C ALA A 77 17.65 -24.24 -39.79
N ILE A 78 17.49 -24.11 -38.48
CA ILE A 78 18.59 -23.88 -37.55
C ILE A 78 18.36 -24.82 -36.38
N LEU A 79 19.00 -25.99 -36.37
CA LEU A 79 18.65 -27.00 -35.36
C LEU A 79 19.22 -26.65 -34.00
N GLY A 80 20.53 -26.75 -33.84
CA GLY A 80 21.24 -26.33 -32.65
C GLY A 80 20.80 -26.98 -31.35
N PRO A 81 21.53 -26.71 -30.28
CA PRO A 81 21.07 -27.09 -28.94
C PRO A 81 20.09 -26.06 -28.42
N THR A 82 19.73 -26.16 -27.14
CA THR A 82 18.75 -25.24 -26.56
C THR A 82 19.18 -23.79 -26.73
N GLY A 83 20.39 -23.43 -26.31
CA GLY A 83 20.79 -22.05 -26.35
C GLY A 83 22.23 -21.79 -26.74
N GLY A 84 22.82 -22.67 -27.54
CA GLY A 84 24.22 -22.51 -27.88
C GLY A 84 24.48 -21.28 -28.74
N GLY A 85 24.11 -21.35 -30.00
CA GLY A 85 24.25 -20.20 -30.87
C GLY A 85 23.06 -20.04 -31.79
N LYS A 86 22.13 -21.00 -31.70
CA LYS A 86 21.04 -21.09 -32.65
C LYS A 86 20.19 -19.82 -32.67
N SER A 87 19.55 -19.51 -31.54
CA SER A 87 18.71 -18.32 -31.49
C SER A 87 19.53 -17.07 -31.72
N SER A 88 20.77 -17.04 -31.23
CA SER A 88 21.60 -15.86 -31.44
C SER A 88 21.94 -15.67 -32.91
N LEU A 89 22.21 -16.76 -33.63
CA LEU A 89 22.49 -16.62 -35.05
C LEU A 89 21.26 -16.15 -35.80
N LEU A 90 20.09 -16.70 -35.46
CA LEU A 90 18.89 -16.24 -36.14
C LEU A 90 18.56 -14.78 -35.81
N ASP A 91 18.98 -14.30 -34.64
CA ASP A 91 18.78 -12.89 -34.35
C ASP A 91 19.75 -12.03 -35.15
N VAL A 92 21.04 -12.37 -35.13
CA VAL A 92 22.02 -11.54 -35.82
C VAL A 92 21.76 -11.55 -37.31
N LEU A 93 21.22 -12.63 -37.84
CA LEU A 93 20.98 -12.71 -39.28
C LEU A 93 19.71 -11.99 -39.70
N ALA A 94 18.85 -11.65 -38.75
CA ALA A 94 17.60 -10.96 -39.04
C ALA A 94 17.66 -9.47 -38.75
N ALA A 95 18.86 -8.89 -38.69
CA ALA A 95 19.05 -7.47 -38.38
C ALA A 95 18.37 -7.12 -37.07
N ARG A 96 18.63 -7.91 -36.02
CA ARG A 96 18.02 -7.69 -34.72
C ARG A 96 19.03 -7.47 -33.61
N LYS A 97 20.33 -7.49 -33.91
CA LYS A 97 21.37 -7.20 -32.94
C LYS A 97 22.11 -5.94 -33.35
N ASP A 98 22.53 -5.15 -32.38
CA ASP A 98 23.21 -3.91 -32.70
C ASP A 98 24.50 -4.22 -33.45
N PRO A 99 24.75 -3.57 -34.59
CA PRO A 99 25.85 -4.01 -35.47
C PRO A 99 27.22 -3.87 -34.85
N SER A 100 27.38 -3.09 -33.79
CA SER A 100 28.71 -2.88 -33.22
C SER A 100 29.34 -4.18 -32.74
N GLY A 101 28.52 -5.19 -32.42
CA GLY A 101 29.04 -6.49 -32.04
C GLY A 101 29.32 -7.38 -33.23
N LEU A 102 28.55 -7.22 -34.31
CA LEU A 102 28.81 -7.95 -35.54
C LEU A 102 30.05 -7.40 -36.22
N SER A 103 30.94 -8.29 -36.64
CA SER A 103 32.17 -7.91 -37.32
C SER A 103 32.34 -8.74 -38.59
N GLY A 104 31.28 -8.85 -39.38
CA GLY A 104 31.38 -9.54 -40.65
C GLY A 104 30.43 -8.99 -41.69
N ASP A 105 30.33 -9.64 -42.84
CA ASP A 105 29.45 -9.17 -43.90
C ASP A 105 28.35 -10.18 -44.15
N VAL A 106 27.15 -9.68 -44.38
CA VAL A 106 26.04 -10.49 -44.86
C VAL A 106 25.62 -9.93 -46.22
N LEU A 107 24.83 -10.69 -46.94
CA LEU A 107 24.41 -10.30 -48.28
C LEU A 107 22.94 -10.63 -48.45
N ILE A 108 22.32 -10.03 -49.45
CA ILE A 108 20.94 -10.29 -49.80
C ILE A 108 20.89 -10.35 -51.31
N ASN A 109 20.94 -11.54 -51.88
CA ASN A 109 20.90 -11.74 -53.32
C ASN A 109 22.04 -11.01 -54.04
N GLY A 110 23.01 -10.49 -53.28
CA GLY A 110 24.14 -9.77 -53.85
C GLY A 110 24.24 -8.31 -53.47
N ALA A 111 23.39 -7.81 -52.59
CA ALA A 111 23.42 -6.41 -52.19
C ALA A 111 23.45 -6.28 -50.67
N PRO A 112 24.48 -5.65 -50.11
CA PRO A 112 24.73 -5.73 -48.65
C PRO A 112 23.80 -4.92 -47.75
N ARG A 113 22.66 -5.53 -47.41
CA ARG A 113 21.76 -5.03 -46.39
C ARG A 113 21.22 -3.63 -46.70
N PRO A 114 20.31 -3.50 -47.66
CA PRO A 114 19.71 -2.19 -47.93
C PRO A 114 19.11 -1.58 -46.66
N ALA A 115 19.02 -0.25 -46.67
CA ALA A 115 18.56 0.46 -45.47
C ALA A 115 17.16 0.02 -45.06
N ASN A 116 16.21 0.04 -45.99
CA ASN A 116 14.85 -0.40 -45.70
C ASN A 116 14.75 -1.93 -45.74
N PHE A 117 15.62 -2.59 -45.00
CA PHE A 117 15.66 -4.05 -45.01
C PHE A 117 14.46 -4.64 -44.28
N LYS A 118 14.29 -4.27 -43.02
CA LYS A 118 13.15 -4.76 -42.26
C LYS A 118 11.83 -4.35 -42.89
N CYS A 119 11.85 -3.33 -43.73
CA CYS A 119 10.65 -2.96 -44.48
C CYS A 119 10.24 -4.07 -45.44
N ASN A 120 11.16 -4.97 -45.77
CA ASN A 120 10.88 -6.08 -46.67
C ASN A 120 11.30 -7.41 -46.07
N SER A 121 11.15 -7.56 -44.77
CA SER A 121 11.52 -8.79 -44.08
C SER A 121 10.65 -8.93 -42.85
N GLY A 122 9.89 -9.98 -42.78
CA GLY A 122 9.17 -10.28 -41.57
C GLY A 122 10.01 -11.09 -40.63
N TYR A 123 9.66 -11.04 -39.36
CA TYR A 123 10.35 -11.84 -38.35
C TYR A 123 9.37 -12.06 -37.23
N VAL A 124 8.78 -13.24 -37.15
CA VAL A 124 7.71 -13.50 -36.22
C VAL A 124 8.32 -14.00 -34.92
N VAL A 125 7.96 -13.36 -33.81
CA VAL A 125 8.58 -13.69 -32.54
C VAL A 125 8.13 -15.07 -32.08
N GLN A 126 8.95 -15.69 -31.22
CA GLN A 126 8.62 -17.02 -30.74
C GLN A 126 7.33 -17.03 -29.93
N ASP A 127 7.32 -16.33 -28.81
CA ASP A 127 6.12 -16.24 -27.99
C ASP A 127 5.13 -15.33 -28.70
N ASP A 128 3.85 -15.45 -28.34
CA ASP A 128 2.85 -14.63 -28.98
C ASP A 128 3.12 -13.15 -28.76
N VAL A 129 2.81 -12.35 -29.77
CA VAL A 129 2.83 -10.90 -29.64
C VAL A 129 1.51 -10.27 -30.05
N VAL A 130 0.60 -11.03 -30.66
CA VAL A 130 -0.65 -10.47 -31.11
C VAL A 130 -1.47 -10.02 -29.92
N MET A 131 -2.22 -8.93 -30.10
CA MET A 131 -3.09 -8.43 -29.04
C MET A 131 -4.28 -9.37 -28.94
N GLY A 132 -4.39 -10.07 -27.81
CA GLY A 132 -5.44 -11.04 -27.67
C GLY A 132 -6.83 -10.43 -27.60
N THR A 133 -6.94 -9.24 -26.99
CA THR A 133 -8.25 -8.65 -26.84
C THR A 133 -8.87 -8.29 -28.18
N LEU A 134 -8.07 -7.82 -29.13
CA LEU A 134 -8.59 -7.55 -30.45
C LEU A 134 -8.95 -8.85 -31.15
N THR A 135 -9.58 -8.71 -32.30
CA THR A 135 -9.99 -9.85 -33.11
C THR A 135 -9.13 -9.94 -34.36
N VAL A 136 -9.05 -11.17 -34.90
CA VAL A 136 -8.02 -11.48 -35.89
C VAL A 136 -8.06 -10.50 -37.05
N ARG A 137 -9.24 -10.24 -37.61
CA ARG A 137 -9.30 -9.37 -38.77
C ARG A 137 -8.79 -7.97 -38.44
N GLU A 138 -9.07 -7.50 -37.22
CA GLU A 138 -8.62 -6.17 -36.86
C GLU A 138 -7.14 -6.15 -36.50
N ASN A 139 -6.60 -7.27 -36.01
CA ASN A 139 -5.15 -7.36 -35.84
C ASN A 139 -4.43 -7.30 -37.18
N LEU A 140 -4.94 -8.03 -38.17
CA LEU A 140 -4.35 -7.97 -39.49
C LEU A 140 -4.43 -6.55 -40.06
N GLN A 141 -5.60 -5.91 -39.93
CA GLN A 141 -5.68 -4.50 -40.33
C GLN A 141 -4.70 -3.61 -39.61
N PHE A 142 -4.53 -3.80 -38.30
CA PHE A 142 -3.62 -2.90 -37.59
C PHE A 142 -2.19 -3.10 -38.06
N SER A 143 -1.82 -4.34 -38.36
CA SER A 143 -0.51 -4.58 -38.96
C SER A 143 -0.42 -4.00 -40.35
N ALA A 144 -1.53 -3.90 -41.07
CA ALA A 144 -1.47 -3.39 -42.42
C ALA A 144 -1.52 -1.88 -42.49
N ALA A 145 -2.08 -1.21 -41.49
CA ALA A 145 -2.28 0.23 -41.59
C ALA A 145 -1.04 1.01 -41.23
N LEU A 146 -0.10 0.39 -40.55
CA LEU A 146 1.10 1.10 -40.08
C LEU A 146 2.33 0.81 -40.91
N ARG A 147 2.46 -0.39 -41.49
CA ARG A 147 3.74 -0.75 -42.06
C ARG A 147 3.77 -0.73 -43.58
N LEU A 148 2.65 -0.89 -44.27
CA LEU A 148 2.66 -0.82 -45.72
C LEU A 148 2.23 0.55 -46.17
N ALA A 149 2.70 0.95 -47.35
CA ALA A 149 2.56 2.34 -47.80
C ALA A 149 1.11 2.76 -47.90
N THR A 150 0.81 3.92 -47.35
CA THR A 150 -0.55 4.45 -47.33
C THR A 150 -0.86 5.31 -48.55
N THR A 151 -0.17 5.10 -49.66
CA THR A 151 -0.58 5.72 -50.92
C THR A 151 -1.76 4.99 -51.54
N MET A 152 -1.84 3.68 -51.35
CA MET A 152 -2.97 2.90 -51.85
C MET A 152 -4.17 3.15 -50.95
N THR A 153 -5.36 2.78 -51.43
CA THR A 153 -6.59 3.05 -50.69
C THR A 153 -6.92 1.87 -49.78
N ASN A 154 -7.92 2.08 -48.92
CA ASN A 154 -8.30 1.04 -47.95
C ASN A 154 -8.86 -0.18 -48.65
N HIS A 155 -9.27 -0.01 -49.92
CA HIS A 155 -9.98 -1.06 -50.64
C HIS A 155 -9.05 -2.24 -50.94
N GLU A 156 -7.98 -1.96 -51.67
CA GLU A 156 -6.98 -2.99 -51.97
C GLU A 156 -6.33 -3.51 -50.70
N LYS A 157 -6.35 -2.73 -49.64
CA LYS A 157 -5.84 -3.22 -48.38
C LYS A 157 -6.70 -4.34 -47.83
N ASN A 158 -8.01 -4.12 -47.70
CA ASN A 158 -8.88 -5.24 -47.33
C ASN A 158 -8.80 -6.40 -48.33
N GLU A 159 -8.58 -6.10 -49.61
CA GLU A 159 -8.43 -7.17 -50.60
C GLU A 159 -7.22 -8.05 -50.26
N ARG A 160 -6.08 -7.42 -50.00
CA ARG A 160 -4.89 -8.17 -49.58
C ARG A 160 -5.14 -8.91 -48.28
N ILE A 161 -5.97 -8.35 -47.39
CA ILE A 161 -6.24 -9.04 -46.14
C ILE A 161 -6.97 -10.35 -46.41
N ASN A 162 -8.01 -10.32 -47.25
CA ASN A 162 -8.64 -11.59 -47.61
C ASN A 162 -7.69 -12.52 -48.35
N ARG A 163 -6.82 -11.96 -49.19
CA ARG A 163 -5.85 -12.80 -49.89
C ARG A 163 -4.97 -13.54 -48.89
N VAL A 164 -4.55 -12.85 -47.83
CA VAL A 164 -3.70 -13.47 -46.83
C VAL A 164 -4.48 -14.50 -46.02
N ILE A 165 -5.70 -14.18 -45.61
CA ILE A 165 -6.45 -15.10 -44.77
C ILE A 165 -6.93 -16.33 -45.54
N GLN A 166 -6.90 -16.31 -46.87
CA GLN A 166 -7.00 -17.57 -47.60
C GLN A 166 -5.66 -18.27 -47.85
N GLU A 167 -4.60 -17.54 -48.21
CA GLU A 167 -3.32 -18.20 -48.38
C GLU A 167 -2.80 -18.77 -47.06
N LEU A 168 -3.42 -18.38 -45.95
CA LEU A 168 -3.16 -18.85 -44.60
C LEU A 168 -4.55 -19.15 -44.04
N GLY A 169 -5.01 -20.38 -44.21
CA GLY A 169 -6.42 -20.68 -44.00
C GLY A 169 -6.94 -20.29 -42.64
N LEU A 170 -7.71 -19.21 -42.58
CA LEU A 170 -8.28 -18.79 -41.31
C LEU A 170 -9.68 -18.19 -41.41
N ASP A 171 -10.31 -18.16 -42.60
CA ASP A 171 -11.71 -17.75 -42.68
C ASP A 171 -12.59 -18.65 -41.82
N LYS A 172 -12.03 -19.78 -41.39
CA LYS A 172 -12.52 -20.50 -40.22
C LYS A 172 -12.99 -19.53 -39.14
N VAL A 173 -12.11 -18.63 -38.70
CA VAL A 173 -12.34 -17.79 -37.53
C VAL A 173 -12.01 -16.33 -37.80
N ALA A 174 -12.22 -15.88 -39.04
CA ALA A 174 -11.72 -14.59 -39.49
C ALA A 174 -12.32 -13.40 -38.72
N ASP A 175 -13.16 -13.64 -37.73
CA ASP A 175 -13.59 -12.58 -36.83
C ASP A 175 -13.66 -12.99 -35.38
N SER A 176 -13.21 -14.20 -35.03
CA SER A 176 -13.25 -14.63 -33.65
C SER A 176 -12.29 -13.81 -32.80
N LYS A 177 -12.50 -13.87 -31.50
CA LYS A 177 -11.60 -13.22 -30.57
C LYS A 177 -10.47 -14.17 -30.21
N VAL A 178 -9.30 -13.60 -29.97
CA VAL A 178 -8.12 -14.34 -29.62
C VAL A 178 -7.95 -14.43 -28.10
N GLY A 179 -8.00 -13.28 -27.43
CA GLY A 179 -8.10 -13.27 -25.98
C GLY A 179 -6.83 -13.61 -25.23
N THR A 180 -6.69 -13.03 -24.03
CA THR A 180 -5.52 -13.26 -23.19
C THR A 180 -5.87 -13.96 -21.89
N GLN A 181 -6.71 -13.34 -21.07
CA GLN A 181 -6.96 -13.77 -19.70
C GLN A 181 -8.39 -14.22 -19.47
N PHE A 182 -9.33 -13.35 -19.79
CA PHE A 182 -10.72 -13.49 -19.40
C PHE A 182 -11.62 -14.00 -20.52
N ILE A 183 -11.07 -14.16 -21.71
CA ILE A 183 -11.82 -14.77 -22.82
C ILE A 183 -10.79 -15.39 -23.75
N ARG A 184 -11.09 -16.58 -24.25
CA ARG A 184 -10.06 -17.34 -24.96
C ARG A 184 -10.62 -17.98 -26.23
N GLY A 185 -11.28 -17.19 -27.06
CA GLY A 185 -11.94 -17.69 -28.27
C GLY A 185 -11.20 -18.74 -29.08
N VAL A 186 -10.02 -18.43 -29.60
CA VAL A 186 -9.25 -19.37 -30.39
C VAL A 186 -8.10 -19.90 -29.56
N SER A 187 -7.45 -20.93 -30.08
CA SER A 187 -6.37 -21.62 -29.40
C SER A 187 -5.03 -21.29 -30.03
N GLY A 188 -3.97 -21.90 -29.51
CA GLY A 188 -2.64 -21.61 -30.01
C GLY A 188 -2.47 -21.92 -31.48
N GLY A 189 -3.15 -22.95 -31.96
CA GLY A 189 -3.03 -23.32 -33.36
C GLY A 189 -3.39 -22.20 -34.31
N GLU A 190 -4.33 -21.34 -33.93
CA GLU A 190 -4.64 -20.15 -34.72
C GLU A 190 -3.88 -18.92 -34.25
N ARG A 191 -3.43 -18.91 -33.00
CA ARG A 191 -2.63 -17.79 -32.51
C ARG A 191 -1.32 -17.69 -33.27
N LYS A 192 -0.60 -18.81 -33.39
CA LYS A 192 0.64 -18.78 -34.16
C LYS A 192 0.36 -18.53 -35.64
N ARG A 193 -0.78 -18.98 -36.13
CA ARG A 193 -1.11 -18.74 -37.53
C ARG A 193 -1.32 -17.26 -37.81
N THR A 194 -2.06 -16.58 -36.93
CA THR A 194 -2.25 -15.15 -37.14
C THR A 194 -0.97 -14.38 -36.86
N SER A 195 -0.09 -14.90 -35.99
CA SER A 195 1.19 -14.25 -35.81
C SER A 195 2.05 -14.38 -37.06
N ILE A 196 1.96 -15.53 -37.73
CA ILE A 196 2.68 -15.70 -38.99
C ILE A 196 2.11 -14.78 -40.06
N GLY A 197 0.80 -14.61 -40.05
CA GLY A 197 0.19 -13.73 -41.03
C GLY A 197 0.49 -12.27 -40.80
N MET A 198 0.50 -11.84 -39.54
CA MET A 198 0.60 -10.43 -39.18
C MET A 198 1.75 -9.74 -39.89
N GLU A 199 2.74 -10.50 -40.36
CA GLU A 199 3.86 -9.93 -41.09
C GLU A 199 3.88 -10.36 -42.55
N LEU A 200 2.78 -10.93 -43.04
CA LEU A 200 2.67 -11.31 -44.44
C LEU A 200 1.81 -10.36 -45.27
N ILE A 201 1.33 -9.26 -44.69
CA ILE A 201 0.63 -8.28 -45.52
C ILE A 201 1.61 -7.49 -46.36
N THR A 202 2.75 -7.13 -45.79
CA THR A 202 3.77 -6.46 -46.57
C THR A 202 4.39 -7.34 -47.66
N ASP A 203 4.28 -8.66 -47.53
CA ASP A 203 4.81 -9.63 -48.48
C ASP A 203 6.31 -9.51 -48.63
N PRO A 204 7.09 -9.88 -47.62
CA PRO A 204 8.55 -9.91 -47.78
C PRO A 204 8.99 -11.22 -48.41
N SER A 205 10.16 -11.17 -49.07
CA SER A 205 10.69 -12.36 -49.70
C SER A 205 11.57 -13.17 -48.75
N ILE A 206 11.84 -12.67 -47.56
CA ILE A 206 12.65 -13.35 -46.56
C ILE A 206 11.86 -13.36 -45.26
N LEU A 207 11.15 -14.44 -45.00
CA LEU A 207 10.27 -14.52 -43.84
C LEU A 207 11.03 -15.15 -42.69
N PHE A 208 11.84 -14.34 -42.01
CA PHE A 208 12.51 -14.80 -40.80
C PHE A 208 11.48 -15.29 -39.79
N LEU A 209 11.92 -16.18 -38.91
CA LEU A 209 11.00 -16.94 -38.09
C LEU A 209 11.78 -17.64 -37.01
N ASP A 210 11.45 -17.51 -35.72
CA ASP A 210 12.21 -18.19 -34.69
C ASP A 210 11.34 -19.10 -33.85
N GLU A 211 11.79 -20.35 -33.67
CA GLU A 211 11.08 -21.36 -32.91
C GLU A 211 9.58 -21.35 -33.15
N PRO A 212 9.14 -21.71 -34.35
CA PRO A 212 7.70 -21.73 -34.61
C PRO A 212 6.98 -22.64 -33.65
N THR A 213 7.47 -23.86 -33.48
CA THR A 213 6.79 -24.85 -32.64
C THR A 213 7.56 -25.02 -31.33
N THR A 214 7.24 -24.16 -30.37
CA THR A 214 7.60 -24.35 -28.98
C THR A 214 6.40 -23.95 -28.17
N GLY A 215 5.66 -24.94 -27.66
CA GLY A 215 4.37 -24.70 -27.06
C GLY A 215 3.20 -25.27 -27.83
N LEU A 216 3.43 -25.81 -29.01
CA LEU A 216 2.42 -26.55 -29.75
C LEU A 216 2.83 -28.01 -29.85
N ASP A 217 1.90 -28.90 -29.53
CA ASP A 217 2.16 -30.32 -29.70
C ASP A 217 1.57 -30.82 -31.03
N SER A 218 1.64 -32.14 -31.21
CA SER A 218 1.88 -32.72 -32.53
C SER A 218 0.89 -32.26 -33.60
N SER A 219 -0.40 -32.20 -33.29
CA SER A 219 -1.38 -31.98 -34.36
C SER A 219 -1.21 -30.61 -35.00
N THR A 220 -1.43 -29.55 -34.23
CA THR A 220 -1.26 -28.21 -34.79
C THR A 220 0.18 -27.96 -35.21
N ALA A 221 1.13 -28.66 -34.59
CA ALA A 221 2.52 -28.54 -34.99
C ALA A 221 2.70 -28.95 -36.44
N ASN A 222 2.29 -30.18 -36.77
CA ASN A 222 2.34 -30.63 -38.15
C ASN A 222 1.52 -29.73 -39.05
N ALA A 223 0.43 -29.18 -38.52
CA ALA A 223 -0.38 -28.26 -39.33
C ALA A 223 0.45 -27.06 -39.76
N VAL A 224 1.04 -26.34 -38.81
CA VAL A 224 1.78 -25.13 -39.15
C VAL A 224 3.03 -25.46 -39.96
N LEU A 225 3.68 -26.60 -39.68
CA LEU A 225 4.88 -26.93 -40.44
C LEU A 225 4.58 -27.25 -41.88
N LEU A 226 3.54 -28.05 -42.14
CA LEU A 226 3.13 -28.28 -43.51
C LEU A 226 2.65 -26.98 -44.15
N LEU A 227 2.04 -26.09 -43.37
CA LEU A 227 1.66 -24.80 -43.92
C LEU A 227 2.89 -24.04 -44.39
N LEU A 228 3.95 -24.04 -43.58
CA LEU A 228 5.20 -23.42 -44.00
C LEU A 228 5.70 -24.06 -45.28
N LYS A 229 5.74 -25.40 -45.31
CA LYS A 229 6.19 -26.12 -46.49
C LYS A 229 5.43 -25.67 -47.73
N ARG A 230 4.12 -25.54 -47.61
CA ARG A 230 3.30 -25.20 -48.76
C ARG A 230 3.56 -23.76 -49.20
N MET A 231 3.30 -22.80 -48.32
CA MET A 231 3.43 -21.40 -48.70
C MET A 231 4.88 -20.98 -48.87
N SER A 232 5.83 -21.91 -48.77
CA SER A 232 7.22 -21.59 -49.07
C SER A 232 7.41 -21.24 -50.54
N LYS A 233 7.22 -22.21 -51.43
CA LYS A 233 7.53 -21.97 -52.84
C LYS A 233 6.45 -21.30 -53.62
N GLN A 234 5.75 -20.36 -53.02
CA GLN A 234 5.43 -19.14 -53.73
C GLN A 234 6.62 -18.18 -53.77
N GLY A 235 7.81 -18.68 -53.42
CA GLY A 235 9.03 -17.90 -53.47
C GLY A 235 9.36 -17.18 -52.18
N ARG A 236 9.45 -17.91 -51.07
CA ARG A 236 9.62 -17.29 -49.76
C ARG A 236 10.63 -18.11 -48.97
N THR A 237 11.73 -17.47 -48.57
CA THR A 237 12.89 -18.18 -48.02
C THR A 237 12.83 -18.16 -46.49
N ILE A 238 11.91 -18.95 -45.94
CA ILE A 238 11.77 -19.05 -44.50
C ILE A 238 13.10 -19.49 -43.89
N ILE A 239 13.41 -18.96 -42.71
CA ILE A 239 14.62 -19.34 -41.98
C ILE A 239 14.26 -19.46 -40.51
N PHE A 240 14.03 -20.68 -40.03
CA PHE A 240 13.47 -20.86 -38.71
C PHE A 240 14.33 -21.79 -37.88
N SER A 241 14.39 -21.50 -36.58
CA SER A 241 15.24 -22.20 -35.64
C SER A 241 14.35 -23.08 -34.77
N ILE A 242 14.19 -24.34 -35.18
CA ILE A 242 13.29 -25.27 -34.49
C ILE A 242 13.99 -25.91 -33.31
N HIS A 243 13.22 -26.47 -32.37
CA HIS A 243 13.75 -26.96 -31.10
C HIS A 243 13.40 -28.43 -30.94
N GLN A 244 14.33 -29.32 -31.29
CA GLN A 244 14.14 -30.77 -31.28
C GLN A 244 12.91 -31.18 -32.07
N PRO A 245 12.98 -31.15 -33.39
CA PRO A 245 11.84 -31.55 -34.20
C PRO A 245 11.71 -33.07 -34.24
N ARG A 246 10.67 -33.52 -34.93
CA ARG A 246 10.38 -34.92 -35.20
C ARG A 246 10.94 -35.30 -36.56
N TYR A 247 10.76 -36.56 -36.93
CA TYR A 247 11.15 -36.96 -38.28
C TYR A 247 10.04 -36.70 -39.28
N SER A 248 8.79 -36.69 -38.84
CA SER A 248 7.68 -36.47 -39.77
C SER A 248 7.74 -35.07 -40.38
N ILE A 249 8.28 -34.11 -39.63
CA ILE A 249 8.52 -32.77 -40.17
C ILE A 249 9.93 -32.61 -40.71
N PHE A 250 10.80 -33.59 -40.51
CA PHE A 250 12.15 -33.61 -41.06
C PHE A 250 12.16 -33.92 -42.54
N LYS A 251 11.00 -34.05 -43.17
CA LYS A 251 10.93 -34.42 -44.59
C LYS A 251 11.71 -33.44 -45.44
N LEU A 252 11.23 -32.20 -45.50
CA LEU A 252 11.65 -31.23 -46.50
C LEU A 252 12.28 -30.04 -45.77
N PHE A 253 13.60 -29.95 -45.82
CA PHE A 253 14.30 -28.80 -45.29
C PHE A 253 15.21 -28.11 -46.28
N ASP A 254 15.88 -28.83 -47.18
CA ASP A 254 16.80 -28.21 -48.14
C ASP A 254 18.02 -27.59 -47.47
N SER A 255 18.05 -27.54 -46.14
CA SER A 255 19.10 -26.85 -45.43
C SER A 255 18.91 -27.08 -43.94
N LEU A 256 20.02 -27.03 -43.20
CA LEU A 256 19.98 -27.06 -41.75
C LEU A 256 21.38 -26.73 -41.23
N THR A 257 21.41 -25.94 -40.18
CA THR A 257 22.66 -25.40 -39.66
C THR A 257 22.86 -25.95 -38.26
N LEU A 258 23.52 -27.10 -38.17
CA LEU A 258 23.79 -27.70 -36.87
C LEU A 258 24.88 -26.88 -36.20
N LEU A 259 24.48 -25.97 -35.33
CA LEU A 259 25.41 -25.02 -34.74
C LEU A 259 25.28 -25.09 -33.23
N ALA A 260 26.41 -25.25 -32.54
CA ALA A 260 26.45 -25.39 -31.10
C ALA A 260 27.77 -24.85 -30.57
N SER A 261 27.72 -24.30 -29.36
CA SER A 261 28.90 -23.74 -28.70
C SER A 261 29.52 -22.62 -29.52
N GLY A 262 28.67 -21.74 -30.07
CA GLY A 262 29.16 -20.62 -30.84
C GLY A 262 29.97 -20.97 -32.06
N ARG A 263 29.84 -22.19 -32.59
CA ARG A 263 30.60 -22.59 -33.77
C ARG A 263 29.76 -23.50 -34.65
N LEU A 264 29.79 -23.23 -35.95
CA LEU A 264 29.04 -24.01 -36.92
C LEU A 264 29.60 -25.41 -37.02
N MET A 265 28.71 -26.38 -37.29
CA MET A 265 29.14 -27.76 -37.43
C MET A 265 28.54 -28.51 -38.60
N PHE A 266 27.53 -27.97 -39.28
CA PHE A 266 27.09 -28.54 -40.54
C PHE A 266 26.17 -27.58 -41.26
N HIS A 267 26.39 -27.37 -42.55
CA HIS A 267 25.51 -26.53 -43.36
C HIS A 267 25.25 -27.16 -44.73
N GLY A 268 24.86 -28.42 -44.76
CA GLY A 268 24.46 -29.02 -46.02
C GLY A 268 22.96 -29.02 -46.18
N PRO A 269 22.46 -29.66 -47.23
CA PRO A 269 21.02 -29.88 -47.37
C PRO A 269 20.49 -30.83 -46.29
N ALA A 270 19.18 -31.10 -46.38
CA ALA A 270 18.55 -31.95 -45.38
C ALA A 270 18.95 -33.41 -45.51
N GLN A 271 19.11 -33.88 -46.74
CA GLN A 271 19.42 -35.28 -46.98
C GLN A 271 20.91 -35.56 -46.93
N GLU A 272 21.67 -34.75 -46.19
CA GLU A 272 23.13 -34.87 -46.15
C GLU A 272 23.70 -34.99 -44.74
N ALA A 273 23.06 -34.40 -43.73
CA ALA A 273 23.52 -34.59 -42.36
C ALA A 273 23.57 -36.08 -42.00
N LEU A 274 22.57 -36.84 -42.47
CA LEU A 274 22.63 -38.29 -42.37
C LEU A 274 23.92 -38.83 -42.96
N GLY A 275 24.24 -38.46 -44.21
CA GLY A 275 25.45 -38.96 -44.84
C GLY A 275 26.72 -38.40 -44.24
N TYR A 276 26.69 -37.13 -43.84
CA TYR A 276 27.87 -36.53 -43.21
C TYR A 276 28.22 -37.27 -41.94
N PHE A 277 27.24 -37.56 -41.10
CA PHE A 277 27.54 -38.28 -39.88
C PHE A 277 27.78 -39.77 -40.12
N GLU A 278 27.27 -40.34 -41.22
CA GLU A 278 27.74 -41.64 -41.66
C GLU A 278 29.24 -41.63 -41.87
N SER A 279 29.72 -40.72 -42.73
CA SER A 279 31.16 -40.60 -42.96
C SER A 279 31.90 -40.17 -41.69
N ALA A 280 31.19 -39.61 -40.71
CA ALA A 280 31.81 -39.28 -39.44
C ALA A 280 32.05 -40.52 -38.58
N GLY A 281 31.31 -41.59 -38.80
CA GLY A 281 31.53 -42.83 -38.08
C GLY A 281 30.54 -43.16 -37.00
N TYR A 282 29.24 -43.00 -37.27
CA TYR A 282 28.20 -43.35 -36.32
C TYR A 282 27.06 -44.10 -37.00
N HIS A 283 26.49 -45.06 -36.27
CA HIS A 283 25.31 -45.79 -36.72
C HIS A 283 24.02 -45.00 -36.69
N CYS A 284 23.95 -43.94 -35.90
CA CYS A 284 22.76 -43.13 -35.67
C CYS A 284 21.54 -43.94 -35.25
N GLU A 285 21.73 -45.01 -34.48
CA GLU A 285 20.63 -45.66 -33.78
C GLU A 285 19.57 -46.15 -34.77
N ALA A 286 19.91 -47.23 -35.49
CA ALA A 286 19.34 -47.56 -36.79
C ALA A 286 17.89 -47.12 -36.97
N TYR A 287 17.02 -47.40 -36.00
CA TYR A 287 15.70 -46.76 -35.93
C TYR A 287 15.70 -45.77 -34.77
N ASN A 288 15.53 -44.50 -35.11
CA ASN A 288 15.63 -43.38 -34.19
C ASN A 288 15.08 -42.15 -34.90
N ASN A 289 15.27 -41.00 -34.25
CA ASN A 289 15.04 -39.71 -34.87
C ASN A 289 16.37 -38.98 -35.01
N PRO A 290 16.88 -38.80 -36.23
CA PRO A 290 18.19 -38.14 -36.37
C PRO A 290 18.22 -36.74 -35.82
N ALA A 291 17.12 -36.00 -35.96
CA ALA A 291 17.06 -34.62 -35.47
C ALA A 291 17.33 -34.55 -33.98
N ASP A 292 17.10 -35.65 -33.27
CA ASP A 292 17.57 -35.75 -31.89
C ASP A 292 18.93 -36.43 -31.79
N PHE A 293 19.29 -37.22 -32.81
CA PHE A 293 20.57 -37.94 -32.77
C PHE A 293 21.75 -36.99 -32.80
N PHE A 294 21.68 -35.93 -33.60
CA PHE A 294 22.79 -34.97 -33.63
C PHE A 294 22.97 -34.29 -32.28
N LEU A 295 21.86 -33.95 -31.64
CA LEU A 295 21.96 -33.38 -30.30
C LEU A 295 22.56 -34.39 -29.33
N ASP A 296 22.15 -35.65 -29.47
CA ASP A 296 22.75 -36.74 -28.70
C ASP A 296 24.25 -36.83 -28.95
N ILE A 297 24.69 -36.40 -30.12
CA ILE A 297 26.13 -36.31 -30.39
C ILE A 297 26.74 -35.19 -29.57
N ILE A 298 26.16 -33.99 -29.65
CA ILE A 298 26.89 -32.84 -29.10
C ILE A 298 27.00 -32.96 -27.59
N ASN A 299 25.92 -33.37 -26.90
CA ASN A 299 25.88 -33.16 -25.45
C ASN A 299 27.03 -33.85 -24.74
N GLY A 300 27.05 -35.18 -24.78
CA GLY A 300 28.13 -35.95 -24.20
C GLY A 300 28.37 -37.25 -24.93
N ASP A 301 27.78 -37.35 -26.12
CA ASP A 301 27.80 -38.54 -26.96
C ASP A 301 27.28 -39.75 -26.22
N LEU A 328 36.25 -33.04 -26.74
CA LEU A 328 35.14 -33.44 -27.58
C LEU A 328 34.80 -32.43 -28.66
N ILE A 329 34.75 -31.15 -28.30
CA ILE A 329 34.19 -30.15 -29.18
C ILE A 329 35.22 -29.51 -30.11
N GLU A 330 36.35 -29.07 -29.57
CA GLU A 330 37.28 -28.27 -30.34
C GLU A 330 37.93 -29.07 -31.48
N LYS A 331 37.60 -30.35 -31.64
CA LYS A 331 37.86 -31.02 -32.91
C LYS A 331 36.62 -31.46 -33.65
N LEU A 332 35.47 -31.50 -32.98
CA LEU A 332 34.24 -31.84 -33.69
C LEU A 332 33.80 -30.69 -34.58
N ALA A 333 34.01 -29.46 -34.12
CA ALA A 333 33.85 -28.31 -35.00
C ALA A 333 34.92 -28.28 -36.09
N GLU A 334 36.10 -28.81 -35.78
CA GLU A 334 37.24 -28.81 -36.70
C GLU A 334 37.10 -29.85 -37.80
N ILE A 335 36.38 -30.94 -37.54
CA ILE A 335 36.25 -32.03 -38.50
C ILE A 335 35.41 -31.65 -39.72
N TYR A 336 34.73 -30.51 -39.69
CA TYR A 336 33.83 -30.14 -40.78
C TYR A 336 34.49 -29.30 -41.86
N VAL A 337 35.30 -28.31 -41.46
CA VAL A 337 35.94 -27.45 -42.46
C VAL A 337 36.72 -28.26 -43.48
N ASN A 338 37.29 -29.38 -43.04
CA ASN A 338 38.00 -30.27 -43.94
C ASN A 338 37.06 -31.08 -44.81
N SER A 339 35.80 -31.25 -44.41
CA SER A 339 34.84 -31.94 -45.25
C SER A 339 34.56 -31.13 -46.51
N SER A 340 33.74 -31.72 -47.39
CA SER A 340 33.50 -31.13 -48.69
C SER A 340 32.62 -29.91 -48.63
N PHE A 341 31.73 -29.83 -47.63
CA PHE A 341 30.68 -28.82 -47.65
C PHE A 341 31.24 -27.42 -47.38
N TYR A 342 32.23 -27.30 -46.51
CA TYR A 342 32.86 -26.01 -46.28
C TYR A 342 33.30 -25.38 -47.58
N LYS A 343 34.23 -26.04 -48.28
CA LYS A 343 34.68 -25.57 -49.58
C LYS A 343 33.54 -25.49 -50.60
N GLU A 344 32.63 -26.48 -50.60
CA GLU A 344 31.46 -26.45 -51.48
C GLU A 344 30.80 -25.08 -51.48
N THR A 345 30.41 -24.60 -50.30
CA THR A 345 29.70 -23.33 -50.23
C THR A 345 30.65 -22.14 -50.30
N LYS A 346 31.81 -22.25 -49.65
CA LYS A 346 32.70 -21.10 -49.52
C LYS A 346 33.26 -20.70 -50.88
N ALA A 347 33.26 -21.65 -51.83
CA ALA A 347 33.51 -21.30 -53.23
C ALA A 347 32.61 -20.17 -53.69
N GLU A 348 31.29 -20.37 -53.61
CA GLU A 348 30.36 -19.35 -54.06
C GLU A 348 30.33 -18.15 -53.11
N LEU A 349 30.67 -18.37 -51.85
CA LEU A 349 30.85 -17.22 -50.95
C LEU A 349 31.89 -16.25 -51.52
N HIS A 350 33.12 -16.73 -51.72
CA HIS A 350 34.15 -15.88 -52.30
C HIS A 350 33.84 -15.50 -53.74
N GLN A 351 32.93 -16.22 -54.39
CA GLN A 351 32.45 -15.79 -55.70
C GLN A 351 31.63 -14.51 -55.60
N LEU A 352 30.66 -14.47 -54.70
CA LEU A 352 29.84 -13.28 -54.52
C LEU A 352 30.56 -12.18 -53.75
N SER A 353 31.70 -12.49 -53.12
CA SER A 353 32.51 -11.45 -52.51
C SER A 353 33.10 -10.51 -53.55
N GLY A 354 33.10 -10.90 -54.81
CA GLY A 354 33.65 -10.08 -55.88
C GLY A 354 33.26 -10.57 -57.25
N TYR A 369 8.08 5.47 -40.07
CA TYR A 369 9.03 6.00 -41.05
C TYR A 369 8.35 6.29 -42.37
N THR A 370 7.69 5.26 -42.92
CA THR A 370 7.05 5.40 -44.23
C THR A 370 5.83 6.30 -44.15
N THR A 371 5.06 6.19 -43.08
CA THR A 371 3.85 6.98 -42.91
C THR A 371 4.17 8.31 -42.23
N SER A 372 3.12 9.03 -41.84
CA SER A 372 3.26 10.30 -41.15
C SER A 372 3.31 10.10 -39.65
N PHE A 373 3.12 11.20 -38.92
CA PHE A 373 2.84 11.12 -37.50
C PHE A 373 1.35 10.98 -37.25
N CYS A 374 0.53 11.53 -38.15
CA CYS A 374 -0.91 11.47 -37.98
C CYS A 374 -1.39 10.03 -37.85
N HIS A 375 -1.11 9.20 -38.86
CA HIS A 375 -1.53 7.81 -38.81
C HIS A 375 -0.95 7.10 -37.60
N GLN A 376 0.35 7.24 -37.38
CA GLN A 376 0.99 6.49 -36.32
C GLN A 376 0.48 6.91 -34.95
N LEU A 377 -0.27 8.00 -34.86
CA LEU A 377 -0.98 8.26 -33.62
C LEU A 377 -2.42 7.79 -33.68
N ARG A 378 -3.10 8.06 -34.79
CA ARG A 378 -4.52 7.76 -34.93
C ARG A 378 -4.81 6.28 -34.95
N TRP A 379 -3.81 5.44 -35.16
CA TRP A 379 -4.02 4.00 -35.12
C TRP A 379 -3.54 3.34 -33.84
N VAL A 380 -2.44 3.81 -33.27
CA VAL A 380 -2.05 3.31 -31.95
C VAL A 380 -3.10 3.67 -30.92
N SER A 381 -3.69 4.86 -31.04
CA SER A 381 -4.77 5.22 -30.13
C SER A 381 -5.95 4.27 -30.26
N LYS A 382 -6.41 4.03 -31.48
CA LYS A 382 -7.52 3.09 -31.69
C LYS A 382 -7.19 1.73 -31.08
N ARG A 383 -6.02 1.19 -31.40
CA ARG A 383 -5.70 -0.16 -30.95
C ARG A 383 -5.66 -0.22 -29.43
N SER A 384 -5.01 0.76 -28.79
CA SER A 384 -4.92 0.69 -27.34
C SER A 384 -6.27 0.92 -26.68
N PHE A 385 -7.12 1.77 -27.26
CA PHE A 385 -8.42 2.02 -26.67
C PHE A 385 -9.31 0.79 -26.77
N LYS A 386 -9.39 0.19 -27.96
CA LYS A 386 -10.20 -1.01 -28.11
C LYS A 386 -9.63 -2.17 -27.33
N ASN A 387 -8.33 -2.16 -27.07
CA ASN A 387 -7.76 -3.17 -26.17
C ASN A 387 -8.23 -2.94 -24.74
N LEU A 388 -8.13 -1.70 -24.27
CA LEU A 388 -8.65 -1.37 -22.95
C LEU A 388 -10.09 -1.84 -22.81
N LEU A 389 -10.91 -1.58 -23.82
CA LEU A 389 -12.29 -2.08 -23.81
C LEU A 389 -12.36 -3.60 -23.85
N GLY A 390 -11.38 -4.24 -24.48
CA GLY A 390 -11.49 -5.68 -24.72
C GLY A 390 -11.57 -6.50 -23.46
N ASN A 391 -10.67 -6.26 -22.52
CA ASN A 391 -10.71 -6.99 -21.26
C ASN A 391 -11.08 -6.02 -20.14
N PRO A 392 -12.35 -5.67 -20.01
CA PRO A 392 -12.73 -4.59 -19.07
C PRO A 392 -12.65 -4.98 -17.61
N GLN A 393 -12.57 -6.27 -17.28
CA GLN A 393 -12.53 -6.64 -15.86
C GLN A 393 -11.27 -6.14 -15.18
N ALA A 394 -10.34 -5.55 -15.94
CA ALA A 394 -9.15 -4.98 -15.31
C ALA A 394 -9.38 -3.54 -14.90
N SER A 395 -9.93 -2.71 -15.79
CA SER A 395 -10.12 -1.29 -15.49
C SER A 395 -11.49 -1.05 -14.88
N ILE A 396 -12.54 -1.54 -15.53
CA ILE A 396 -13.91 -1.27 -15.08
C ILE A 396 -14.08 -1.68 -13.62
N ALA A 397 -13.40 -2.74 -13.21
CA ALA A 397 -13.46 -3.18 -11.83
C ALA A 397 -13.06 -2.08 -10.85
N GLN A 398 -11.98 -1.33 -11.11
CA GLN A 398 -11.59 -0.34 -10.13
C GLN A 398 -12.50 0.89 -10.20
N ILE A 399 -13.17 1.09 -11.33
CA ILE A 399 -14.26 2.06 -11.39
C ILE A 399 -15.39 1.67 -10.45
N ILE A 400 -15.73 0.39 -10.42
CA ILE A 400 -16.68 -0.06 -9.42
C ILE A 400 -16.13 0.19 -8.02
N VAL A 401 -14.84 -0.06 -7.81
CA VAL A 401 -14.32 0.08 -6.46
C VAL A 401 -14.20 1.56 -6.09
N THR A 402 -13.99 2.43 -7.08
CA THR A 402 -13.96 3.85 -6.73
C THR A 402 -15.36 4.39 -6.46
N VAL A 403 -16.38 3.86 -7.13
CA VAL A 403 -17.75 4.21 -6.77
C VAL A 403 -18.05 3.77 -5.35
N VAL A 404 -17.65 2.54 -5.00
CA VAL A 404 -17.90 2.05 -3.64
C VAL A 404 -17.14 2.87 -2.62
N LEU A 405 -15.89 3.22 -2.90
CA LEU A 405 -15.13 4.05 -1.97
C LEU A 405 -15.80 5.41 -1.79
N GLY A 406 -16.23 6.03 -2.88
CA GLY A 406 -16.91 7.30 -2.78
C GLY A 406 -18.17 7.21 -1.94
N LEU A 407 -18.96 6.15 -2.14
CA LEU A 407 -20.20 6.03 -1.38
C LEU A 407 -19.94 5.76 0.09
N VAL A 408 -18.98 4.89 0.41
CA VAL A 408 -18.71 4.62 1.80
C VAL A 408 -18.14 5.85 2.50
N ILE A 409 -17.33 6.64 1.80
CA ILE A 409 -16.82 7.85 2.42
C ILE A 409 -17.93 8.86 2.61
N GLY A 410 -18.83 8.98 1.64
CA GLY A 410 -19.98 9.84 1.84
C GLY A 410 -20.83 9.40 3.01
N ALA A 411 -20.86 8.10 3.27
CA ALA A 411 -21.63 7.61 4.41
C ALA A 411 -20.94 7.93 5.73
N ILE A 412 -19.61 7.84 5.77
CA ILE A 412 -18.89 8.10 7.01
C ILE A 412 -18.94 9.58 7.36
N TYR A 413 -18.44 10.42 6.46
CA TYR A 413 -18.38 11.86 6.69
C TYR A 413 -19.65 12.56 6.22
N PHE A 414 -20.83 12.12 6.64
CA PHE A 414 -22.02 12.75 6.07
C PHE A 414 -22.22 14.16 6.58
N GLY A 415 -22.16 14.35 7.88
CA GLY A 415 -22.49 15.64 8.45
C GLY A 415 -21.53 16.75 8.09
N LEU A 416 -20.28 16.60 8.51
CA LEU A 416 -19.29 17.68 8.46
C LEU A 416 -19.84 18.94 9.11
N LYS A 417 -20.09 18.83 10.41
CA LYS A 417 -20.50 19.97 11.20
C LYS A 417 -19.39 21.01 11.22
N ASN A 418 -19.67 22.16 11.81
CA ASN A 418 -18.69 23.23 11.93
C ASN A 418 -18.30 23.47 13.38
N ASP A 419 -18.12 22.40 14.14
CA ASP A 419 -17.65 22.52 15.49
C ASP A 419 -16.24 21.94 15.59
N SER A 420 -15.74 21.83 16.82
CA SER A 420 -14.35 21.44 17.06
C SER A 420 -13.96 20.18 16.30
N THR A 421 -14.92 19.31 16.02
CA THR A 421 -14.68 18.14 15.19
C THR A 421 -14.95 18.40 13.73
N GLY A 422 -14.85 19.65 13.29
CA GLY A 422 -15.04 19.95 11.90
C GLY A 422 -13.70 20.01 11.19
N ILE A 423 -12.69 20.53 11.89
CA ILE A 423 -11.36 20.62 11.31
C ILE A 423 -10.77 19.23 11.13
N GLN A 424 -10.95 18.35 12.11
CA GLN A 424 -10.43 17.00 11.98
C GLN A 424 -11.04 16.29 10.79
N ASN A 425 -12.37 16.29 10.68
CA ASN A 425 -13.02 15.62 9.56
C ASN A 425 -12.62 16.25 8.23
N ARG A 426 -12.56 17.58 8.16
CA ARG A 426 -12.27 18.22 6.88
C ARG A 426 -10.84 17.96 6.44
N ALA A 427 -9.87 18.06 7.34
CA ALA A 427 -8.50 17.73 6.97
C ALA A 427 -8.26 16.24 6.91
N GLY A 428 -9.25 15.43 7.26
CA GLY A 428 -9.11 14.01 7.08
C GLY A 428 -9.59 13.55 5.72
N VAL A 429 -10.76 14.02 5.30
CA VAL A 429 -11.32 13.51 4.05
C VAL A 429 -10.49 13.96 2.86
N LEU A 430 -10.08 15.24 2.83
CA LEU A 430 -9.23 15.71 1.75
C LEU A 430 -7.92 14.96 1.73
N PHE A 431 -7.35 14.72 2.90
CA PHE A 431 -6.12 13.94 2.95
C PHE A 431 -6.33 12.57 2.35
N PHE A 432 -7.37 11.90 2.82
CA PHE A 432 -7.59 10.55 2.26
C PHE A 432 -7.79 10.61 0.75
N LEU A 433 -8.54 11.57 0.23
CA LEU A 433 -8.75 11.66 -1.22
C LEU A 433 -7.42 11.82 -1.95
N THR A 434 -6.54 12.70 -1.47
CA THR A 434 -5.29 12.90 -2.18
C THR A 434 -4.41 11.65 -2.13
N THR A 435 -4.35 11.09 -0.93
CA THR A 435 -3.46 9.93 -0.74
C THR A 435 -4.06 8.76 -1.48
N ASN A 436 -5.35 8.77 -1.76
CA ASN A 436 -5.86 7.65 -2.51
C ASN A 436 -5.73 7.82 -3.97
N GLN A 437 -5.84 9.03 -4.45
CA GLN A 437 -5.49 9.35 -5.83
C GLN A 437 -4.05 8.98 -6.13
N CYS A 438 -3.16 9.16 -5.17
CA CYS A 438 -1.78 8.77 -5.37
C CYS A 438 -1.63 7.25 -5.41
N PHE A 439 -1.95 6.61 -4.29
CA PHE A 439 -1.65 5.16 -4.22
C PHE A 439 -2.39 4.37 -5.28
N SER A 440 -3.51 4.85 -5.74
CA SER A 440 -4.23 4.09 -6.75
C SER A 440 -3.73 4.38 -8.14
N SER A 441 -2.59 5.05 -8.26
CA SER A 441 -1.95 5.26 -9.55
C SER A 441 -0.74 4.37 -9.74
N VAL A 442 -0.42 3.64 -8.67
CA VAL A 442 0.73 2.70 -8.72
C VAL A 442 0.30 1.48 -9.47
N SER A 443 -0.97 1.39 -9.85
CA SER A 443 -1.50 0.33 -10.69
C SER A 443 -1.53 0.70 -12.16
N ALA A 444 -0.91 1.81 -12.53
CA ALA A 444 -0.82 2.21 -13.94
C ALA A 444 0.62 2.17 -14.43
N VAL A 445 1.46 1.36 -13.80
CA VAL A 445 2.81 1.15 -14.29
C VAL A 445 2.84 0.15 -15.42
N GLU A 446 1.97 -0.86 -15.39
CA GLU A 446 1.89 -1.87 -16.45
C GLU A 446 1.45 -1.30 -17.77
N LEU A 447 1.27 0.02 -17.85
CA LEU A 447 1.09 0.66 -19.14
C LEU A 447 2.26 0.40 -20.07
N PHE A 448 3.46 0.22 -19.51
CA PHE A 448 4.66 0.06 -20.32
C PHE A 448 5.52 -1.12 -19.93
N VAL A 449 5.12 -1.95 -18.97
CA VAL A 449 5.89 -3.12 -18.63
C VAL A 449 5.21 -4.42 -19.03
N VAL A 450 3.95 -4.37 -19.44
CA VAL A 450 3.32 -5.58 -19.96
C VAL A 450 3.70 -5.82 -21.40
N GLU A 451 3.94 -4.75 -22.17
CA GLU A 451 4.14 -4.86 -23.60
C GLU A 451 5.50 -4.34 -24.04
N LYS A 452 6.48 -4.28 -23.13
CA LYS A 452 7.84 -3.96 -23.56
C LYS A 452 8.29 -4.88 -24.68
N LYS A 453 8.00 -6.18 -24.53
CA LYS A 453 8.16 -7.12 -25.63
C LYS A 453 7.43 -6.64 -26.89
N LEU A 454 6.21 -6.17 -26.77
CA LEU A 454 5.46 -5.79 -27.96
C LEU A 454 5.97 -4.49 -28.53
N PHE A 455 6.19 -3.49 -27.69
CA PHE A 455 6.72 -2.23 -28.19
C PHE A 455 8.07 -2.43 -28.87
N ILE A 456 8.92 -3.27 -28.28
CA ILE A 456 10.25 -3.46 -28.84
C ILE A 456 10.16 -4.19 -30.18
N HIS A 457 9.40 -5.29 -30.25
CA HIS A 457 9.28 -5.96 -31.54
C HIS A 457 8.67 -5.05 -32.57
N GLU A 458 7.77 -4.17 -32.16
CA GLU A 458 7.16 -3.26 -33.11
C GLU A 458 8.10 -2.19 -33.59
N TYR A 459 8.93 -1.64 -32.71
CA TYR A 459 9.79 -0.55 -33.12
C TYR A 459 11.00 -1.03 -33.89
N ILE A 460 11.55 -2.21 -33.58
CA ILE A 460 12.63 -2.71 -34.41
C ILE A 460 12.15 -2.88 -35.83
N SER A 461 10.90 -3.27 -36.00
CA SER A 461 10.25 -3.22 -37.31
C SER A 461 9.84 -1.79 -37.59
N GLY A 462 9.67 -1.46 -38.87
CA GLY A 462 9.39 -0.08 -39.22
C GLY A 462 7.96 0.37 -39.00
N TYR A 463 7.36 0.04 -37.86
CA TYR A 463 5.98 0.45 -37.65
C TYR A 463 5.86 1.95 -37.43
N TYR A 464 6.45 2.47 -36.36
CA TYR A 464 6.25 3.87 -36.04
C TYR A 464 7.50 4.44 -35.39
N ARG A 465 7.39 5.66 -34.90
CA ARG A 465 8.46 6.30 -34.15
C ARG A 465 8.04 6.41 -32.69
N VAL A 466 9.03 6.35 -31.81
CA VAL A 466 8.75 6.16 -30.39
C VAL A 466 7.86 7.27 -29.84
N SER A 467 8.00 8.50 -30.33
CA SER A 467 7.16 9.57 -29.85
C SER A 467 5.70 9.31 -30.18
N SER A 468 5.43 8.72 -31.35
CA SER A 468 4.07 8.38 -31.71
C SER A 468 3.49 7.34 -30.78
N TYR A 469 4.24 6.27 -30.54
CA TYR A 469 3.79 5.25 -29.59
C TYR A 469 3.51 5.87 -28.24
N PHE A 470 4.39 6.76 -27.78
CA PHE A 470 4.22 7.37 -26.47
C PHE A 470 2.94 8.18 -26.40
N LEU A 471 2.77 9.11 -27.34
CA LEU A 471 1.59 9.97 -27.30
C LEU A 471 0.32 9.17 -27.48
N GLY A 472 0.33 8.17 -28.35
CA GLY A 472 -0.85 7.34 -28.50
C GLY A 472 -1.21 6.61 -27.23
N LYS A 473 -0.22 5.97 -26.60
CA LYS A 473 -0.51 5.25 -25.37
C LYS A 473 -1.02 6.17 -24.28
N LEU A 474 -0.46 7.38 -24.16
CA LEU A 474 -0.96 8.32 -23.18
C LEU A 474 -2.40 8.71 -23.48
N LEU A 475 -2.64 9.21 -24.68
CA LEU A 475 -3.97 9.66 -25.08
C LEU A 475 -5.00 8.55 -25.04
N SER A 476 -4.59 7.29 -25.04
CA SER A 476 -5.54 6.17 -25.04
C SER A 476 -5.78 5.57 -23.66
N ASP A 477 -4.76 5.38 -22.84
CA ASP A 477 -4.95 4.67 -21.57
C ASP A 477 -4.76 5.52 -20.34
N LEU A 478 -3.76 6.40 -20.32
CA LEU A 478 -3.59 7.27 -19.16
C LEU A 478 -4.71 8.28 -19.05
N LEU A 479 -5.12 8.87 -20.18
CA LEU A 479 -5.98 10.04 -20.10
C LEU A 479 -7.40 9.69 -19.65
N PRO A 480 -8.09 8.73 -20.28
CA PRO A 480 -9.47 8.45 -19.87
C PRO A 480 -9.61 7.38 -18.78
N MET A 481 -8.53 6.94 -18.17
CA MET A 481 -8.59 6.08 -16.99
C MET A 481 -8.30 6.82 -15.70
N ARG A 482 -7.50 7.88 -15.74
CA ARG A 482 -7.24 8.73 -14.60
C ARG A 482 -8.19 9.91 -14.51
N MET A 483 -9.02 10.11 -15.54
CA MET A 483 -9.96 11.22 -15.54
C MET A 483 -11.30 10.85 -14.93
N LEU A 484 -11.64 9.56 -14.88
CA LEU A 484 -12.91 9.18 -14.26
C LEU A 484 -12.84 9.21 -12.74
N PRO A 485 -11.88 8.53 -12.09
CA PRO A 485 -11.86 8.58 -10.61
C PRO A 485 -11.64 9.96 -10.05
N SER A 486 -11.50 10.97 -10.89
CA SER A 486 -11.52 12.35 -10.45
C SER A 486 -12.89 12.99 -10.59
N ILE A 487 -13.85 12.28 -11.17
CA ILE A 487 -15.19 12.78 -11.31
C ILE A 487 -16.19 11.93 -10.52
N ILE A 488 -15.86 10.67 -10.31
CA ILE A 488 -16.65 9.84 -9.40
C ILE A 488 -16.55 10.38 -7.98
N PHE A 489 -15.33 10.50 -7.47
CA PHE A 489 -15.13 11.06 -6.14
C PHE A 489 -15.78 12.42 -5.99
N THR A 490 -15.41 13.37 -6.82
CA THR A 490 -15.81 14.73 -6.51
C THR A 490 -17.26 15.03 -6.83
N CYS A 491 -17.96 14.16 -7.55
CA CYS A 491 -19.39 14.33 -7.72
C CYS A 491 -20.19 13.54 -6.70
N ILE A 492 -19.67 12.40 -6.25
CA ILE A 492 -20.36 11.60 -5.25
C ILE A 492 -20.25 12.24 -3.87
N VAL A 493 -19.03 12.61 -3.48
CA VAL A 493 -18.83 13.01 -2.09
C VAL A 493 -19.09 14.49 -1.85
N TYR A 494 -19.08 15.33 -2.88
CA TYR A 494 -19.11 16.76 -2.62
C TYR A 494 -20.43 17.20 -2.03
N PHE A 495 -21.53 16.57 -2.45
CA PHE A 495 -22.83 16.98 -1.92
C PHE A 495 -23.25 16.19 -0.71
N MET A 496 -22.81 14.94 -0.58
CA MET A 496 -23.03 14.22 0.66
C MET A 496 -22.30 14.91 1.81
N LEU A 497 -20.99 15.08 1.67
CA LEU A 497 -20.21 15.71 2.73
C LEU A 497 -20.68 17.12 3.01
N GLY A 498 -21.13 17.83 1.99
CA GLY A 498 -21.55 19.21 2.17
C GLY A 498 -20.38 20.14 2.37
N LEU A 499 -19.43 20.10 1.45
CA LEU A 499 -18.26 20.96 1.53
C LEU A 499 -18.63 22.36 1.07
N LYS A 500 -17.64 23.21 0.83
CA LYS A 500 -17.85 24.59 0.42
C LYS A 500 -18.79 24.64 -0.79
N PRO A 501 -20.00 25.16 -0.63
CA PRO A 501 -21.01 25.09 -1.71
C PRO A 501 -20.94 26.24 -2.69
N LYS A 502 -20.02 26.14 -3.63
CA LYS A 502 -19.92 27.09 -4.74
C LYS A 502 -19.56 26.33 -6.01
N ALA A 503 -19.76 26.98 -7.15
CA ALA A 503 -19.44 26.35 -8.42
C ALA A 503 -17.92 26.18 -8.56
N ASP A 504 -17.19 27.29 -8.59
CA ASP A 504 -15.75 27.20 -8.77
C ASP A 504 -15.07 26.54 -7.60
N ALA A 505 -15.58 26.72 -6.39
CA ALA A 505 -15.03 25.99 -5.25
C ALA A 505 -15.30 24.50 -5.32
N PHE A 506 -15.97 24.04 -6.36
CA PHE A 506 -16.20 22.64 -6.66
C PHE A 506 -15.37 22.18 -7.86
N PHE A 507 -15.39 22.96 -8.93
CA PHE A 507 -14.57 22.62 -10.09
C PHE A 507 -13.10 22.67 -9.75
N VAL A 508 -12.69 23.50 -8.78
CA VAL A 508 -11.29 23.53 -8.39
C VAL A 508 -10.91 22.22 -7.71
N MET A 509 -11.80 21.68 -6.87
CA MET A 509 -11.51 20.39 -6.26
C MET A 509 -11.43 19.30 -7.31
N MET A 510 -12.38 19.28 -8.24
CA MET A 510 -12.33 18.31 -9.32
C MET A 510 -11.02 18.41 -10.09
N PHE A 511 -10.65 19.62 -10.47
CA PHE A 511 -9.44 19.84 -11.25
C PHE A 511 -8.19 19.48 -10.48
N THR A 512 -8.15 19.75 -9.18
CA THR A 512 -6.95 19.43 -8.41
C THR A 512 -6.80 17.93 -8.24
N LEU A 513 -7.91 17.22 -8.02
CA LEU A 513 -7.81 15.77 -8.00
C LEU A 513 -7.32 15.24 -9.34
N MET A 514 -7.81 15.81 -10.44
CA MET A 514 -7.34 15.39 -11.74
C MET A 514 -5.83 15.62 -11.89
N MET A 515 -5.36 16.79 -11.43
CA MET A 515 -3.95 17.11 -11.56
C MET A 515 -3.10 16.17 -10.73
N VAL A 516 -3.49 15.89 -9.49
CA VAL A 516 -2.65 15.03 -8.65
C VAL A 516 -2.67 13.60 -9.19
N ALA A 517 -3.81 13.16 -9.72
CA ALA A 517 -3.86 11.84 -10.35
C ALA A 517 -2.88 11.78 -11.51
N TYR A 518 -2.93 12.75 -12.40
CA TYR A 518 -2.04 12.74 -13.56
C TYR A 518 -0.58 12.81 -13.13
N SER A 519 -0.27 13.63 -12.14
CA SER A 519 1.13 13.81 -11.76
C SER A 519 1.68 12.56 -11.09
N ALA A 520 0.94 11.95 -10.16
CA ALA A 520 1.40 10.71 -9.56
C ALA A 520 1.50 9.59 -10.57
N SER A 521 0.54 9.47 -11.48
CA SER A 521 0.64 8.38 -12.44
C SER A 521 1.75 8.64 -13.45
N SER A 522 2.05 9.91 -13.74
CA SER A 522 3.16 10.19 -14.63
C SER A 522 4.49 9.87 -13.97
N MET A 523 4.61 10.14 -12.67
CA MET A 523 5.81 9.68 -11.96
C MET A 523 5.91 8.17 -12.00
N ALA A 524 4.78 7.48 -11.80
CA ALA A 524 4.78 6.03 -11.93
C ALA A 524 5.28 5.61 -13.31
N LEU A 525 4.88 6.34 -14.34
CA LEU A 525 5.38 6.04 -15.68
C LEU A 525 6.88 6.28 -15.77
N ALA A 526 7.37 7.36 -15.16
CA ALA A 526 8.78 7.70 -15.29
C ALA A 526 9.66 6.69 -14.57
N ILE A 527 9.16 6.08 -13.51
CA ILE A 527 9.98 5.09 -12.82
C ILE A 527 10.01 3.78 -13.58
N ALA A 528 8.86 3.33 -14.08
CA ALA A 528 8.73 2.00 -14.68
C ALA A 528 8.62 2.06 -16.20
N ALA A 529 9.39 2.92 -16.85
CA ALA A 529 9.27 3.01 -18.30
C ALA A 529 10.20 2.06 -19.03
N GLY A 530 11.20 1.51 -18.34
CA GLY A 530 12.19 0.71 -19.02
C GLY A 530 12.25 -0.75 -18.62
N GLN A 531 11.87 -1.05 -17.38
CA GLN A 531 12.07 -2.38 -16.84
C GLN A 531 11.22 -3.40 -17.60
N SER A 532 11.36 -4.66 -17.18
CA SER A 532 10.50 -5.73 -17.64
C SER A 532 9.83 -6.48 -16.50
N VAL A 533 10.41 -6.47 -15.31
CA VAL A 533 9.80 -7.05 -14.12
C VAL A 533 9.21 -5.92 -13.30
N VAL A 534 8.02 -6.14 -12.75
CA VAL A 534 7.31 -5.07 -12.06
C VAL A 534 7.52 -5.08 -10.56
N SER A 535 8.28 -6.04 -10.04
CA SER A 535 8.45 -6.13 -8.59
C SER A 535 9.16 -4.91 -8.03
N VAL A 536 10.40 -4.69 -8.47
CA VAL A 536 11.18 -3.59 -7.92
C VAL A 536 10.54 -2.25 -8.24
N ALA A 537 9.83 -2.16 -9.37
CA ALA A 537 9.16 -0.91 -9.70
C ALA A 537 8.07 -0.59 -8.68
N THR A 538 7.18 -1.54 -8.45
CA THR A 538 6.12 -1.33 -7.47
C THR A 538 6.70 -1.07 -6.09
N LEU A 539 7.79 -1.74 -5.74
CA LEU A 539 8.39 -1.51 -4.44
C LEU A 539 8.92 -0.08 -4.31
N LEU A 540 9.69 0.39 -5.30
CA LEU A 540 10.21 1.75 -5.25
C LEU A 540 9.09 2.76 -5.24
N MET A 541 8.03 2.53 -6.01
CA MET A 541 6.94 3.50 -6.06
C MET A 541 6.18 3.54 -4.74
N THR A 542 6.02 2.38 -4.12
CA THR A 542 5.28 2.42 -2.85
C THR A 542 6.15 3.10 -1.80
N ILE A 543 7.44 2.90 -1.81
CA ILE A 543 8.27 3.61 -0.84
C ILE A 543 8.27 5.11 -1.09
N CYS A 544 8.42 5.54 -2.34
CA CYS A 544 8.41 6.97 -2.64
C CYS A 544 7.08 7.59 -2.22
N PHE A 545 5.97 6.91 -2.51
CA PHE A 545 4.68 7.46 -2.14
C PHE A 545 4.51 7.51 -0.63
N VAL A 546 5.10 6.54 0.04
CA VAL A 546 4.99 6.57 1.53
C VAL A 546 5.74 7.78 2.06
N PHE A 547 6.91 8.07 1.53
CA PHE A 547 7.65 9.23 2.01
C PHE A 547 6.95 10.54 1.66
N MET A 548 6.43 10.65 0.44
CA MET A 548 5.66 11.82 0.07
C MET A 548 4.46 12.00 0.98
N MET A 549 3.88 10.90 1.41
CA MET A 549 2.70 11.06 2.26
C MET A 549 3.18 11.55 3.62
N ILE A 550 4.28 11.03 4.12
CA ILE A 550 4.77 11.55 5.40
C ILE A 550 4.94 13.06 5.29
N PHE A 551 5.54 13.54 4.21
CA PHE A 551 5.70 14.97 4.03
C PHE A 551 4.47 15.66 3.47
N SER A 552 3.32 14.99 3.45
CA SER A 552 2.12 15.58 2.87
C SER A 552 1.72 16.87 3.58
N GLY A 553 1.60 16.83 4.90
CA GLY A 553 1.24 18.03 5.62
C GLY A 553 0.24 17.82 6.73
N LEU A 554 -0.14 16.57 6.95
CA LEU A 554 -1.05 16.25 8.05
C LEU A 554 -0.34 15.51 9.18
N LEU A 555 0.51 14.56 8.83
CA LEU A 555 1.21 13.79 9.85
C LEU A 555 2.33 14.57 10.52
N VAL A 556 2.67 15.76 10.03
CA VAL A 556 3.69 16.57 10.68
C VAL A 556 3.51 18.02 10.28
N ASN A 557 3.52 18.92 11.26
CA ASN A 557 3.37 20.34 10.97
C ASN A 557 4.59 20.81 10.21
N LEU A 558 4.41 21.15 8.94
CA LEU A 558 5.54 21.40 8.04
C LEU A 558 6.38 22.60 8.44
N THR A 559 6.00 23.34 9.48
CA THR A 559 6.82 24.46 9.91
C THR A 559 7.76 24.10 11.04
N THR A 560 7.55 22.96 11.70
CA THR A 560 8.42 22.54 12.78
C THR A 560 9.47 21.54 12.34
N ILE A 561 9.58 21.26 11.05
CA ILE A 561 10.65 20.42 10.58
C ILE A 561 11.95 21.21 10.60
N ALA A 562 13.04 20.53 10.95
CA ALA A 562 14.34 21.18 11.02
C ALA A 562 14.69 21.82 9.68
N SER A 563 15.59 22.79 9.73
CA SER A 563 15.89 23.58 8.54
C SER A 563 16.49 22.74 7.43
N TRP A 564 17.32 21.76 7.78
CA TRP A 564 17.99 20.97 6.76
C TRP A 564 17.14 19.82 6.24
N LEU A 565 15.92 19.64 6.75
CA LEU A 565 14.96 18.75 6.14
C LEU A 565 13.79 19.45 5.46
N SER A 566 13.57 20.73 5.74
CA SER A 566 12.42 21.40 5.14
C SER A 566 12.57 21.57 3.64
N TRP A 567 13.77 21.35 3.10
CA TRP A 567 13.90 21.43 1.65
C TRP A 567 13.36 20.19 0.97
N LEU A 568 13.11 19.12 1.71
CA LEU A 568 12.58 17.91 1.11
C LEU A 568 11.10 18.03 0.80
N GLN A 569 10.40 18.95 1.44
CA GLN A 569 8.95 19.01 1.31
C GLN A 569 8.51 19.48 -0.06
N TYR A 570 9.43 19.82 -0.96
CA TYR A 570 9.02 20.30 -2.27
C TYR A 570 8.89 19.19 -3.29
N PHE A 571 9.43 18.01 -3.01
CA PHE A 571 9.38 16.89 -3.94
C PHE A 571 8.10 16.07 -3.81
N SER A 572 7.23 16.44 -2.90
CA SER A 572 6.10 15.61 -2.50
C SER A 572 4.84 16.02 -3.24
N ILE A 573 4.27 15.09 -4.01
CA ILE A 573 3.03 15.38 -4.72
C ILE A 573 1.83 15.47 -3.79
N PRO A 574 1.61 14.54 -2.85
CA PRO A 574 0.49 14.71 -1.93
C PRO A 574 0.48 16.06 -1.25
N ARG A 575 1.64 16.67 -1.02
CA ARG A 575 1.63 18.01 -0.45
C ARG A 575 0.96 18.98 -1.42
N TYR A 576 1.38 18.97 -2.68
CA TYR A 576 0.83 19.93 -3.63
C TYR A 576 -0.64 19.67 -3.89
N GLY A 577 -1.12 18.46 -3.63
CA GLY A 577 -2.53 18.21 -3.82
C GLY A 577 -3.34 18.61 -2.59
N PHE A 578 -2.89 18.13 -1.43
CA PHE A 578 -3.59 18.36 -0.19
C PHE A 578 -3.61 19.83 0.17
N THR A 579 -2.52 20.56 -0.12
CA THR A 579 -2.50 21.99 0.17
C THR A 579 -3.49 22.73 -0.69
N ALA A 580 -3.57 22.38 -1.98
CA ALA A 580 -4.54 23.04 -2.84
C ALA A 580 -5.96 22.76 -2.38
N LEU A 581 -6.25 21.50 -2.03
CA LEU A 581 -7.58 21.17 -1.57
C LEU A 581 -7.93 21.91 -0.29
N GLN A 582 -7.01 21.93 0.67
CA GLN A 582 -7.24 22.69 1.89
C GLN A 582 -7.51 24.14 1.59
N HIS A 583 -6.60 24.81 0.87
CA HIS A 583 -6.78 26.23 0.60
C HIS A 583 -8.09 26.49 -0.12
N ASN A 584 -8.55 25.54 -0.92
CA ASN A 584 -9.86 25.69 -1.53
C ASN A 584 -10.96 25.65 -0.50
N GLU A 585 -10.86 24.73 0.46
CA GLU A 585 -12.00 24.39 1.29
C GLU A 585 -12.05 25.13 2.63
N PHE A 586 -10.93 25.64 3.13
CA PHE A 586 -10.86 26.11 4.50
C PHE A 586 -10.96 27.62 4.62
N LEU A 587 -11.27 28.34 3.55
CA LEU A 587 -11.06 29.79 3.62
C LEU A 587 -12.12 30.49 4.46
N GLY A 588 -13.39 30.42 4.06
CA GLY A 588 -14.36 31.27 4.71
C GLY A 588 -15.11 30.64 5.86
N GLN A 589 -14.53 29.64 6.51
CA GLN A 589 -15.23 28.83 7.49
C GLN A 589 -15.05 29.39 8.88
N ASN A 590 -15.92 28.97 9.80
CA ASN A 590 -15.81 29.31 11.22
C ASN A 590 -16.07 28.05 12.02
N PHE A 591 -15.03 27.53 12.66
CA PHE A 591 -15.08 26.24 13.34
C PHE A 591 -15.25 26.37 14.85
N CYS A 592 -15.97 27.38 15.31
CA CYS A 592 -16.20 27.57 16.74
C CYS A 592 -17.62 28.11 16.93
N PRO A 593 -18.56 27.28 17.35
CA PRO A 593 -19.94 27.75 17.49
C PRO A 593 -20.06 28.78 18.59
N GLY A 594 -20.62 29.92 18.25
CA GLY A 594 -20.90 30.96 19.21
C GLY A 594 -19.81 31.97 19.39
N LEU A 595 -18.63 31.75 18.85
CA LEU A 595 -17.50 32.66 19.00
C LEU A 595 -17.14 33.21 17.64
N ASN A 596 -17.37 34.49 17.42
CA ASN A 596 -17.00 35.15 16.17
C ASN A 596 -15.57 35.64 16.28
N ALA A 597 -14.63 34.88 15.73
CA ALA A 597 -13.21 35.20 15.82
C ALA A 597 -12.71 36.03 14.66
N THR A 598 -13.51 36.20 13.60
CA THR A 598 -13.06 36.92 12.43
C THR A 598 -12.67 38.35 12.75
N GLY A 599 -13.33 38.97 13.72
CA GLY A 599 -12.94 40.30 14.13
C GLY A 599 -11.66 40.27 14.93
N ASN A 600 -11.58 39.36 15.90
CA ASN A 600 -10.38 39.15 16.69
C ASN A 600 -10.58 37.82 17.40
N ASN A 601 -9.49 37.10 17.61
CA ASN A 601 -9.60 35.80 18.26
C ASN A 601 -9.26 35.93 19.74
N PRO A 602 -10.18 35.64 20.64
CA PRO A 602 -9.83 35.57 22.06
C PRO A 602 -9.18 34.25 22.39
N CYS A 603 -8.25 34.30 23.34
CA CYS A 603 -7.60 33.15 23.96
C CYS A 603 -6.61 32.44 23.04
N ASN A 604 -6.50 32.86 21.79
CA ASN A 604 -5.38 32.60 20.90
C ASN A 604 -4.79 31.19 20.96
N TYR A 605 -5.59 30.20 21.32
CA TYR A 605 -5.17 28.80 21.22
C TYR A 605 -6.25 27.97 20.57
N ALA A 606 -7.09 28.58 19.77
CA ALA A 606 -8.40 28.02 19.53
C ALA A 606 -8.63 27.49 18.12
N THR A 607 -7.93 28.00 17.11
CA THR A 607 -8.20 27.66 15.70
C THR A 607 -9.69 27.84 15.39
N CYS A 608 -10.22 28.98 15.80
CA CYS A 608 -11.63 29.29 15.61
C CYS A 608 -11.93 29.90 14.26
N THR A 609 -11.11 29.62 13.26
CA THR A 609 -11.46 30.01 11.91
C THR A 609 -10.59 29.20 10.95
N GLY A 610 -11.03 29.15 9.70
CA GLY A 610 -10.30 28.38 8.72
C GLY A 610 -8.97 29.00 8.38
N GLU A 611 -8.90 30.33 8.37
CA GLU A 611 -7.64 31.01 8.07
C GLU A 611 -6.57 30.63 9.09
N GLU A 612 -6.93 30.50 10.36
CA GLU A 612 -5.92 30.18 11.36
C GLU A 612 -5.39 28.76 11.20
N TYR A 613 -6.28 27.82 10.93
CA TYR A 613 -5.79 26.47 10.67
C TYR A 613 -5.02 26.41 9.35
N LEU A 614 -5.28 27.32 8.44
CA LEU A 614 -4.59 27.28 7.16
C LEU A 614 -3.20 27.87 7.27
N VAL A 615 -3.05 28.92 8.08
CA VAL A 615 -1.72 29.50 8.26
C VAL A 615 -0.90 28.67 9.22
N LYS A 616 -1.54 28.05 10.20
CA LYS A 616 -0.82 27.26 11.17
C LYS A 616 -0.07 26.09 10.53
N GLN A 617 -0.49 25.65 9.36
CA GLN A 617 0.21 24.60 8.64
C GLN A 617 1.20 25.15 7.63
N GLY A 618 1.45 26.44 7.63
CA GLY A 618 2.35 27.03 6.66
C GLY A 618 1.81 26.95 5.26
N ILE A 619 0.73 27.69 4.98
CA ILE A 619 0.11 27.75 3.68
C ILE A 619 -0.21 29.21 3.39
N ASP A 620 0.00 29.62 2.14
CA ASP A 620 -0.35 30.99 1.78
C ASP A 620 -1.86 31.18 1.85
N LEU A 621 -2.28 32.43 1.69
CA LEU A 621 -3.69 32.75 1.59
C LEU A 621 -4.03 33.60 0.38
N SER A 622 -3.05 34.27 -0.22
CA SER A 622 -3.31 35.00 -1.45
C SER A 622 -3.79 34.03 -2.53
N PRO A 623 -4.60 34.51 -3.47
CA PRO A 623 -5.07 33.62 -4.55
C PRO A 623 -3.94 32.89 -5.26
N TRP A 624 -2.75 33.46 -5.31
CA TRP A 624 -1.61 32.72 -5.82
C TRP A 624 -1.31 31.53 -4.93
N GLY A 625 -1.64 31.61 -3.64
CA GLY A 625 -1.34 30.52 -2.73
C GLY A 625 -1.97 29.21 -3.11
N LEU A 626 -2.99 29.24 -3.96
CA LEU A 626 -3.63 28.03 -4.45
C LEU A 626 -3.04 27.58 -5.78
N TRP A 627 -3.05 28.47 -6.77
CA TRP A 627 -2.59 28.10 -8.10
C TRP A 627 -1.09 27.85 -8.16
N LYS A 628 -0.35 28.24 -7.14
CA LYS A 628 1.05 27.84 -7.07
C LYS A 628 1.18 26.33 -7.03
N ASN A 629 0.19 25.66 -6.44
CA ASN A 629 0.22 24.21 -6.41
C ASN A 629 -0.14 23.61 -7.75
N HIS A 630 -0.81 24.35 -8.62
CA HIS A 630 -1.13 23.81 -9.93
C HIS A 630 -0.05 24.10 -10.95
N VAL A 631 0.65 25.22 -10.83
CA VAL A 631 1.81 25.44 -11.69
C VAL A 631 2.94 24.51 -11.26
N ALA A 632 2.89 24.00 -10.04
CA ALA A 632 3.90 23.06 -9.58
C ALA A 632 3.52 21.62 -9.88
N LEU A 633 2.25 21.35 -10.14
CA LEU A 633 1.82 20.04 -10.58
C LEU A 633 1.73 19.93 -12.10
N ALA A 634 1.58 21.05 -12.79
CA ALA A 634 1.69 21.02 -14.24
C ALA A 634 3.14 20.97 -14.69
N CYS A 635 4.08 21.03 -13.75
CA CYS A 635 5.50 20.94 -14.06
C CYS A 635 6.05 19.57 -13.76
N MET A 636 5.61 18.94 -12.66
CA MET A 636 6.02 17.57 -12.40
C MET A 636 5.46 16.64 -13.46
N ILE A 637 4.34 17.02 -14.07
CA ILE A 637 3.81 16.22 -15.17
C ILE A 637 4.76 16.26 -16.35
N VAL A 638 5.18 17.46 -16.76
CA VAL A 638 6.00 17.58 -17.97
C VAL A 638 7.39 16.99 -17.73
N ILE A 639 7.93 17.17 -16.52
CA ILE A 639 9.24 16.60 -16.24
C ILE A 639 9.17 15.09 -16.20
N PHE A 640 8.19 14.56 -15.46
CA PHE A 640 8.07 13.12 -15.35
C PHE A 640 7.57 12.46 -16.62
N LEU A 641 7.11 13.23 -17.60
CA LEU A 641 6.78 12.67 -18.90
C LEU A 641 7.94 12.75 -19.87
N THR A 642 8.72 13.83 -19.86
CA THR A 642 9.89 13.84 -20.72
C THR A 642 10.94 12.86 -20.22
N ILE A 643 11.01 12.61 -18.92
CA ILE A 643 11.92 11.57 -18.44
C ILE A 643 11.48 10.22 -18.98
N ALA A 644 10.17 9.99 -19.01
CA ALA A 644 9.69 8.71 -19.53
C ALA A 644 9.97 8.60 -21.02
N TYR A 645 9.75 9.67 -21.77
CA TYR A 645 10.02 9.61 -23.20
C TYR A 645 11.49 9.37 -23.47
N LEU A 646 12.38 9.98 -22.69
CA LEU A 646 13.79 9.72 -22.85
C LEU A 646 14.12 8.27 -22.52
N LYS A 647 13.60 7.75 -21.41
CA LYS A 647 13.87 6.38 -21.05
C LYS A 647 13.38 5.42 -22.13
N LEU A 648 12.33 5.80 -22.86
CA LEU A 648 11.90 4.96 -23.97
C LEU A 648 12.82 5.12 -25.18
N LEU A 649 13.30 6.34 -25.41
CA LEU A 649 14.11 6.59 -26.60
C LEU A 649 15.49 5.95 -26.48
N PHE A 650 16.09 6.01 -25.29
CA PHE A 650 17.45 5.55 -25.09
C PHE A 650 17.52 4.08 -24.69
N LEU A 651 16.40 3.38 -24.71
CA LEU A 651 16.38 1.97 -24.32
C LEU A 651 16.99 1.11 -25.42
N LYS A 652 17.82 0.15 -25.02
CA LYS A 652 18.43 -0.77 -25.98
C LYS A 652 17.33 -1.52 -26.72
N LYS A 653 17.18 -1.23 -28.00
CA LYS A 653 16.18 -1.88 -28.83
C LYS A 653 16.69 -3.14 -29.50
N TYR A 654 17.69 -3.80 -28.90
CA TYR A 654 18.24 -5.00 -29.49
C TYR A 654 18.40 -6.09 -28.44
N ASP B 1 -25.53 10.15 24.42
CA ASP B 1 -25.26 11.42 25.08
C ASP B 1 -24.59 11.17 26.43
N ILE B 2 -24.69 12.15 27.33
CA ILE B 2 -24.05 12.10 28.64
C ILE B 2 -25.13 12.44 29.65
N VAL B 3 -25.54 11.47 30.44
CA VAL B 3 -26.65 11.68 31.37
C VAL B 3 -26.10 12.10 32.72
N LEU B 4 -26.27 13.37 33.05
CA LEU B 4 -25.84 13.92 34.33
C LEU B 4 -26.91 13.62 35.36
N THR B 5 -26.52 12.93 36.43
CA THR B 5 -27.46 12.57 37.47
C THR B 5 -26.99 13.08 38.82
N GLN B 6 -27.93 13.52 39.64
CA GLN B 6 -27.65 14.02 40.98
C GLN B 6 -28.42 13.14 41.95
N SER B 7 -27.79 12.05 42.38
CA SER B 7 -28.46 11.08 43.25
C SER B 7 -29.18 11.71 44.44
N PRO B 8 -28.63 12.71 45.12
CA PRO B 8 -29.44 13.30 46.21
C PRO B 8 -30.43 14.33 45.68
N SER B 9 -31.54 13.84 45.14
CA SER B 9 -32.50 14.69 44.43
C SER B 9 -33.35 15.55 45.36
N SER B 10 -33.03 15.60 46.65
CA SER B 10 -33.70 16.52 47.57
C SER B 10 -32.92 16.52 48.87
N PHE B 11 -32.81 17.66 49.51
CA PHE B 11 -32.10 17.79 50.77
C PHE B 11 -32.99 18.43 51.80
N SER B 12 -32.46 18.58 53.01
CA SER B 12 -33.16 19.23 54.12
C SER B 12 -32.08 19.76 55.07
N VAL B 13 -31.76 21.02 54.93
CA VAL B 13 -30.64 21.62 55.65
C VAL B 13 -31.15 22.64 56.65
N SER B 14 -30.25 23.09 57.50
CA SER B 14 -30.53 24.18 58.42
C SER B 14 -29.60 25.34 58.09
N LEU B 15 -29.97 26.53 58.56
CA LEU B 15 -29.34 27.77 58.13
C LEU B 15 -27.93 27.82 58.73
N GLY B 16 -27.00 27.15 58.08
CA GLY B 16 -25.62 27.17 58.52
C GLY B 16 -24.89 25.87 58.29
N ASP B 17 -25.61 24.83 57.90
CA ASP B 17 -24.99 23.54 57.64
C ASP B 17 -24.31 23.56 56.28
N ARG B 18 -23.02 23.29 56.25
CA ARG B 18 -22.23 23.35 55.03
C ARG B 18 -22.61 22.15 54.16
N VAL B 19 -23.65 22.34 53.36
CA VAL B 19 -24.22 21.26 52.56
C VAL B 19 -23.53 21.21 51.20
N THR B 20 -23.44 20.01 50.65
CA THR B 20 -22.86 19.80 49.34
C THR B 20 -23.83 19.00 48.48
N ILE B 21 -23.68 19.15 47.17
CA ILE B 21 -24.56 18.52 46.19
C ILE B 21 -23.66 17.80 45.19
N SER B 22 -23.95 16.53 44.93
CA SER B 22 -23.10 15.70 44.09
C SER B 22 -23.79 15.45 42.77
N CYS B 23 -23.05 15.66 41.67
CA CYS B 23 -23.61 15.50 40.34
C CYS B 23 -22.66 14.65 39.52
N LYS B 24 -22.79 13.33 39.61
CA LYS B 24 -21.89 12.43 38.92
C LYS B 24 -22.31 12.32 37.46
N ALA B 25 -21.32 12.37 36.56
CA ALA B 25 -21.61 12.33 35.14
C ALA B 25 -21.81 10.87 34.72
N SER B 26 -21.92 10.65 33.42
CA SER B 26 -21.97 9.31 32.85
C SER B 26 -20.93 9.12 31.77
N GLY B 27 -20.02 10.06 31.64
CA GLY B 27 -18.88 9.93 30.75
C GLY B 27 -17.74 10.65 31.40
N TYR B 28 -16.89 11.24 30.58
CA TYR B 28 -15.82 12.07 31.08
C TYR B 28 -16.08 13.50 30.66
N ILE B 29 -16.20 14.40 31.62
CA ILE B 29 -16.56 15.79 31.34
C ILE B 29 -15.35 16.72 31.34
N LEU B 30 -14.32 16.43 32.10
CA LEU B 30 -13.10 17.24 32.12
C LEU B 30 -13.41 18.66 32.55
N ASN B 31 -13.97 18.81 33.74
CA ASN B 31 -14.16 20.10 34.38
C ASN B 31 -14.99 21.06 33.53
N ARG B 32 -15.92 20.54 32.74
CA ARG B 32 -16.79 21.38 31.92
C ARG B 32 -18.21 21.42 32.43
N LEU B 33 -18.41 21.10 33.69
CA LEU B 33 -19.73 21.03 34.30
C LEU B 33 -20.05 22.34 35.01
N ALA B 34 -21.16 22.95 34.65
CA ALA B 34 -21.59 24.23 35.20
C ALA B 34 -22.83 24.06 36.05
N TRP B 35 -22.95 24.85 37.11
CA TRP B 35 -24.07 24.77 38.03
C TRP B 35 -24.96 25.99 37.88
N TYR B 36 -26.26 25.79 37.83
CA TYR B 36 -27.23 26.88 37.82
C TYR B 36 -28.03 26.85 39.09
N GLN B 37 -28.78 27.90 39.34
CA GLN B 37 -29.56 28.02 40.56
C GLN B 37 -30.94 28.58 40.22
N GLN B 38 -31.88 27.71 39.89
CA GLN B 38 -33.21 28.22 39.64
C GLN B 38 -33.87 28.56 40.95
N LYS B 39 -34.59 29.67 40.95
CA LYS B 39 -35.42 30.07 42.08
C LYS B 39 -36.84 29.75 41.74
N PRO B 40 -37.75 29.79 42.69
CA PRO B 40 -39.14 29.42 42.35
C PRO B 40 -39.86 30.50 41.54
N GLY B 41 -39.65 30.46 40.22
CA GLY B 41 -40.41 31.30 39.32
C GLY B 41 -39.57 32.13 38.37
N ASN B 42 -38.27 31.87 38.33
CA ASN B 42 -37.36 32.64 37.50
C ASN B 42 -36.65 31.71 36.53
N ALA B 43 -35.67 32.25 35.84
CA ALA B 43 -34.87 31.47 34.92
C ALA B 43 -33.57 31.06 35.57
N PRO B 44 -33.10 29.85 35.33
CA PRO B 44 -31.83 29.41 35.92
C PRO B 44 -30.71 30.40 35.61
N ARG B 45 -30.12 30.96 36.65
CA ARG B 45 -29.01 31.88 36.49
C ARG B 45 -27.70 31.18 36.83
N LEU B 46 -26.69 31.40 36.00
CA LEU B 46 -25.43 30.68 36.12
C LEU B 46 -24.81 30.90 37.50
N LEU B 47 -24.11 29.89 37.99
CA LEU B 47 -23.53 29.94 39.32
C LEU B 47 -22.05 29.58 39.35
N ILE B 48 -21.62 28.64 38.52
CA ILE B 48 -20.23 28.19 38.49
C ILE B 48 -19.94 27.68 37.09
N SER B 49 -18.85 28.14 36.50
CA SER B 49 -18.43 27.62 35.21
C SER B 49 -17.16 26.82 35.39
N GLY B 50 -16.90 25.92 34.46
CA GLY B 50 -15.70 25.12 34.54
C GLY B 50 -15.58 24.25 35.77
N ALA B 51 -16.62 24.17 36.60
CA ALA B 51 -16.72 23.37 37.81
C ALA B 51 -15.83 23.86 38.94
N THR B 52 -15.06 24.90 38.73
CA THR B 52 -14.19 25.42 39.77
C THR B 52 -14.40 26.90 40.01
N SER B 53 -14.69 27.67 38.97
CA SER B 53 -14.71 29.12 39.06
C SER B 53 -15.97 29.57 39.79
N LEU B 54 -16.23 30.88 39.76
CA LEU B 54 -17.44 31.44 40.31
C LEU B 54 -17.97 32.47 39.33
N GLU B 55 -18.95 33.25 39.78
CA GLU B 55 -19.55 34.28 38.95
C GLU B 55 -19.70 35.55 39.77
N THR B 56 -19.18 36.66 39.23
CA THR B 56 -19.26 37.94 39.90
C THR B 56 -20.70 38.31 40.18
N GLY B 57 -21.04 38.47 41.45
CA GLY B 57 -22.41 38.72 41.85
C GLY B 57 -22.88 37.65 42.80
N PHE B 58 -21.93 36.81 43.23
CA PHE B 58 -22.20 35.70 44.13
C PHE B 58 -21.18 35.72 45.25
N PRO B 59 -21.53 35.19 46.42
CA PRO B 59 -20.59 35.20 47.55
C PRO B 59 -19.41 34.29 47.30
N SER B 60 -18.53 34.17 48.30
CA SER B 60 -17.46 33.18 48.25
C SER B 60 -17.82 31.89 48.97
N ARG B 61 -19.09 31.71 49.33
CA ARG B 61 -19.52 30.45 49.90
C ARG B 61 -19.44 29.33 48.86
N PHE B 62 -20.08 29.51 47.72
CA PHE B 62 -20.14 28.46 46.73
C PHE B 62 -18.76 28.14 46.18
N SER B 63 -18.51 26.87 45.91
CA SER B 63 -17.21 26.43 45.43
C SER B 63 -17.33 25.01 44.91
N GLY B 64 -16.84 24.79 43.70
CA GLY B 64 -16.92 23.49 43.06
C GLY B 64 -15.66 22.68 43.31
N THR B 65 -15.77 21.37 43.17
CA THR B 65 -14.67 20.44 43.42
C THR B 65 -14.71 19.36 42.37
N GLY B 66 -14.01 18.27 42.64
CA GLY B 66 -14.13 17.06 41.86
C GLY B 66 -13.52 17.18 40.48
N SER B 67 -13.25 16.02 39.89
CA SER B 67 -12.69 15.96 38.55
C SER B 67 -12.94 14.58 37.96
N GLY B 68 -12.95 14.53 36.62
CA GLY B 68 -13.18 13.31 35.89
C GLY B 68 -14.64 12.97 35.73
N LYS B 69 -15.26 12.39 36.75
CA LYS B 69 -16.69 12.14 36.73
C LYS B 69 -17.42 12.79 37.88
N ASP B 70 -16.93 12.63 39.10
CA ASP B 70 -17.68 12.95 40.31
C ASP B 70 -17.45 14.40 40.68
N TYR B 71 -18.30 15.29 40.17
CA TYR B 71 -18.23 16.70 40.55
C TYR B 71 -19.20 16.98 41.68
N THR B 72 -18.85 17.96 42.51
CA THR B 72 -19.71 18.34 43.62
C THR B 72 -19.66 19.85 43.84
N LEU B 73 -20.82 20.45 44.05
CA LEU B 73 -20.90 21.80 44.58
C LEU B 73 -20.92 21.72 46.10
N SER B 74 -20.41 22.77 46.74
CA SER B 74 -20.32 22.83 48.20
C SER B 74 -20.71 24.21 48.69
N ILE B 75 -21.96 24.35 49.11
CA ILE B 75 -22.39 25.57 49.80
C ILE B 75 -21.80 25.57 51.19
N SER B 76 -21.37 26.73 51.65
CA SER B 76 -20.77 26.86 52.98
C SER B 76 -21.69 27.70 53.86
N SER B 77 -22.38 27.06 54.81
CA SER B 77 -23.25 27.75 55.77
C SER B 77 -24.32 28.56 55.04
N LEU B 78 -25.21 27.83 54.38
CA LEU B 78 -26.19 28.46 53.50
C LEU B 78 -27.01 29.51 54.25
N GLN B 79 -27.13 30.67 53.63
CA GLN B 79 -27.91 31.76 54.18
C GLN B 79 -29.36 31.61 53.72
N THR B 80 -30.17 32.66 53.89
CA THR B 80 -31.59 32.52 53.66
C THR B 80 -31.96 32.59 52.19
N GLU B 81 -31.21 33.34 51.38
CA GLU B 81 -31.51 33.50 49.97
C GLU B 81 -30.96 32.36 49.13
N ASP B 82 -30.74 31.21 49.74
CA ASP B 82 -30.01 30.12 49.09
C ASP B 82 -30.91 28.97 48.68
N VAL B 83 -32.23 29.11 48.85
CA VAL B 83 -33.15 28.04 48.51
C VAL B 83 -33.31 27.93 46.99
N GLY B 84 -33.96 26.87 46.56
CA GLY B 84 -34.27 26.72 45.16
C GLY B 84 -33.42 25.68 44.48
N THR B 85 -33.97 24.97 43.50
CA THR B 85 -33.30 23.82 42.91
C THR B 85 -31.96 24.22 42.33
N TYR B 86 -31.06 23.25 42.23
CA TYR B 86 -29.72 23.44 41.68
C TYR B 86 -29.48 22.42 40.59
N TYR B 87 -29.29 22.89 39.36
CA TYR B 87 -29.08 22.01 38.22
C TYR B 87 -27.62 22.08 37.81
N CYS B 88 -26.97 20.93 37.68
CA CYS B 88 -25.70 20.88 37.00
C CYS B 88 -25.97 20.78 35.52
N GLN B 89 -24.99 21.08 34.70
CA GLN B 89 -25.19 21.01 33.25
C GLN B 89 -23.85 20.87 32.57
N GLN B 90 -23.51 19.67 32.12
CA GLN B 90 -22.31 19.55 31.34
C GLN B 90 -22.46 20.36 30.06
N TYR B 91 -21.34 20.78 29.50
CA TYR B 91 -21.35 21.42 28.19
C TYR B 91 -20.19 20.92 27.36
N TRP B 92 -19.82 19.66 27.55
CA TRP B 92 -18.72 19.08 26.81
C TRP B 92 -19.20 18.48 25.49
N SER B 93 -20.24 17.65 25.54
CA SER B 93 -20.74 17.02 24.34
C SER B 93 -21.69 17.94 23.61
N THR B 94 -22.32 17.44 22.54
CA THR B 94 -23.15 18.31 21.72
C THR B 94 -24.55 18.51 22.28
N PRO B 95 -25.30 17.45 22.67
CA PRO B 95 -26.56 17.71 23.37
C PRO B 95 -26.28 17.94 24.85
N TRP B 96 -26.44 19.19 25.28
CA TRP B 96 -26.07 19.56 26.63
C TRP B 96 -27.17 19.13 27.57
N THR B 97 -26.87 18.19 28.45
CA THR B 97 -27.87 17.56 29.30
C THR B 97 -27.77 18.09 30.70
N PHE B 98 -28.86 18.64 31.21
CA PHE B 98 -28.89 19.15 32.56
C PHE B 98 -29.05 17.98 33.53
N GLY B 99 -29.38 18.27 34.78
CA GLY B 99 -29.58 17.26 35.78
C GLY B 99 -30.95 17.37 36.40
N GLY B 100 -31.26 16.39 37.27
CA GLY B 100 -32.54 16.38 37.92
C GLY B 100 -32.75 17.57 38.83
N GLY B 101 -31.69 18.05 39.45
CA GLY B 101 -31.79 19.22 40.28
C GLY B 101 -32.35 18.91 41.65
N THR B 102 -31.78 19.48 42.69
CA THR B 102 -32.11 19.12 44.06
C THR B 102 -32.70 20.33 44.77
N LYS B 103 -33.98 20.27 45.10
CA LYS B 103 -34.57 21.31 45.91
C LYS B 103 -33.85 21.41 47.25
N LEU B 104 -34.17 22.44 48.02
CA LEU B 104 -33.63 22.57 49.36
C LEU B 104 -34.74 22.83 50.37
N GLU B 105 -34.67 22.11 51.48
CA GLU B 105 -35.62 22.16 52.58
C GLU B 105 -35.04 22.89 53.78
N ILE B 106 -35.75 23.91 54.23
CA ILE B 106 -35.41 24.64 55.44
C ILE B 106 -36.20 24.05 56.60
N ARG B 107 -35.47 23.55 57.59
CA ARG B 107 -36.02 22.75 58.68
C ARG B 107 -37.24 23.35 59.37
N VAL C 2 -27.71 39.76 25.29
CA VAL C 2 -27.40 40.54 26.47
C VAL C 2 -28.70 40.99 27.14
N GLN C 3 -29.78 41.02 26.39
CA GLN C 3 -31.07 41.41 26.95
C GLN C 3 -32.16 40.82 26.08
N LEU C 4 -32.68 39.65 26.49
CA LEU C 4 -33.62 38.89 25.68
C LEU C 4 -35.04 39.05 26.21
N GLN C 5 -36.00 38.73 25.37
CA GLN C 5 -37.41 38.83 25.71
C GLN C 5 -38.18 37.81 24.89
N GLU C 6 -39.09 37.10 25.54
CA GLU C 6 -39.79 35.96 24.97
C GLU C 6 -41.27 36.27 24.92
N SER C 7 -41.91 36.08 23.76
CA SER C 7 -43.31 36.47 23.63
C SER C 7 -43.94 35.74 22.46
N GLY C 8 -44.95 34.92 22.74
CA GLY C 8 -45.69 34.23 21.70
C GLY C 8 -47.04 33.76 22.18
N PRO C 9 -47.68 32.89 21.39
CA PRO C 9 -49.01 32.37 21.76
C PRO C 9 -48.90 31.42 22.94
N GLY C 10 -49.76 31.61 23.94
CA GLY C 10 -49.72 30.80 25.13
C GLY C 10 -50.70 29.64 25.10
N LEU C 11 -50.96 29.10 23.91
CA LEU C 11 -51.84 27.94 23.75
C LEU C 11 -51.72 27.46 22.31
N VAL C 12 -51.63 26.15 22.11
CA VAL C 12 -51.73 25.59 20.77
C VAL C 12 -52.67 24.39 20.85
N LYS C 13 -52.89 23.74 19.71
CA LYS C 13 -53.57 22.45 19.66
C LYS C 13 -52.60 21.41 19.15
N PRO C 14 -52.81 20.14 19.47
CA PRO C 14 -51.87 19.12 19.01
C PRO C 14 -51.83 19.03 17.49
N SER C 15 -50.72 18.51 16.99
CA SER C 15 -50.46 18.35 15.56
C SER C 15 -50.46 19.67 14.80
N GLN C 16 -50.68 20.79 15.47
CA GLN C 16 -50.47 22.09 14.85
C GLN C 16 -49.02 22.50 15.06
N SER C 17 -48.71 23.77 14.85
CA SER C 17 -47.35 24.26 14.98
C SER C 17 -47.26 25.30 16.09
N LEU C 18 -46.11 25.95 16.20
CA LEU C 18 -45.84 26.85 17.31
C LEU C 18 -44.72 27.81 16.91
N SER C 19 -44.83 29.06 17.35
CA SER C 19 -43.82 30.08 17.10
C SER C 19 -43.66 30.95 18.33
N LEU C 20 -42.45 31.47 18.55
CA LEU C 20 -42.24 32.13 19.83
C LEU C 20 -41.50 33.47 19.80
N THR C 21 -40.70 33.76 18.77
CA THR C 21 -40.30 35.12 18.44
C THR C 21 -39.63 35.83 19.63
N CYS C 22 -38.41 35.41 19.93
CA CYS C 22 -37.63 36.01 21.00
C CYS C 22 -36.81 37.17 20.47
N THR C 23 -37.16 38.40 20.86
CA THR C 23 -36.58 39.61 20.30
C THR C 23 -35.41 40.09 21.14
N VAL C 24 -34.19 39.74 20.72
CA VAL C 24 -32.99 40.23 21.38
C VAL C 24 -32.95 41.74 21.33
N THR C 25 -32.28 42.36 22.31
CA THR C 25 -32.08 43.81 22.30
C THR C 25 -30.76 44.11 22.99
N GLY C 26 -30.09 45.17 22.53
CA GLY C 26 -28.82 45.56 23.11
C GLY C 26 -27.62 44.84 22.56
N PHE C 27 -27.78 44.05 21.50
CA PHE C 27 -26.69 43.26 20.95
C PHE C 27 -27.16 42.70 19.62
N SER C 28 -26.35 42.79 18.59
CA SER C 28 -26.78 42.32 17.28
C SER C 28 -26.57 40.82 17.17
N ILE C 29 -27.65 40.07 17.00
CA ILE C 29 -27.56 38.62 17.04
C ILE C 29 -26.67 38.07 15.95
N THR C 30 -26.33 38.88 14.95
CA THR C 30 -25.39 38.45 13.92
C THR C 30 -23.97 38.88 14.25
N SER C 31 -23.71 39.33 15.47
CA SER C 31 -22.38 39.80 15.79
C SER C 31 -21.51 38.74 16.44
N ASP C 32 -21.86 38.24 17.63
CA ASP C 32 -20.95 37.33 18.32
C ASP C 32 -21.53 35.96 18.64
N TYR C 33 -22.56 35.87 19.47
CA TYR C 33 -22.83 34.64 20.22
C TYR C 33 -23.70 33.67 19.45
N ALA C 34 -23.91 32.49 20.03
CA ALA C 34 -24.91 31.53 19.58
C ALA C 34 -26.11 31.62 20.49
N TRP C 35 -27.30 31.35 19.95
CA TRP C 35 -28.55 31.63 20.66
C TRP C 35 -29.40 30.37 20.73
N ASN C 36 -29.84 30.02 21.95
CA ASN C 36 -30.44 28.73 22.26
C ASN C 36 -31.91 28.87 22.65
N TRP C 37 -32.55 27.72 22.90
CA TRP C 37 -33.97 27.66 23.21
C TRP C 37 -34.29 26.65 24.32
N ILE C 38 -33.61 26.75 25.46
CA ILE C 38 -33.82 25.83 26.57
C ILE C 38 -35.28 25.77 26.96
N ARG C 39 -35.84 24.57 27.04
CA ARG C 39 -37.22 24.39 27.49
C ARG C 39 -37.26 23.55 28.76
N GLN C 40 -38.21 23.84 29.63
CA GLN C 40 -38.31 23.19 30.93
C GLN C 40 -39.70 22.62 31.11
N PHE C 41 -39.79 21.34 31.41
CA PHE C 41 -41.06 20.67 31.55
C PHE C 41 -41.76 21.14 32.81
N PRO C 42 -43.01 20.71 33.05
CA PRO C 42 -43.65 21.10 34.31
C PRO C 42 -43.10 20.38 35.52
N GLY C 43 -42.40 19.27 35.32
CA GLY C 43 -41.76 18.57 36.41
C GLY C 43 -40.38 19.11 36.71
N LYS C 44 -40.10 20.33 36.26
CA LYS C 44 -38.85 21.02 36.53
C LYS C 44 -37.63 20.19 36.14
N LYS C 45 -37.51 19.92 34.85
CA LYS C 45 -36.37 19.19 34.32
C LYS C 45 -36.06 19.72 32.94
N LEU C 46 -34.90 20.35 32.77
CA LEU C 46 -34.64 21.14 31.58
C LEU C 46 -34.23 20.27 30.39
N GLU C 47 -34.55 20.77 29.20
CA GLU C 47 -34.11 20.19 27.94
C GLU C 47 -33.52 21.28 27.08
N TRP C 48 -32.61 20.91 26.18
CA TRP C 48 -31.80 21.92 25.50
C TRP C 48 -32.54 22.59 24.34
N MET C 49 -32.92 21.83 23.32
CA MET C 49 -33.68 22.33 22.18
C MET C 49 -32.89 23.35 21.34
N GLY C 50 -31.72 22.92 20.87
CA GLY C 50 -31.08 23.55 19.72
C GLY C 50 -30.63 24.99 19.83
N TYR C 51 -29.78 25.43 18.91
CA TYR C 51 -29.33 26.82 18.87
C TYR C 51 -29.13 27.24 17.43
N ILE C 52 -29.12 28.55 17.20
CA ILE C 52 -28.78 29.12 15.91
C ILE C 52 -27.52 29.96 16.08
N ASN C 53 -26.48 29.61 15.33
CA ASN C 53 -25.20 30.29 15.48
C ASN C 53 -25.34 31.76 15.07
N PHE C 54 -24.25 32.51 15.20
CA PHE C 54 -24.32 33.91 14.84
C PHE C 54 -24.32 34.12 13.34
N ASP C 55 -23.67 33.23 12.58
CA ASP C 55 -23.65 33.40 11.14
C ASP C 55 -24.94 32.90 10.49
N GLY C 56 -25.56 31.87 11.05
CA GLY C 56 -26.78 31.36 10.48
C GLY C 56 -26.95 29.86 10.64
N GLY C 57 -25.85 29.15 10.91
CA GLY C 57 -25.95 27.72 11.11
C GLY C 57 -26.71 27.36 12.38
N THR C 58 -27.25 26.16 12.41
CA THR C 58 -28.01 25.69 13.54
C THR C 58 -27.60 24.27 13.89
N THR C 59 -27.97 23.83 15.10
CA THR C 59 -27.79 22.46 15.52
C THR C 59 -28.82 22.16 16.60
N TYR C 60 -29.65 21.15 16.37
CA TYR C 60 -30.79 20.85 17.21
C TYR C 60 -30.54 19.61 18.06
N ASN C 61 -31.24 19.55 19.18
CA ASN C 61 -31.16 18.40 20.06
C ASN C 61 -31.65 17.17 19.33
N PRO C 62 -30.82 16.13 19.17
CA PRO C 62 -31.25 14.96 18.38
C PRO C 62 -32.54 14.32 18.85
N SER C 63 -32.91 14.49 20.12
CA SER C 63 -34.20 13.99 20.57
C SER C 63 -35.36 14.70 19.88
N LEU C 64 -35.09 15.80 19.19
CA LEU C 64 -36.09 16.49 18.40
C LEU C 64 -35.74 16.28 16.94
N ARG C 65 -36.33 15.26 16.34
CA ARG C 65 -36.05 14.94 14.95
C ARG C 65 -36.97 15.76 14.07
N GLY C 66 -36.41 16.75 13.39
CA GLY C 66 -37.13 17.51 12.40
C GLY C 66 -38.37 18.22 12.88
N ARG C 67 -38.68 18.09 14.16
CA ARG C 67 -39.83 18.79 14.73
C ARG C 67 -39.51 20.21 15.15
N ILE C 68 -38.25 20.62 15.08
CA ILE C 68 -37.84 21.96 15.46
C ILE C 68 -37.11 22.57 14.28
N SER C 69 -37.27 23.87 14.08
CA SER C 69 -36.49 24.60 13.10
C SER C 69 -36.40 26.05 13.54
N ILE C 70 -35.17 26.53 13.78
CA ILE C 70 -34.93 27.87 14.28
C ILE C 70 -34.47 28.73 13.11
N THR C 71 -35.07 29.90 12.97
CA THR C 71 -34.72 30.85 11.92
C THR C 71 -34.61 32.24 12.52
N ARG C 72 -33.98 33.16 11.78
CA ARG C 72 -33.75 34.50 12.27
C ARG C 72 -34.05 35.53 11.20
N ASP C 73 -34.80 36.56 11.59
CA ASP C 73 -35.08 37.71 10.75
C ASP C 73 -34.19 38.85 11.24
N THR C 74 -32.94 38.82 10.81
CA THR C 74 -31.88 39.63 11.41
C THR C 74 -32.07 41.14 11.22
N SER C 75 -33.11 41.56 10.50
CA SER C 75 -33.33 42.99 10.32
C SER C 75 -33.73 43.65 11.63
N LYS C 76 -34.59 42.99 12.40
CA LYS C 76 -34.97 43.47 13.72
C LYS C 76 -34.37 42.60 14.83
N ASN C 77 -33.26 41.94 14.53
CA ASN C 77 -32.54 41.01 15.41
C ASN C 77 -33.47 40.16 16.26
N GLN C 78 -34.32 39.40 15.59
CA GLN C 78 -35.14 38.38 16.24
C GLN C 78 -34.58 37.01 15.94
N PHE C 79 -35.12 35.99 16.60
CA PHE C 79 -34.89 34.62 16.17
C PHE C 79 -36.03 33.76 16.71
N PHE C 80 -36.63 32.97 15.83
CA PHE C 80 -37.91 32.32 16.07
C PHE C 80 -37.76 30.84 16.32
N LEU C 81 -38.78 30.25 16.95
CA LEU C 81 -38.88 28.81 17.12
C LEU C 81 -40.08 28.33 16.32
N GLN C 82 -39.93 27.18 15.66
CA GLN C 82 -41.01 26.61 14.85
C GLN C 82 -41.06 25.12 15.17
N LEU C 83 -41.93 24.76 16.11
CA LEU C 83 -42.09 23.38 16.57
C LEU C 83 -43.37 22.83 15.94
N ARG C 84 -43.25 21.75 15.19
CA ARG C 84 -44.35 21.22 14.40
C ARG C 84 -44.74 19.83 14.88
N SER C 85 -46.02 19.51 14.69
CA SER C 85 -46.60 18.28 15.21
C SER C 85 -46.37 18.19 16.72
N VAL C 86 -47.01 19.11 17.43
CA VAL C 86 -46.84 19.24 18.87
C VAL C 86 -47.67 18.17 19.56
N THR C 87 -47.01 17.29 20.31
CA THR C 87 -47.71 16.34 21.16
C THR C 87 -48.28 17.08 22.38
N PRO C 88 -49.39 16.65 22.94
CA PRO C 88 -49.94 17.36 24.10
C PRO C 88 -49.14 17.13 25.37
N GLU C 89 -47.95 16.56 25.25
CA GLU C 89 -47.16 16.29 26.44
C GLU C 89 -46.17 17.41 26.74
N ASP C 90 -45.60 18.04 25.71
CA ASP C 90 -44.55 19.03 25.95
C ASP C 90 -45.20 20.37 26.29
N THR C 91 -45.71 20.45 27.50
CA THR C 91 -46.35 21.66 28.00
C THR C 91 -45.34 22.53 28.74
N ALA C 92 -44.21 22.76 28.10
CA ALA C 92 -42.99 23.18 28.78
C ALA C 92 -42.97 24.68 29.05
N THR C 93 -41.77 25.19 29.33
CA THR C 93 -41.45 26.61 29.37
C THR C 93 -40.14 26.82 28.62
N TYR C 94 -39.95 27.95 27.91
CA TYR C 94 -39.00 27.96 26.80
C TYR C 94 -37.81 28.92 26.88
N TYR C 95 -37.87 29.99 27.67
CA TYR C 95 -36.68 30.61 28.27
C TYR C 95 -35.60 31.20 27.37
N CYS C 96 -35.59 30.94 26.06
CA CYS C 96 -34.79 31.72 25.12
C CYS C 96 -33.36 31.99 25.61
N ALA C 97 -32.54 30.95 25.71
CA ALA C 97 -31.22 31.14 26.30
C ALA C 97 -30.21 31.64 25.27
N THR C 98 -29.03 32.03 25.75
CA THR C 98 -27.99 32.63 24.92
C THR C 98 -26.63 32.08 25.27
N PHE C 99 -26.02 31.31 24.37
CA PHE C 99 -24.72 30.72 24.58
C PHE C 99 -23.66 31.82 24.65
N TYR C 100 -22.41 31.42 24.95
CA TYR C 100 -21.26 32.31 24.83
C TYR C 100 -20.20 31.81 23.88
N GLY C 101 -19.86 30.54 23.95
CA GLY C 101 -18.82 30.01 23.06
C GLY C 101 -17.42 29.96 23.58
N ALA C 102 -16.84 31.11 23.90
CA ALA C 102 -15.48 31.13 24.42
C ALA C 102 -15.40 30.98 25.92
N LYS C 103 -16.55 30.79 26.58
CA LYS C 103 -16.59 30.46 27.99
C LYS C 103 -17.48 29.27 28.26
N GLY C 104 -18.58 29.14 27.53
CA GLY C 104 -19.32 27.90 27.45
C GLY C 104 -20.66 27.85 28.14
N THR C 105 -21.06 28.91 28.83
CA THR C 105 -22.21 28.83 29.70
C THR C 105 -23.33 29.74 29.23
N LEU C 106 -24.57 29.25 29.37
CA LEU C 106 -25.74 29.99 28.93
C LEU C 106 -25.91 31.19 29.86
N ASP C 107 -25.20 32.26 29.52
CA ASP C 107 -25.09 33.40 30.42
C ASP C 107 -26.44 34.07 30.65
N TYR C 108 -27.14 34.45 29.59
CA TYR C 108 -28.35 35.26 29.70
C TYR C 108 -29.56 34.47 29.22
N TRP C 109 -30.67 34.65 29.92
CA TRP C 109 -31.89 33.90 29.66
C TRP C 109 -33.06 34.86 29.52
N GLY C 110 -34.07 34.42 28.81
CA GLY C 110 -35.25 35.21 28.61
C GLY C 110 -36.13 35.17 29.82
N GLN C 111 -37.43 35.33 29.63
CA GLN C 111 -38.38 35.24 30.73
C GLN C 111 -39.28 34.02 30.66
N GLY C 112 -39.33 33.34 29.52
CA GLY C 112 -40.07 32.11 29.38
C GLY C 112 -41.56 32.32 29.25
N THR C 113 -42.17 31.65 28.27
CA THR C 113 -43.61 31.58 28.15
C THR C 113 -44.06 30.17 28.50
N SER C 114 -45.35 30.01 28.79
CA SER C 114 -45.88 28.73 29.23
C SER C 114 -46.80 28.20 28.14
N VAL C 115 -46.20 27.49 27.18
CA VAL C 115 -46.98 26.89 26.10
C VAL C 115 -47.81 25.76 26.69
N THR C 116 -49.09 25.68 26.33
CA THR C 116 -49.97 24.63 26.80
C THR C 116 -50.62 23.94 25.61
N VAL C 117 -50.27 22.68 25.39
CA VAL C 117 -50.61 21.98 24.16
C VAL C 117 -51.85 21.14 24.45
N SER C 118 -53.03 21.72 24.25
CA SER C 118 -54.25 21.01 24.60
C SER C 118 -55.40 21.53 23.74
N SER C 119 -56.53 20.84 23.80
CA SER C 119 -57.72 21.25 23.09
C SER C 119 -58.34 22.48 23.72
N ASP D 1 12.06 32.77 10.99
CA ASP D 1 11.21 33.47 11.93
C ASP D 1 10.32 34.46 11.22
N ILE D 2 9.83 35.46 11.96
CA ILE D 2 8.91 36.46 11.44
C ILE D 2 9.48 37.81 11.81
N VAL D 3 9.95 38.56 10.84
CA VAL D 3 10.61 39.83 11.12
C VAL D 3 9.61 40.95 11.05
N LEU D 4 9.26 41.50 12.21
CA LEU D 4 8.32 42.60 12.32
C LEU D 4 9.09 43.89 12.09
N THR D 5 8.69 44.67 11.10
CA THR D 5 9.35 45.91 10.78
C THR D 5 8.38 47.07 10.81
N GLN D 6 8.85 48.21 11.29
CA GLN D 6 8.07 49.43 11.38
C GLN D 6 8.77 50.48 10.55
N SER D 7 8.45 50.53 9.26
CA SER D 7 9.12 51.43 8.33
C SER D 7 9.23 52.86 8.84
N PRO D 8 8.22 53.45 9.47
CA PRO D 8 8.44 54.81 9.99
C PRO D 8 9.16 54.79 11.34
N SER D 9 10.47 54.59 11.31
CA SER D 9 11.25 54.37 12.53
C SER D 9 11.48 55.63 13.35
N SER D 10 10.81 56.74 13.02
CA SER D 10 10.85 57.94 13.85
C SER D 10 9.79 58.89 13.33
N PHE D 11 9.13 59.60 14.24
CA PHE D 11 8.11 60.55 13.87
C PHE D 11 8.41 61.90 14.48
N SER D 12 7.53 62.87 14.19
CA SER D 12 7.64 64.22 14.73
C SER D 12 6.23 64.81 14.72
N VAL D 13 5.56 64.74 15.85
CA VAL D 13 4.16 65.10 15.93
C VAL D 13 4.00 66.34 16.80
N SER D 14 2.80 66.90 16.79
CA SER D 14 2.44 67.99 17.68
C SER D 14 1.31 67.53 18.58
N LEU D 15 1.13 68.24 19.69
CA LEU D 15 0.26 67.78 20.76
C LEU D 15 -1.18 67.89 20.31
N GLY D 16 -1.62 66.87 19.57
CA GLY D 16 -3.00 66.82 19.12
C GLY D 16 -3.17 66.19 17.76
N ASP D 17 -2.06 65.94 17.06
CA ASP D 17 -2.13 65.31 15.76
C ASP D 17 -2.37 63.82 15.91
N ARG D 18 -3.44 63.33 15.30
CA ARG D 18 -3.82 61.93 15.43
C ARG D 18 -2.85 61.09 14.61
N VAL D 19 -1.74 60.72 15.25
CA VAL D 19 -0.65 60.01 14.58
C VAL D 19 -0.87 58.51 14.66
N THR D 20 -0.41 57.81 13.64
CA THR D 20 -0.50 56.36 13.58
C THR D 20 0.88 55.79 13.28
N ILE D 21 1.07 54.53 13.70
CA ILE D 21 2.34 53.82 13.56
C ILE D 21 2.04 52.51 12.88
N SER D 22 2.79 52.21 11.82
CA SER D 22 2.53 51.02 11.01
C SER D 22 3.61 49.99 11.27
N CYS D 23 3.19 48.75 11.51
CA CYS D 23 4.11 47.66 11.82
C CYS D 23 3.75 46.47 10.95
N LYS D 24 4.29 46.43 9.74
CA LYS D 24 3.97 45.36 8.81
C LYS D 24 4.78 44.12 9.14
N ALA D 25 4.13 42.97 9.15
CA ALA D 25 4.81 41.72 9.50
C ALA D 25 5.58 41.21 8.28
N SER D 26 6.12 40.01 8.41
CA SER D 26 6.77 39.32 7.31
C SER D 26 6.19 37.93 7.09
N GLY D 27 5.09 37.64 7.75
CA GLY D 27 4.37 36.41 7.52
C GLY D 27 2.92 36.72 7.75
N TYR D 28 2.18 35.75 8.26
CA TYR D 28 0.80 35.96 8.63
C TYR D 28 0.69 35.84 10.14
N ILE D 29 0.22 36.89 10.79
CA ILE D 29 0.18 36.94 12.24
C ILE D 29 -1.21 36.66 12.79
N LEU D 30 -2.27 36.98 12.06
CA LEU D 30 -3.63 36.69 12.48
C LEU D 30 -3.95 37.37 13.81
N ASN D 31 -3.82 38.70 13.82
CA ASN D 31 -4.25 39.53 14.94
C ASN D 31 -3.59 39.13 16.25
N ARG D 32 -2.35 38.65 16.21
CA ARG D 32 -1.62 38.28 17.41
C ARG D 32 -0.49 39.24 17.71
N LEU D 33 -0.56 40.45 17.18
CA LEU D 33 0.49 41.46 17.34
C LEU D 33 0.14 42.39 18.47
N ALA D 34 1.05 42.51 19.44
CA ALA D 34 0.86 43.34 20.61
C ALA D 34 1.80 44.53 20.60
N TRP D 35 1.34 45.66 21.12
CA TRP D 35 2.12 46.88 21.14
C TRP D 35 2.57 47.20 22.57
N TYR D 36 3.83 47.57 22.74
CA TYR D 36 4.34 48.02 24.02
C TYR D 36 4.72 49.48 23.91
N GLN D 37 4.99 50.10 25.05
CA GLN D 37 5.31 51.52 25.09
C GLN D 37 6.46 51.74 26.06
N GLN D 38 7.69 51.62 25.57
CA GLN D 38 8.79 51.91 26.46
C GLN D 38 8.90 53.41 26.66
N LYS D 39 9.19 53.80 27.90
CA LYS D 39 9.48 55.18 28.24
C LYS D 39 10.98 55.30 28.39
N PRO D 40 11.51 56.50 28.46
CA PRO D 40 12.98 56.60 28.57
C PRO D 40 13.50 56.22 29.96
N GLY D 41 13.70 54.92 30.16
CA GLY D 41 14.35 54.45 31.36
C GLY D 41 13.61 53.39 32.13
N ASN D 42 12.52 52.87 31.56
CA ASN D 42 11.68 51.89 32.21
C ASN D 42 11.62 50.63 31.37
N ALA D 43 10.75 49.72 31.78
CA ALA D 43 10.55 48.50 31.03
C ALA D 43 9.31 48.62 30.16
N PRO D 44 9.36 48.08 28.95
CA PRO D 44 8.19 48.13 28.06
C PRO D 44 6.95 47.60 28.75
N ARG D 45 5.94 48.44 28.88
CA ARG D 45 4.68 48.05 29.47
C ARG D 45 3.63 47.82 28.38
N LEU D 46 2.88 46.73 28.51
CA LEU D 46 1.95 46.33 27.47
C LEU D 46 0.93 47.44 27.20
N LEU D 47 0.49 47.53 25.96
CA LEU D 47 -0.43 48.58 25.54
C LEU D 47 -1.64 48.05 24.80
N ILE D 48 -1.49 47.01 23.99
CA ILE D 48 -2.58 46.46 23.20
C ILE D 48 -2.29 44.99 22.97
N SER D 49 -3.26 44.13 23.24
CA SER D 49 -3.11 42.72 22.94
C SER D 49 -4.04 42.37 21.80
N GLY D 50 -3.71 41.28 21.10
CA GLY D 50 -4.56 40.85 20.01
C GLY D 50 -4.72 41.85 18.88
N ALA D 51 -4.00 42.96 18.91
CA ALA D 51 -3.99 44.01 17.89
C ALA D 51 -5.26 44.83 17.87
N THR D 52 -6.24 44.51 18.67
CA THR D 52 -7.48 45.25 18.69
C THR D 52 -7.86 45.74 20.08
N SER D 53 -7.55 44.98 21.11
CA SER D 53 -8.03 45.26 22.45
C SER D 53 -7.25 46.42 23.05
N LEU D 54 -7.43 46.65 24.34
CA LEU D 54 -6.67 47.65 25.07
C LEU D 54 -6.27 47.05 26.41
N GLU D 55 -5.76 47.89 27.30
CA GLU D 55 -5.33 47.46 28.62
C GLU D 55 -5.84 48.43 29.65
N THR D 56 -6.52 47.91 30.67
CA THR D 56 -7.07 48.73 31.73
C THR D 56 -5.95 49.52 32.41
N GLY D 57 -6.06 50.84 32.36
CA GLY D 57 -5.02 51.70 32.87
C GLY D 57 -4.52 52.62 31.78
N PHE D 58 -5.21 52.58 30.65
CA PHE D 58 -4.86 53.37 29.47
C PHE D 58 -6.10 54.07 28.95
N PRO D 59 -5.93 55.21 28.27
CA PRO D 59 -7.09 55.94 27.78
C PRO D 59 -7.81 55.20 26.67
N SER D 60 -8.82 55.81 26.09
CA SER D 60 -9.45 55.28 24.89
C SER D 60 -8.90 55.90 23.62
N ARG D 61 -7.81 56.63 23.71
CA ARG D 61 -7.16 57.15 22.51
C ARG D 61 -6.59 56.02 21.68
N PHE D 62 -5.74 55.20 22.28
CA PHE D 62 -5.06 54.15 21.55
C PHE D 62 -6.05 53.13 21.01
N SER D 63 -5.78 52.62 19.81
CA SER D 63 -6.67 51.68 19.15
C SER D 63 -5.96 51.06 17.98
N GLY D 64 -5.99 49.73 17.92
CA GLY D 64 -5.32 48.99 16.86
C GLY D 64 -6.25 48.69 15.71
N THR D 65 -5.68 48.43 14.55
CA THR D 65 -6.44 48.18 13.33
C THR D 65 -5.75 47.07 12.55
N GLY D 66 -6.10 46.94 11.29
CA GLY D 66 -5.38 46.10 10.37
C GLY D 66 -5.58 44.62 10.64
N SER D 67 -5.27 43.82 9.62
CA SER D 67 -5.39 42.37 9.71
C SER D 67 -4.55 41.72 8.62
N GLY D 68 -4.15 40.48 8.89
CA GLY D 68 -3.33 39.71 7.97
C GLY D 68 -1.85 40.00 8.09
N LYS D 69 -1.39 41.09 7.49
CA LYS D 69 -0.02 41.53 7.64
C LYS D 69 0.10 42.94 8.19
N ASP D 70 -0.62 43.88 7.61
CA ASP D 70 -0.39 45.31 7.85
C ASP D 70 -1.18 45.77 9.06
N TYR D 71 -0.56 45.69 10.23
CA TYR D 71 -1.19 46.20 11.44
C TYR D 71 -0.73 47.62 11.71
N THR D 72 -1.59 48.40 12.34
CA THR D 72 -1.26 49.78 12.68
C THR D 72 -1.87 50.17 14.03
N LEU D 73 -1.07 50.84 14.84
CA LEU D 73 -1.59 51.53 16.01
C LEU D 73 -1.98 52.94 15.60
N SER D 74 -2.96 53.51 16.30
CA SER D 74 -3.46 54.85 15.98
C SER D 74 -3.70 55.62 17.27
N ILE D 75 -2.74 56.45 17.65
CA ILE D 75 -2.93 57.39 18.74
C ILE D 75 -3.86 58.49 18.27
N SER D 76 -4.77 58.93 19.14
CA SER D 76 -5.72 59.99 18.79
C SER D 76 -5.41 61.23 19.63
N SER D 77 -4.85 62.26 19.00
CA SER D 77 -4.55 63.53 19.65
C SER D 77 -3.66 63.32 20.86
N LEU D 78 -2.42 62.90 20.57
CA LEU D 78 -1.50 62.51 21.63
C LEU D 78 -1.32 63.61 22.66
N GLN D 79 -1.41 63.23 23.93
CA GLN D 79 -1.22 64.15 25.03
C GLN D 79 0.26 64.19 25.38
N THR D 80 0.59 64.76 26.53
CA THR D 80 1.99 65.01 26.84
C THR D 80 2.71 63.76 27.33
N GLU D 81 2.01 62.86 28.03
CA GLU D 81 2.63 61.66 28.58
C GLU D 81 2.74 60.55 27.56
N ASP D 82 2.75 60.88 26.28
CA ASP D 82 2.63 59.90 25.22
C ASP D 82 3.94 59.67 24.49
N VAL D 83 5.03 60.29 24.93
CA VAL D 83 6.31 60.14 24.25
C VAL D 83 6.92 58.78 24.55
N GLY D 84 7.98 58.44 23.82
CA GLY D 84 8.70 57.22 24.09
C GLY D 84 8.45 56.17 23.03
N THR D 85 9.45 55.34 22.75
CA THR D 85 9.40 54.42 21.63
C THR D 85 8.22 53.48 21.77
N TYR D 86 7.75 52.95 20.64
CA TYR D 86 6.64 52.01 20.59
C TYR D 86 7.06 50.78 19.82
N TYR D 87 7.09 49.64 20.49
CA TYR D 87 7.50 48.39 19.86
C TYR D 87 6.27 47.52 19.63
N CYS D 88 6.11 47.03 18.42
CA CYS D 88 5.16 45.96 18.18
C CYS D 88 5.86 44.66 18.49
N GLN D 89 5.11 43.60 18.70
CA GLN D 89 5.71 42.31 19.02
C GLN D 89 4.74 41.21 18.68
N GLN D 90 4.95 40.52 17.57
CA GLN D 90 4.14 39.35 17.32
C GLN D 90 4.35 38.33 18.41
N TYR D 91 3.36 37.49 18.62
CA TYR D 91 3.53 36.36 19.52
C TYR D 91 2.89 35.11 18.94
N TRP D 92 2.91 35.01 17.62
CA TRP D 92 2.31 33.88 16.93
C TRP D 92 3.31 32.74 16.82
N SER D 93 4.50 33.02 16.31
CA SER D 93 5.50 31.98 16.12
C SER D 93 6.27 31.74 17.42
N THR D 94 7.29 30.88 17.35
CA THR D 94 7.98 30.52 18.59
C THR D 94 9.03 31.54 19.01
N PRO D 95 9.94 32.01 18.15
CA PRO D 95 10.79 33.13 18.56
C PRO D 95 10.06 34.44 18.37
N TRP D 96 9.66 35.06 19.48
CA TRP D 96 8.83 36.25 19.41
C TRP D 96 9.71 37.44 19.10
N THR D 97 9.50 38.03 17.94
CA THR D 97 10.37 39.07 17.42
C THR D 97 9.71 40.43 17.57
N PHE D 98 10.37 41.33 18.27
CA PHE D 98 9.85 42.67 18.44
C PHE D 98 10.12 43.48 17.17
N GLY D 99 9.96 44.79 17.23
CA GLY D 99 10.20 45.66 16.11
C GLY D 99 11.22 46.73 16.45
N GLY D 100 11.58 47.48 15.42
CA GLY D 100 12.56 48.54 15.61
C GLY D 100 12.11 49.61 16.57
N GLY D 101 10.82 49.90 16.58
CA GLY D 101 10.28 50.86 17.52
C GLY D 101 10.52 52.28 17.06
N THR D 102 9.52 53.14 17.21
CA THR D 102 9.55 54.48 16.65
C THR D 102 9.49 55.49 17.77
N LYS D 103 10.57 56.23 17.98
CA LYS D 103 10.53 57.31 18.94
C LYS D 103 9.48 58.33 18.54
N LEU D 104 9.22 59.29 19.40
CA LEU D 104 8.30 60.38 19.08
C LEU D 104 8.94 61.72 19.39
N GLU D 105 8.81 62.64 18.44
CA GLU D 105 9.33 64.00 18.48
C GLU D 105 8.24 65.02 18.74
N ILE D 106 8.41 65.81 19.78
CA ILE D 106 7.53 66.92 20.11
C ILE D 106 8.11 68.19 19.49
N ARG D 107 7.34 68.80 18.59
CA ARG D 107 7.80 69.90 17.75
C ARG D 107 8.49 71.04 18.48
N VAL E 2 3.92 38.16 38.83
CA VAL E 2 3.06 39.27 39.20
C VAL E 2 3.90 40.38 39.83
N GLN E 3 5.08 40.04 40.33
CA GLN E 3 5.96 41.02 40.93
C GLN E 3 7.37 40.49 40.88
N LEU E 4 8.13 40.89 39.85
CA LEU E 4 9.45 40.33 39.58
C LEU E 4 10.53 41.32 40.00
N GLN E 5 11.74 40.79 40.17
CA GLN E 5 12.88 41.59 40.56
C GLN E 5 14.14 40.93 40.02
N GLU E 6 15.03 41.74 39.47
CA GLU E 6 16.19 41.27 38.73
C GLU E 6 17.45 41.76 39.45
N SER E 7 18.39 40.85 39.71
CA SER E 7 19.56 41.24 40.49
C SER E 7 20.69 40.25 40.26
N GLY E 8 21.81 40.73 39.71
CA GLY E 8 22.97 39.91 39.51
C GLY E 8 24.24 40.73 39.33
N PRO E 9 25.31 40.07 38.88
CA PRO E 9 26.57 40.79 38.68
C PRO E 9 26.49 41.73 37.49
N GLY E 10 26.93 42.97 37.69
CA GLY E 10 26.87 43.97 36.65
C GLY E 10 28.14 44.10 35.84
N LEU E 11 28.87 43.00 35.69
CA LEU E 11 30.10 42.98 34.89
C LEU E 11 30.53 41.54 34.73
N VAL E 12 30.94 41.13 33.53
CA VAL E 12 31.58 39.86 33.34
C VAL E 12 32.81 40.07 32.47
N LYS E 13 33.53 38.99 32.18
CA LYS E 13 34.59 38.99 31.19
C LYS E 13 34.20 38.06 30.05
N PRO E 14 34.73 38.25 28.86
CA PRO E 14 34.35 37.39 27.74
C PRO E 14 34.74 35.94 28.01
N SER E 15 34.04 35.04 27.32
CA SER E 15 34.24 33.59 27.43
C SER E 15 34.00 33.05 28.84
N GLN E 16 33.65 33.91 29.79
CA GLN E 16 33.19 33.43 31.09
C GLN E 16 31.68 33.21 31.01
N SER E 17 31.03 33.08 32.15
CA SER E 17 29.60 32.82 32.21
C SER E 17 28.89 33.98 32.91
N LEU E 18 27.59 33.79 33.15
CA LEU E 18 26.75 34.86 33.66
C LEU E 18 25.52 34.25 34.34
N SER E 19 25.08 34.87 35.44
CA SER E 19 23.90 34.43 36.17
C SER E 19 23.14 35.65 36.67
N LEU E 20 21.81 35.54 36.75
CA LEU E 20 21.05 36.76 37.01
C LEU E 20 19.96 36.66 38.06
N THR E 21 19.41 35.48 38.34
CA THR E 21 18.67 35.22 39.58
C THR E 21 17.52 36.21 39.79
N CYS E 22 16.47 36.03 38.98
CA CYS E 22 15.27 36.87 39.08
C CYS E 22 14.29 36.26 40.05
N THR E 23 14.09 36.90 41.21
CA THR E 23 13.31 36.35 42.31
C THR E 23 11.87 36.81 42.24
N VAL E 24 11.00 35.98 41.67
CA VAL E 24 9.57 36.29 41.64
C VAL E 24 9.04 36.42 43.05
N THR E 25 7.97 37.20 43.22
CA THR E 25 7.30 37.31 44.50
C THR E 25 5.82 37.57 44.26
N GLY E 26 4.99 37.08 45.17
CA GLY E 26 3.55 37.26 45.06
C GLY E 26 2.86 36.25 44.17
N PHE E 27 3.55 35.20 43.73
CA PHE E 27 2.98 34.23 42.80
C PHE E 27 3.94 33.08 42.72
N SER E 28 3.45 31.85 42.81
CA SER E 28 4.34 30.69 42.79
C SER E 28 4.68 30.34 41.36
N ILE E 29 5.96 30.43 41.00
CA ILE E 29 6.37 30.24 39.62
C ILE E 29 6.03 28.85 39.11
N THR E 30 5.71 27.91 39.98
CA THR E 30 5.28 26.60 39.57
C THR E 30 3.78 26.48 39.49
N SER E 31 3.06 27.61 39.56
CA SER E 31 1.61 27.54 39.55
C SER E 31 1.01 27.73 38.17
N ASP E 32 1.18 28.89 37.54
CA ASP E 32 0.47 29.11 36.28
C ASP E 32 1.37 29.43 35.08
N TYR E 33 2.12 30.53 35.10
CA TYR E 33 2.57 31.15 33.86
C TYR E 33 3.89 30.58 33.38
N ALA E 34 4.31 31.04 32.19
CA ALA E 34 5.66 30.82 31.68
C ALA E 34 6.49 32.07 31.90
N TRP E 35 7.78 31.91 32.09
CA TRP E 35 8.63 33.01 32.55
C TRP E 35 9.81 33.20 31.59
N ASN E 36 10.00 34.43 31.11
CA ASN E 36 10.88 34.76 30.00
C ASN E 36 12.06 35.61 30.45
N TRP E 37 12.96 35.90 29.50
CA TRP E 37 14.18 36.64 29.76
C TRP E 37 14.52 37.65 28.66
N ILE E 38 13.55 38.51 28.30
CA ILE E 38 13.76 39.50 27.24
C ILE E 38 15.01 40.33 27.51
N ARG E 39 15.90 40.43 26.53
CA ARG E 39 17.08 41.27 26.64
C ARG E 39 17.07 42.35 25.58
N GLN E 40 17.58 43.53 25.92
CA GLN E 40 17.55 44.69 25.04
C GLN E 40 18.95 45.23 24.85
N PHE E 41 19.38 45.37 23.61
CA PHE E 41 20.73 45.82 23.32
C PHE E 41 20.87 47.29 23.66
N PRO E 42 22.07 47.87 23.55
CA PRO E 42 22.18 49.31 23.82
C PRO E 42 21.61 50.16 22.71
N GLY E 43 21.41 49.61 21.52
CA GLY E 43 20.76 50.33 20.44
C GLY E 43 19.25 50.23 20.49
N LYS E 44 18.71 49.87 21.64
CA LYS E 44 17.28 49.82 21.89
C LYS E 44 16.56 48.95 20.85
N LYS E 45 16.89 47.67 20.87
CA LYS E 45 16.24 46.70 19.98
C LYS E 45 16.16 45.38 20.72
N LEU E 46 14.94 44.93 21.02
CA LEU E 46 14.75 43.83 21.96
C LEU E 46 14.99 42.48 21.31
N GLU E 47 15.42 41.52 22.13
CA GLU E 47 15.57 40.13 21.75
C GLU E 47 14.88 39.28 22.81
N TRP E 48 14.42 38.08 22.41
CA TRP E 48 13.54 37.32 23.29
C TRP E 48 14.29 36.56 24.38
N MET E 49 15.17 35.63 24.00
CA MET E 49 15.99 34.87 24.95
C MET E 49 15.15 33.97 25.87
N GLY E 50 14.36 33.09 25.26
CA GLY E 50 13.88 31.89 25.92
C GLY E 50 12.95 32.04 27.12
N TYR E 51 12.28 30.95 27.50
CA TYR E 51 11.44 30.96 28.68
C TYR E 51 11.49 29.60 29.35
N ILE E 52 11.11 29.56 30.62
CA ILE E 52 10.94 28.31 31.36
C ILE E 52 9.48 28.17 31.75
N ASN E 53 8.85 27.10 31.30
CA ASN E 53 7.44 26.91 31.55
C ASN E 53 7.17 26.77 33.05
N PHE E 54 5.90 26.63 33.41
CA PHE E 54 5.59 26.51 34.83
C PHE E 54 5.92 25.12 35.36
N ASP E 55 5.83 24.09 34.52
CA ASP E 55 6.15 22.75 35.00
C ASP E 55 7.64 22.50 35.05
N GLY E 56 8.40 23.09 34.14
CA GLY E 56 9.83 22.89 34.12
C GLY E 56 10.44 22.88 32.74
N GLY E 57 9.63 22.68 31.71
CA GLY E 57 10.13 22.71 30.35
C GLY E 57 10.59 24.10 29.95
N THR E 58 11.49 24.14 28.96
CA THR E 58 12.03 25.39 28.48
C THR E 58 12.04 25.40 26.96
N THR E 59 12.20 26.59 26.39
CA THR E 59 12.39 26.75 24.95
C THR E 59 13.14 28.05 24.71
N TYR E 60 14.28 27.96 24.05
CA TYR E 60 15.19 29.09 23.91
C TYR E 60 15.15 29.64 22.49
N ASN E 61 15.51 30.90 22.37
CA ASN E 61 15.58 31.56 21.07
C ASN E 61 16.63 30.86 20.23
N PRO E 62 16.28 30.31 19.06
CA PRO E 62 17.27 29.56 18.27
C PRO E 62 18.52 30.33 17.93
N SER E 63 18.46 31.66 17.89
CA SER E 63 19.68 32.43 17.69
C SER E 63 20.66 32.25 18.83
N LEU E 64 20.24 31.67 19.93
CA LEU E 64 21.13 31.35 21.04
C LEU E 64 21.26 29.84 21.08
N ARG E 65 22.30 29.33 20.42
CA ARG E 65 22.54 27.89 20.37
C ARG E 65 23.32 27.48 21.60
N GLY E 66 22.65 26.79 22.51
CA GLY E 66 23.31 26.18 23.65
C GLY E 66 24.07 27.14 24.55
N ARG E 67 24.06 28.43 24.23
CA ARG E 67 24.72 29.42 25.06
C ARG E 67 23.83 29.91 26.20
N ILE E 68 22.58 29.49 26.25
CA ILE E 68 21.65 29.87 27.30
C ILE E 68 21.10 28.61 27.94
N SER E 69 20.86 28.66 29.24
CA SER E 69 20.16 27.59 29.93
C SER E 69 19.49 28.15 31.16
N ILE E 70 18.16 28.05 31.20
CA ILE E 70 17.35 28.62 32.28
C ILE E 70 16.97 27.49 33.21
N THR E 71 17.14 27.70 34.51
CA THR E 71 16.79 26.74 35.54
C THR E 71 16.06 27.45 36.67
N ARG E 72 15.38 26.67 37.51
CA ARG E 72 14.59 27.24 38.59
C ARG E 72 14.80 26.47 39.88
N ASP E 73 15.04 27.21 40.96
CA ASP E 73 15.13 26.66 42.31
C ASP E 73 13.81 26.99 43.00
N THR E 74 12.80 26.18 42.73
CA THR E 74 11.42 26.50 43.06
C THR E 74 11.13 26.58 44.55
N SER E 75 12.12 26.30 45.40
CA SER E 75 11.90 26.40 46.84
C SER E 75 11.69 27.84 47.26
N LYS E 76 12.47 28.75 46.71
CA LYS E 76 12.31 30.18 46.95
C LYS E 76 11.77 30.91 45.73
N ASN E 77 11.06 30.18 44.88
CA ASN E 77 10.49 30.64 43.61
C ASN E 77 11.39 31.63 42.88
N GLN E 78 12.60 31.17 42.56
CA GLN E 78 13.50 31.92 41.70
C GLN E 78 13.54 31.27 40.32
N PHE E 79 14.19 31.94 39.38
CA PHE E 79 14.55 31.27 38.12
C PHE E 79 15.72 32.03 37.52
N PHE E 80 16.77 31.30 37.14
CA PHE E 80 18.08 31.86 36.85
C PHE E 80 18.37 31.85 35.36
N LEU E 81 19.32 32.69 34.95
CA LEU E 81 19.86 32.68 33.61
C LEU E 81 21.31 32.26 33.66
N GLN E 82 21.74 31.44 32.71
CA GLN E 82 23.12 30.97 32.65
C GLN E 82 23.58 31.08 31.22
N LEU E 83 24.24 32.19 30.91
CA LEU E 83 24.73 32.49 29.56
C LEU E 83 26.23 32.25 29.55
N ARG E 84 26.68 31.37 28.66
CA ARG E 84 28.06 30.90 28.67
C ARG E 84 28.76 31.29 27.37
N SER E 85 30.07 31.49 27.47
CA SER E 85 30.88 32.01 26.37
C SER E 85 30.30 33.33 25.88
N VAL E 86 30.38 34.33 26.75
CA VAL E 86 29.78 35.64 26.50
C VAL E 86 30.72 36.41 25.57
N THR E 87 30.21 36.78 24.40
CA THR E 87 30.94 37.68 23.51
C THR E 87 30.88 39.10 24.08
N PRO E 88 31.88 39.93 23.85
CA PRO E 88 31.83 41.29 24.41
C PRO E 88 30.85 42.19 23.69
N GLU E 89 30.00 41.61 22.84
CA GLU E 89 29.06 42.44 22.10
C GLU E 89 27.71 42.54 22.80
N ASP E 90 27.26 41.48 23.47
CA ASP E 90 25.91 41.50 24.04
C ASP E 90 25.96 42.20 25.39
N THR E 91 26.08 43.52 25.33
CA THR E 91 26.11 44.35 26.52
C THR E 91 24.71 44.84 26.88
N ALA E 92 23.78 43.90 26.94
CA ALA E 92 22.37 44.19 26.83
C ALA E 92 21.76 44.63 28.16
N THR E 93 20.44 44.59 28.24
CA THR E 93 19.67 44.70 29.46
C THR E 93 18.60 43.59 29.46
N TYR E 94 18.25 43.03 30.62
CA TYR E 94 17.68 41.68 30.62
C TYR E 94 16.26 41.50 31.17
N TYR E 95 15.74 42.39 32.00
CA TYR E 95 14.30 42.65 32.11
C TYR E 95 13.37 41.54 32.57
N CYS E 96 13.79 40.28 32.62
CA CYS E 96 13.05 39.23 33.34
C CYS E 96 11.55 39.26 33.10
N ALA E 97 11.13 38.96 31.87
CA ALA E 97 9.71 39.10 31.55
C ALA E 97 8.91 37.88 31.96
N THR E 98 7.58 38.00 31.88
CA THR E 98 6.66 36.96 32.35
C THR E 98 5.51 36.78 31.38
N PHE E 99 5.47 35.64 30.70
CA PHE E 99 4.43 35.34 29.73
C PHE E 99 3.08 35.20 30.44
N TYR E 100 2.02 35.02 29.65
CA TYR E 100 0.71 34.66 30.19
C TYR E 100 0.17 33.36 29.64
N GLY E 101 0.26 33.13 28.35
CA GLY E 101 -0.25 31.91 27.78
C GLY E 101 -1.65 31.92 27.22
N ALA E 102 -2.64 32.19 28.05
CA ALA E 102 -4.02 32.23 27.57
C ALA E 102 -4.42 33.59 27.07
N LYS E 103 -3.51 34.55 27.07
CA LYS E 103 -3.73 35.85 26.44
C LYS E 103 -2.61 36.23 25.51
N GLY E 104 -1.36 35.90 25.87
CA GLY E 104 -0.26 35.89 24.93
C GLY E 104 0.78 36.97 25.10
N THR E 105 0.61 37.88 26.05
CA THR E 105 1.44 39.07 26.09
C THR E 105 2.28 39.10 27.37
N LEU E 106 3.51 39.58 27.22
CA LEU E 106 4.44 39.63 28.34
C LEU E 106 3.95 40.71 29.29
N ASP E 107 3.03 40.31 30.17
CA ASP E 107 2.32 41.28 31.00
C ASP E 107 3.25 42.02 31.94
N TYR E 108 4.03 41.30 32.74
CA TYR E 108 4.83 41.90 33.81
C TYR E 108 6.32 41.74 33.52
N TRP E 109 7.07 42.79 33.83
CA TRP E 109 8.50 42.83 33.54
C TRP E 109 9.27 43.21 34.79
N GLY E 110 10.53 42.81 34.81
CA GLY E 110 11.37 43.12 35.94
C GLY E 110 11.86 44.54 35.86
N GLN E 111 13.05 44.79 36.41
CA GLN E 111 13.63 46.12 36.34
C GLN E 111 14.86 46.19 35.47
N GLY E 112 15.45 45.05 35.12
CA GLY E 112 16.57 44.99 34.21
C GLY E 112 17.88 45.38 34.84
N THR E 113 18.90 44.58 34.62
CA THR E 113 20.27 44.92 34.98
C THR E 113 21.06 45.20 33.72
N SER E 114 22.19 45.87 33.86
CA SER E 114 22.99 46.29 32.72
C SER E 114 24.28 45.49 32.72
N VAL E 115 24.25 44.31 32.11
CA VAL E 115 25.43 43.47 32.02
C VAL E 115 26.41 44.15 31.05
N THR E 116 27.68 44.20 31.42
CA THR E 116 28.72 44.80 30.58
C THR E 116 29.84 43.79 30.39
N VAL E 117 30.01 43.30 29.17
CA VAL E 117 30.88 42.18 28.89
C VAL E 117 32.20 42.75 28.38
N SER E 118 33.13 43.02 29.30
CA SER E 118 34.38 43.65 28.90
C SER E 118 35.46 43.28 29.90
N SER E 119 36.70 43.61 29.55
CA SER E 119 37.84 43.38 30.44
C SER E 119 37.81 44.33 31.61
N ALA F 35 6.91 -57.78 -6.58
CA ALA F 35 6.23 -56.65 -5.98
C ALA F 35 5.13 -56.13 -6.88
N VAL F 36 4.21 -57.00 -7.25
CA VAL F 36 3.21 -56.65 -8.26
C VAL F 36 2.18 -55.69 -7.70
N LEU F 37 1.52 -54.97 -8.60
CA LEU F 37 0.51 -53.98 -8.24
C LEU F 37 -0.71 -54.11 -9.14
N SER F 38 -1.24 -55.33 -9.24
CA SER F 38 -2.38 -55.60 -10.09
C SER F 38 -3.55 -54.69 -9.74
N PHE F 39 -3.86 -53.75 -10.63
CA PHE F 39 -5.06 -52.94 -10.51
C PHE F 39 -6.13 -53.50 -11.43
N HIS F 40 -7.37 -53.04 -11.23
CA HIS F 40 -8.52 -53.69 -11.89
C HIS F 40 -9.71 -52.73 -11.88
N ASN F 41 -10.12 -52.28 -13.06
CA ASN F 41 -11.35 -51.51 -13.26
C ASN F 41 -11.37 -50.22 -12.43
N ILE F 42 -10.45 -49.32 -12.77
CA ILE F 42 -10.37 -48.01 -12.12
C ILE F 42 -11.33 -47.10 -12.86
N CYS F 43 -12.59 -47.12 -12.43
CA CYS F 43 -13.61 -46.22 -12.97
C CYS F 43 -13.73 -45.01 -12.05
N TYR F 44 -12.85 -44.05 -12.27
CA TYR F 44 -12.84 -42.84 -11.46
C TYR F 44 -13.80 -41.82 -12.03
N ARG F 45 -14.57 -41.18 -11.14
CA ARG F 45 -15.51 -40.15 -11.53
C ARG F 45 -15.36 -38.96 -10.59
N VAL F 46 -14.91 -37.84 -11.13
CA VAL F 46 -14.73 -36.63 -10.32
C VAL F 46 -16.07 -35.99 -10.04
N LYS F 61 -19.24 -37.37 -14.58
CA LYS F 61 -17.97 -36.66 -14.73
C LYS F 61 -16.79 -37.59 -14.59
N GLU F 62 -16.57 -38.46 -15.59
CA GLU F 62 -15.47 -39.40 -15.53
C GLU F 62 -14.15 -38.67 -15.72
N ILE F 63 -13.05 -39.39 -15.51
CA ILE F 63 -11.80 -39.07 -16.19
C ILE F 63 -11.11 -40.34 -16.67
N LEU F 64 -11.69 -41.49 -16.34
CA LEU F 64 -11.10 -42.78 -16.68
C LEU F 64 -12.23 -43.77 -17.01
N SER F 65 -11.83 -44.98 -17.39
CA SER F 65 -12.77 -46.04 -17.75
C SER F 65 -12.25 -47.35 -17.17
N ASN F 66 -12.86 -48.46 -17.57
CA ASN F 66 -12.55 -49.77 -17.00
C ASN F 66 -11.16 -50.22 -17.47
N ILE F 67 -10.15 -49.60 -16.86
CA ILE F 67 -8.76 -49.97 -17.10
C ILE F 67 -8.46 -51.30 -16.44
N ASN F 68 -7.55 -52.06 -17.03
CA ASN F 68 -7.06 -53.29 -16.43
C ASN F 68 -5.54 -53.27 -16.44
N GLY F 69 -4.95 -54.41 -16.11
CA GLY F 69 -3.53 -54.62 -16.28
C GLY F 69 -2.76 -54.53 -14.97
N ILE F 70 -1.67 -55.29 -14.93
CA ILE F 70 -0.82 -55.34 -13.75
C ILE F 70 0.55 -54.79 -14.09
N MET F 71 1.30 -54.40 -13.06
CA MET F 71 2.58 -53.72 -13.22
C MET F 71 3.63 -54.47 -12.42
N LYS F 72 4.19 -55.52 -13.03
CA LYS F 72 5.17 -56.37 -12.38
C LYS F 72 6.45 -55.60 -12.11
N PRO F 73 7.39 -56.18 -11.35
CA PRO F 73 8.66 -55.50 -11.11
C PRO F 73 9.41 -55.20 -12.39
N GLY F 74 10.34 -54.25 -12.29
CA GLY F 74 11.10 -53.83 -13.44
C GLY F 74 11.10 -52.33 -13.57
N LEU F 75 10.55 -51.81 -14.65
CA LEU F 75 10.40 -50.35 -14.78
C LEU F 75 9.18 -50.09 -15.66
N ASN F 76 8.02 -49.97 -15.03
CA ASN F 76 6.78 -49.78 -15.76
C ASN F 76 6.60 -48.32 -16.15
N ALA F 77 5.88 -48.10 -17.25
CA ALA F 77 5.78 -46.76 -17.80
C ALA F 77 4.33 -46.42 -18.12
N ILE F 78 4.06 -45.13 -18.27
CA ILE F 78 2.73 -44.62 -18.61
C ILE F 78 2.94 -43.58 -19.70
N LEU F 79 2.81 -43.96 -20.98
CA LEU F 79 3.19 -43.04 -22.04
C LEU F 79 2.18 -41.92 -22.24
N GLY F 80 1.01 -42.25 -22.76
CA GLY F 80 -0.11 -41.33 -22.87
C GLY F 80 0.16 -40.06 -23.66
N PRO F 81 -0.90 -39.29 -23.89
CA PRO F 81 -0.73 -37.94 -24.45
C PRO F 81 -0.39 -36.98 -23.33
N THR F 82 -0.39 -35.67 -23.63
CA THR F 82 -0.01 -34.68 -22.63
C THR F 82 -0.87 -34.78 -21.38
N GLY F 83 -2.19 -34.76 -21.52
CA GLY F 83 -3.04 -34.75 -20.35
C GLY F 83 -4.30 -35.58 -20.45
N GLY F 84 -4.28 -36.65 -21.24
CA GLY F 84 -5.48 -37.43 -21.41
C GLY F 84 -5.92 -38.16 -20.15
N GLY F 85 -5.21 -39.22 -19.79
CA GLY F 85 -5.51 -39.91 -18.55
C GLY F 85 -4.25 -40.32 -17.82
N LYS F 86 -3.10 -40.04 -18.45
CA LYS F 86 -1.83 -40.55 -17.98
C LYS F 86 -1.52 -40.10 -16.56
N SER F 87 -1.39 -38.79 -16.36
CA SER F 87 -1.09 -38.29 -15.03
C SER F 87 -2.21 -38.62 -14.05
N SER F 88 -3.46 -38.60 -14.51
CA SER F 88 -4.56 -38.91 -13.62
C SER F 88 -4.52 -40.37 -13.19
N LEU F 89 -4.16 -41.28 -14.10
CA LEU F 89 -4.06 -42.68 -13.71
C LEU F 89 -2.92 -42.88 -12.72
N LEU F 90 -1.78 -42.24 -12.95
CA LEU F 90 -0.69 -42.39 -12.00
C LEU F 90 -1.02 -41.76 -10.65
N ASP F 91 -1.89 -40.76 -10.61
CA ASP F 91 -2.32 -40.23 -9.33
C ASP F 91 -3.25 -41.19 -8.62
N VAL F 92 -4.28 -41.67 -9.33
CA VAL F 92 -5.26 -42.54 -8.69
C VAL F 92 -4.61 -43.83 -8.25
N LEU F 93 -3.59 -44.29 -8.95
CA LEU F 93 -2.94 -45.54 -8.60
C LEU F 93 -1.96 -45.39 -7.46
N ALA F 94 -1.58 -44.17 -7.11
CA ALA F 94 -0.63 -43.91 -6.04
C ALA F 94 -1.31 -43.44 -4.75
N ALA F 95 -2.60 -43.74 -4.59
CA ALA F 95 -3.36 -43.32 -3.42
C ALA F 95 -3.27 -41.82 -3.21
N ARG F 96 -3.50 -41.06 -4.28
CA ARG F 96 -3.41 -39.60 -4.22
C ARG F 96 -4.70 -38.90 -4.59
N LYS F 97 -5.76 -39.63 -4.92
CA LYS F 97 -7.06 -39.05 -5.20
C LYS F 97 -8.06 -39.52 -4.15
N ASP F 98 -8.99 -38.66 -3.80
CA ASP F 98 -9.96 -39.03 -2.77
C ASP F 98 -10.79 -40.21 -3.25
N PRO F 99 -10.92 -41.28 -2.46
CA PRO F 99 -11.48 -42.53 -2.97
C PRO F 99 -12.94 -42.42 -3.40
N SER F 100 -13.66 -41.38 -2.99
CA SER F 100 -15.08 -41.30 -3.33
C SER F 100 -15.30 -41.23 -4.83
N GLY F 101 -14.30 -40.80 -5.60
CA GLY F 101 -14.40 -40.81 -7.04
C GLY F 101 -13.98 -42.13 -7.66
N LEU F 102 -13.06 -42.83 -7.01
CA LEU F 102 -12.68 -44.16 -7.46
C LEU F 102 -13.78 -45.15 -7.14
N SER F 103 -14.14 -45.96 -8.13
CA SER F 103 -15.17 -46.99 -7.99
C SER F 103 -14.67 -48.33 -8.49
N GLY F 104 -13.47 -48.72 -8.08
CA GLY F 104 -12.95 -50.02 -8.44
C GLY F 104 -12.01 -50.58 -7.38
N ASP F 105 -11.36 -51.70 -7.66
CA ASP F 105 -10.45 -52.31 -6.71
C ASP F 105 -9.03 -52.29 -7.25
N VAL F 106 -8.08 -52.02 -6.37
CA VAL F 106 -6.66 -52.19 -6.67
C VAL F 106 -6.12 -53.21 -5.70
N LEU F 107 -4.93 -53.72 -5.98
CA LEU F 107 -4.32 -54.75 -5.18
C LEU F 107 -2.85 -54.44 -5.00
N ILE F 108 -2.24 -55.08 -4.01
CA ILE F 108 -0.81 -54.95 -3.75
C ILE F 108 -0.32 -56.35 -3.42
N ASN F 109 0.22 -57.05 -4.40
CA ASN F 109 0.73 -58.41 -4.21
C ASN F 109 -0.34 -59.36 -3.70
N GLY F 110 -1.60 -58.94 -3.70
CA GLY F 110 -2.70 -59.76 -3.24
C GLY F 110 -3.43 -59.25 -2.00
N ALA F 111 -3.11 -58.06 -1.51
CA ALA F 111 -3.76 -57.51 -0.33
C ALA F 111 -4.25 -56.09 -0.59
N PRO F 112 -5.54 -55.84 -0.45
CA PRO F 112 -6.16 -54.59 -0.96
C PRO F 112 -5.87 -53.32 -0.16
N ARG F 113 -4.74 -52.70 -0.47
CA ARG F 113 -4.41 -51.37 0.01
C ARG F 113 -4.35 -51.28 1.53
N PRO F 114 -3.31 -51.82 2.16
CA PRO F 114 -3.18 -51.69 3.61
C PRO F 114 -3.23 -50.23 4.05
N ALA F 115 -3.61 -50.02 5.30
CA ALA F 115 -3.81 -48.66 5.80
C ALA F 115 -2.53 -47.84 5.72
N ASN F 116 -1.43 -48.38 6.23
CA ASN F 116 -0.14 -47.69 6.15
C ASN F 116 0.52 -47.90 4.79
N PHE F 117 -0.23 -47.60 3.74
CA PHE F 117 0.27 -47.82 2.38
C PHE F 117 1.34 -46.81 2.02
N LYS F 118 1.00 -45.53 2.09
CA LYS F 118 1.98 -44.49 1.79
C LYS F 118 3.18 -44.56 2.72
N CYS F 119 3.03 -45.21 3.87
CA CYS F 119 4.18 -45.43 4.74
C CYS F 119 5.21 -46.32 4.08
N ASN F 120 4.81 -47.08 3.06
CA ASN F 120 5.71 -47.97 2.35
C ASN F 120 5.65 -47.74 0.85
N SER F 121 5.48 -46.49 0.42
CA SER F 121 5.40 -46.16 -0.98
C SER F 121 5.88 -44.73 -1.16
N GLY F 122 6.92 -44.55 -1.92
CA GLY F 122 7.32 -43.21 -2.28
C GLY F 122 6.60 -42.73 -3.51
N TYR F 123 6.53 -41.43 -3.67
CA TYR F 123 5.93 -40.85 -4.86
C TYR F 123 6.57 -39.49 -5.05
N VAL F 124 7.49 -39.39 -5.99
CA VAL F 124 8.27 -38.18 -6.14
C VAL F 124 7.55 -37.25 -7.10
N VAL F 125 7.33 -36.01 -6.67
CA VAL F 125 6.53 -35.09 -7.48
C VAL F 125 7.30 -34.70 -8.73
N GLN F 126 6.56 -34.26 -9.76
CA GLN F 126 7.20 -33.90 -11.02
C GLN F 126 8.12 -32.70 -10.83
N ASP F 127 7.56 -31.56 -10.46
CA ASP F 127 8.35 -30.36 -10.22
C ASP F 127 9.11 -30.55 -8.92
N ASP F 128 10.18 -29.79 -8.73
CA ASP F 128 10.97 -29.92 -7.52
C ASP F 128 10.12 -29.62 -6.30
N VAL F 129 10.39 -30.33 -5.21
CA VAL F 129 9.82 -30.03 -3.91
C VAL F 129 10.87 -29.86 -2.84
N VAL F 130 12.13 -30.21 -3.12
CA VAL F 130 13.18 -30.11 -2.12
C VAL F 130 13.40 -28.66 -1.75
N MET F 131 13.72 -28.41 -0.48
CA MET F 131 14.01 -27.06 -0.03
C MET F 131 15.38 -26.68 -0.55
N GLY F 132 15.41 -25.69 -1.45
CA GLY F 132 16.67 -25.32 -2.08
C GLY F 132 17.66 -24.69 -1.12
N THR F 133 17.15 -23.94 -0.14
CA THR F 133 18.06 -23.24 0.77
C THR F 133 18.85 -24.22 1.62
N LEU F 134 18.24 -25.32 2.03
CA LEU F 134 18.98 -26.32 2.77
C LEU F 134 19.96 -27.03 1.86
N THR F 135 20.80 -27.85 2.45
CA THR F 135 21.81 -28.62 1.72
C THR F 135 21.44 -30.09 1.70
N VAL F 136 21.95 -30.78 0.68
CA VAL F 136 21.44 -32.10 0.33
C VAL F 136 21.44 -33.04 1.52
N ARG F 137 22.55 -33.11 2.24
CA ARG F 137 22.62 -34.04 3.37
C ARG F 137 21.57 -33.72 4.41
N GLU F 138 21.30 -32.43 4.64
CA GLU F 138 20.31 -32.06 5.64
C GLU F 138 18.90 -32.26 5.13
N ASN F 139 18.68 -32.14 3.81
CA ASN F 139 17.37 -32.50 3.27
C ASN F 139 17.09 -33.98 3.43
N LEU F 140 18.08 -34.82 3.16
CA LEU F 140 17.90 -36.25 3.37
C LEU F 140 17.64 -36.55 4.83
N GLN F 141 18.40 -35.95 5.74
CA GLN F 141 18.08 -36.10 7.16
C GLN F 141 16.67 -35.64 7.51
N PHE F 142 16.21 -34.52 6.96
CA PHE F 142 14.90 -34.05 7.35
C PHE F 142 13.83 -35.01 6.86
N SER F 143 14.03 -35.60 5.68
CA SER F 143 13.12 -36.63 5.22
C SER F 143 13.22 -37.88 6.07
N ALA F 144 14.37 -38.14 6.67
CA ALA F 144 14.52 -39.36 7.45
C ALA F 144 14.04 -39.20 8.88
N ALA F 145 14.02 -37.99 9.41
CA ALA F 145 13.70 -37.80 10.82
C ALA F 145 12.20 -37.80 11.08
N LEU F 146 11.40 -37.57 10.06
CA LEU F 146 9.96 -37.47 10.24
C LEU F 146 9.20 -38.71 9.81
N ARG F 147 9.68 -39.44 8.82
CA ARG F 147 8.84 -40.47 8.25
C ARG F 147 9.22 -41.89 8.63
N LEU F 148 10.46 -42.16 8.99
CA LEU F 148 10.85 -43.50 9.40
C LEU F 148 10.86 -43.58 10.92
N ALA F 149 10.63 -44.79 11.44
CA ALA F 149 10.37 -44.97 12.86
C ALA F 149 11.54 -44.49 13.70
N THR F 150 11.23 -43.72 14.74
CA THR F 150 12.25 -43.16 15.63
C THR F 150 12.56 -44.06 16.81
N THR F 151 12.33 -45.37 16.68
CA THR F 151 12.83 -46.30 17.68
C THR F 151 14.31 -46.57 17.52
N MET F 152 14.80 -46.54 16.29
CA MET F 152 16.23 -46.72 16.03
C MET F 152 16.96 -45.43 16.39
N THR F 153 18.29 -45.50 16.51
CA THR F 153 19.08 -44.35 16.95
C THR F 153 19.53 -43.56 15.74
N ASN F 154 20.11 -42.39 16.01
CA ASN F 154 20.54 -41.50 14.94
C ASN F 154 21.68 -42.12 14.14
N HIS F 155 22.34 -43.11 14.74
CA HIS F 155 23.56 -43.68 14.17
C HIS F 155 23.24 -44.43 12.87
N GLU F 156 22.40 -45.46 12.98
CA GLU F 156 21.96 -46.22 11.82
C GLU F 156 21.22 -45.35 10.83
N LYS F 157 20.65 -44.24 11.29
CA LYS F 157 20.02 -43.32 10.37
C LYS F 157 21.04 -42.66 9.46
N ASN F 158 22.08 -42.05 10.02
CA ASN F 158 23.16 -41.57 9.16
C ASN F 158 23.78 -42.67 8.31
N GLU F 159 23.84 -43.90 8.84
CA GLU F 159 24.37 -45.01 8.05
C GLU F 159 23.53 -45.24 6.81
N ARG F 160 22.21 -45.31 6.97
CA ARG F 160 21.31 -45.44 5.83
C ARG F 160 21.43 -44.24 4.90
N ILE F 161 21.71 -43.06 5.44
CA ILE F 161 21.86 -41.89 4.58
C ILE F 161 23.05 -42.06 3.65
N ASN F 162 24.20 -42.48 4.19
CA ASN F 162 25.33 -42.76 3.30
C ASN F 162 25.02 -43.91 2.34
N ARG F 163 24.29 -44.92 2.81
CA ARG F 163 23.92 -46.02 1.91
C ARG F 163 23.13 -45.50 0.72
N VAL F 164 22.21 -44.58 0.97
CA VAL F 164 21.39 -44.02 -0.10
C VAL F 164 22.24 -43.15 -1.01
N ILE F 165 23.08 -42.29 -0.45
CA ILE F 165 23.85 -41.38 -1.30
C ILE F 165 24.94 -42.09 -2.09
N GLN F 166 25.27 -43.33 -1.75
CA GLN F 166 26.03 -44.15 -2.71
C GLN F 166 25.17 -44.93 -3.68
N GLU F 167 24.06 -45.54 -3.24
CA GLU F 167 23.20 -46.24 -4.19
C GLU F 167 22.58 -45.27 -5.19
N LEU F 168 22.67 -43.97 -4.92
CA LEU F 168 22.23 -42.88 -5.77
C LEU F 168 23.41 -41.91 -5.77
N GLY F 169 24.32 -42.08 -6.73
CA GLY F 169 25.62 -41.44 -6.63
C GLY F 169 25.57 -39.93 -6.47
N LEU F 170 25.84 -39.46 -5.24
CA LEU F 170 25.82 -38.02 -5.00
C LEU F 170 26.90 -37.56 -4.01
N ASP F 171 27.77 -38.44 -3.50
CA ASP F 171 28.90 -37.96 -2.69
C ASP F 171 29.74 -36.97 -3.47
N LYS F 172 29.54 -36.92 -4.78
CA LYS F 172 29.91 -35.77 -5.58
C LYS F 172 29.67 -34.47 -4.82
N VAL F 173 28.44 -34.26 -4.36
CA VAL F 173 28.02 -32.97 -3.80
C VAL F 173 27.27 -33.13 -2.49
N ALA F 174 27.64 -34.15 -1.70
CA ALA F 174 26.86 -34.56 -0.55
C ALA F 174 26.74 -33.49 0.53
N ASP F 175 27.30 -32.31 0.32
CA ASP F 175 27.04 -31.18 1.21
C ASP F 175 26.84 -29.87 0.47
N SER F 176 26.78 -29.86 -0.85
CA SER F 176 26.58 -28.62 -1.58
C SER F 176 25.20 -28.06 -1.31
N LYS F 177 25.04 -26.79 -1.63
CA LYS F 177 23.74 -26.16 -1.53
C LYS F 177 22.98 -26.34 -2.83
N VAL F 178 21.67 -26.45 -2.70
CA VAL F 178 20.78 -26.64 -3.84
C VAL F 178 20.24 -25.31 -4.34
N GLY F 179 19.68 -24.51 -3.43
CA GLY F 179 19.36 -23.13 -3.75
C GLY F 179 18.14 -22.91 -4.63
N THR F 180 17.46 -21.79 -4.43
CA THR F 180 16.27 -21.44 -5.20
C THR F 180 16.47 -20.21 -6.06
N GLN F 181 16.76 -19.07 -5.44
CA GLN F 181 16.74 -17.77 -6.10
C GLN F 181 18.12 -17.13 -6.16
N PHE F 182 18.73 -16.97 -4.98
CA PHE F 182 19.91 -16.13 -4.80
C PHE F 182 21.20 -16.94 -4.73
N ILE F 183 21.12 -18.26 -4.74
CA ILE F 183 22.30 -19.11 -4.81
C ILE F 183 21.88 -20.41 -5.45
N ARG F 184 22.72 -20.93 -6.35
CA ARG F 184 22.27 -22.05 -7.17
C ARG F 184 23.36 -23.11 -7.29
N GLY F 185 23.91 -23.56 -6.15
CA GLY F 185 25.01 -24.51 -6.13
C GLY F 185 24.96 -25.66 -7.11
N VAL F 186 23.95 -26.51 -7.04
CA VAL F 186 23.84 -27.65 -7.94
C VAL F 186 22.76 -27.35 -8.98
N SER F 187 22.70 -28.20 -9.99
CA SER F 187 21.80 -28.03 -11.12
C SER F 187 20.67 -29.04 -11.05
N GLY F 188 19.80 -29.01 -12.06
CA GLY F 188 18.66 -29.89 -12.08
C GLY F 188 19.03 -31.37 -12.04
N GLY F 189 20.15 -31.72 -12.68
CA GLY F 189 20.58 -33.11 -12.70
C GLY F 189 20.76 -33.71 -11.33
N GLU F 190 21.16 -32.92 -10.35
CA GLU F 190 21.24 -33.37 -8.97
C GLU F 190 19.98 -33.05 -8.17
N ARG F 191 19.22 -32.04 -8.61
CA ARG F 191 17.97 -31.71 -7.94
C ARG F 191 17.00 -32.86 -8.04
N LYS F 192 16.78 -33.38 -9.26
CA LYS F 192 15.89 -34.52 -9.41
C LYS F 192 16.46 -35.76 -8.74
N ARG F 193 17.78 -35.87 -8.68
CA ARG F 193 18.38 -37.03 -8.02
C ARG F 193 18.11 -37.01 -6.53
N THR F 194 18.27 -35.85 -5.89
CA THR F 194 17.98 -35.79 -4.46
C THR F 194 16.49 -35.86 -4.21
N SER F 195 15.65 -35.43 -5.16
CA SER F 195 14.22 -35.62 -4.99
C SER F 195 13.86 -37.10 -5.06
N ILE F 196 14.54 -37.85 -5.92
CA ILE F 196 14.31 -39.29 -5.99
C ILE F 196 14.80 -39.95 -4.71
N GLY F 197 15.90 -39.46 -4.15
CA GLY F 197 16.41 -40.05 -2.93
C GLY F 197 15.54 -39.74 -1.72
N MET F 198 15.02 -38.51 -1.65
CA MET F 198 14.32 -38.03 -0.46
C MET F 198 13.24 -38.98 0.01
N GLU F 199 12.77 -39.86 -0.87
CA GLU F 199 11.77 -40.87 -0.50
C GLU F 199 12.34 -42.28 -0.53
N LEU F 200 13.65 -42.42 -0.61
CA LEU F 200 14.27 -43.74 -0.58
C LEU F 200 14.93 -44.08 0.75
N ILE F 201 14.79 -43.24 1.76
CA ILE F 201 15.30 -43.61 3.07
C ILE F 201 14.38 -44.64 3.72
N THR F 202 13.07 -44.46 3.57
CA THR F 202 12.14 -45.45 4.09
C THR F 202 12.22 -46.79 3.36
N ASP F 203 12.75 -46.81 2.14
CA ASP F 203 12.91 -48.00 1.32
C ASP F 203 11.56 -48.65 1.03
N PRO F 204 10.73 -48.03 0.20
CA PRO F 204 9.49 -48.70 -0.22
C PRO F 204 9.74 -49.62 -1.41
N SER F 205 8.88 -50.63 -1.55
CA SER F 205 9.01 -51.56 -2.65
C SER F 205 8.27 -51.09 -3.89
N ILE F 206 7.51 -50.02 -3.79
CA ILE F 206 6.74 -49.47 -4.91
C ILE F 206 7.08 -48.00 -5.00
N LEU F 207 8.03 -47.65 -5.86
CA LEU F 207 8.51 -46.28 -5.96
C LEU F 207 7.74 -45.56 -7.05
N PHE F 208 6.54 -45.11 -6.71
CA PHE F 208 5.77 -44.28 -7.63
C PHE F 208 6.58 -43.05 -8.03
N LEU F 209 6.26 -42.50 -9.19
CA LEU F 209 7.13 -41.52 -9.82
C LEU F 209 6.39 -40.89 -10.98
N ASP F 210 6.27 -39.57 -11.06
CA ASP F 210 5.55 -38.97 -12.18
C ASP F 210 6.42 -38.01 -12.97
N GLU F 211 6.42 -38.17 -14.29
CA GLU F 211 7.19 -37.36 -15.21
C GLU F 211 8.59 -37.06 -14.69
N PRO F 212 9.45 -38.05 -14.60
CA PRO F 212 10.80 -37.81 -14.13
C PRO F 212 11.52 -36.78 -14.98
N THR F 213 11.46 -36.95 -16.30
CA THR F 213 12.19 -36.08 -17.21
C THR F 213 11.20 -35.15 -17.92
N THR F 214 10.91 -34.04 -17.27
CA THR F 214 10.26 -32.90 -17.91
C THR F 214 10.96 -31.66 -17.37
N GLY F 215 11.83 -31.08 -18.18
CA GLY F 215 12.71 -30.04 -17.74
C GLY F 215 14.18 -30.41 -17.73
N LEU F 216 14.51 -31.67 -18.00
CA LEU F 216 15.88 -32.11 -18.19
C LEU F 216 16.07 -32.54 -19.64
N ASP F 217 17.12 -32.03 -20.27
CA ASP F 217 17.47 -32.47 -21.61
C ASP F 217 18.53 -33.56 -21.56
N SER F 218 19.00 -33.94 -22.75
CA SER F 218 19.38 -35.33 -23.04
C SER F 218 20.38 -35.92 -22.05
N SER F 219 21.43 -35.17 -21.69
CA SER F 219 22.52 -35.79 -20.95
C SER F 219 22.05 -36.25 -19.57
N THR F 220 21.64 -35.32 -18.71
CA THR F 220 21.16 -35.70 -17.39
C THR F 220 19.91 -36.57 -17.49
N ALA F 221 19.15 -36.42 -18.56
CA ALA F 221 17.99 -37.27 -18.76
C ALA F 221 18.38 -38.73 -18.84
N ASN F 222 19.29 -39.06 -19.77
CA ASN F 222 19.79 -40.42 -19.87
C ASN F 222 20.45 -40.84 -18.56
N ALA F 223 21.07 -39.89 -17.86
CA ALA F 223 21.67 -40.23 -16.57
C ALA F 223 20.63 -40.76 -15.61
N VAL F 224 19.57 -39.99 -15.36
CA VAL F 224 18.58 -40.40 -14.38
C VAL F 224 17.82 -41.63 -14.85
N LEU F 225 17.58 -41.76 -16.16
CA LEU F 225 16.83 -42.92 -16.63
C LEU F 225 17.63 -44.20 -16.48
N LEU F 226 18.92 -44.18 -16.85
CA LEU F 226 19.75 -45.35 -16.60
C LEU F 226 19.90 -45.59 -15.11
N LEU F 227 19.88 -44.54 -14.30
CA LEU F 227 19.91 -44.74 -12.86
C LEU F 227 18.68 -45.50 -12.40
N LEU F 228 17.50 -45.13 -12.92
CA LEU F 228 16.29 -45.86 -12.62
C LEU F 228 16.44 -47.32 -13.04
N LYS F 229 16.90 -47.53 -14.28
CA LYS F 229 17.09 -48.89 -14.78
C LYS F 229 17.95 -49.71 -13.84
N ARG F 230 19.04 -49.12 -13.36
CA ARG F 230 19.96 -49.86 -12.51
C ARG F 230 19.35 -50.16 -11.17
N MET F 231 18.97 -49.12 -10.41
CA MET F 231 18.46 -49.33 -9.06
C MET F 231 17.07 -49.93 -9.06
N SER F 232 16.52 -50.29 -10.23
CA SER F 232 15.26 -51.02 -10.28
C SER F 232 15.38 -52.39 -9.65
N LYS F 233 16.15 -53.29 -10.28
CA LYS F 233 16.18 -54.68 -9.78
C LYS F 233 17.12 -54.92 -8.67
N GLN F 234 17.23 -54.00 -7.73
CA GLN F 234 17.28 -54.38 -6.33
C GLN F 234 15.89 -54.71 -5.79
N GLY F 235 14.91 -54.86 -6.69
CA GLY F 235 13.55 -55.23 -6.34
C GLY F 235 12.64 -54.05 -6.08
N ARG F 236 12.51 -53.15 -7.05
CA ARG F 236 11.77 -51.92 -6.86
C ARG F 236 10.94 -51.65 -8.10
N THR F 237 9.62 -51.57 -7.96
CA THR F 237 8.69 -51.56 -9.08
C THR F 237 8.30 -50.12 -9.43
N ILE F 238 9.26 -49.39 -10.02
CA ILE F 238 9.01 -48.02 -10.42
C ILE F 238 7.81 -47.98 -11.36
N ILE F 239 7.01 -46.93 -11.27
CA ILE F 239 5.87 -46.72 -12.15
C ILE F 239 5.83 -45.25 -12.51
N PHE F 240 6.33 -44.90 -13.69
CA PHE F 240 6.52 -43.50 -14.02
C PHE F 240 5.86 -43.15 -15.35
N SER F 241 5.34 -41.94 -15.40
CA SER F 241 4.57 -41.45 -16.54
C SER F 241 5.45 -40.46 -17.30
N ILE F 242 6.15 -40.94 -18.31
CA ILE F 242 7.10 -40.12 -19.07
C ILE F 242 6.36 -39.36 -20.16
N HIS F 243 6.99 -38.30 -20.68
CA HIS F 243 6.34 -37.37 -21.61
C HIS F 243 7.14 -37.29 -22.90
N GLN F 244 6.72 -38.06 -23.91
CA GLN F 244 7.41 -38.19 -25.20
C GLN F 244 8.87 -38.55 -25.01
N PRO F 245 9.19 -39.79 -24.68
CA PRO F 245 10.58 -40.20 -24.51
C PRO F 245 11.25 -40.40 -25.87
N ARG F 246 12.53 -40.73 -25.80
CA ARG F 246 13.36 -41.07 -26.93
C ARG F 246 13.39 -42.58 -27.11
N TYR F 247 14.11 -43.04 -28.13
CA TYR F 247 14.29 -44.47 -28.29
C TYR F 247 15.47 -44.98 -27.47
N SER F 248 16.45 -44.12 -27.19
CA SER F 248 17.61 -44.58 -26.44
C SER F 248 17.23 -44.97 -25.02
N ILE F 249 16.19 -44.35 -24.47
CA ILE F 249 15.65 -44.74 -23.18
C ILE F 249 14.48 -45.70 -23.31
N PHE F 250 14.01 -45.96 -24.54
CA PHE F 250 12.98 -46.94 -24.81
C PHE F 250 13.49 -48.37 -24.74
N LYS F 251 14.75 -48.56 -24.35
CA LYS F 251 15.35 -49.90 -24.32
C LYS F 251 14.53 -50.83 -23.44
N LEU F 252 14.53 -50.55 -22.14
CA LEU F 252 14.08 -51.49 -21.12
C LEU F 252 12.90 -50.88 -20.39
N PHE F 253 11.70 -51.37 -20.69
CA PHE F 253 10.51 -50.96 -19.97
C PHE F 253 9.73 -52.11 -19.36
N ASP F 254 9.66 -53.28 -20.00
CA ASP F 254 8.89 -54.39 -19.47
C ASP F 254 7.39 -54.13 -19.43
N SER F 255 6.97 -52.89 -19.71
CA SER F 255 5.58 -52.51 -19.56
C SER F 255 5.42 -51.09 -20.08
N LEU F 256 4.21 -50.78 -20.55
CA LEU F 256 3.84 -49.43 -20.93
C LEU F 256 2.34 -49.39 -21.17
N THR F 257 1.71 -48.32 -20.71
CA THR F 257 0.27 -48.20 -20.71
C THR F 257 -0.11 -47.05 -21.62
N LEU F 258 -0.30 -47.35 -22.90
CA LEU F 258 -0.69 -46.32 -23.86
C LEU F 258 -2.14 -45.97 -23.59
N LEU F 259 -2.36 -44.90 -22.85
CA LEU F 259 -3.70 -44.55 -22.39
C LEU F 259 -3.98 -43.12 -22.79
N ALA F 260 -5.12 -42.90 -23.44
CA ALA F 260 -5.51 -41.60 -23.94
C ALA F 260 -7.03 -41.49 -23.97
N SER F 261 -7.53 -40.26 -23.75
CA SER F 261 -8.97 -39.99 -23.74
C SER F 261 -9.69 -40.83 -22.68
N GLY F 262 -9.10 -40.92 -21.50
CA GLY F 262 -9.72 -41.65 -20.42
C GLY F 262 -9.96 -43.12 -20.67
N ARG F 263 -9.26 -43.72 -21.62
CA ARG F 263 -9.46 -45.13 -21.93
C ARG F 263 -8.15 -45.78 -22.30
N LEU F 264 -7.91 -46.97 -21.75
CA LEU F 264 -6.68 -47.71 -22.00
C LEU F 264 -6.63 -48.17 -23.44
N MET F 265 -5.43 -48.26 -24.00
CA MET F 265 -5.27 -48.72 -25.36
C MET F 265 -4.13 -49.69 -25.59
N PHE F 266 -3.24 -49.90 -24.62
CA PHE F 266 -2.28 -50.99 -24.71
C PHE F 266 -1.61 -51.21 -23.36
N HIS F 267 -1.52 -52.46 -22.91
CA HIS F 267 -0.81 -52.79 -21.69
C HIS F 267 0.04 -54.05 -21.84
N GLY F 268 0.85 -54.12 -22.89
CA GLY F 268 1.78 -55.22 -23.02
C GLY F 268 3.16 -54.84 -22.53
N PRO F 269 4.13 -55.74 -22.71
CA PRO F 269 5.52 -55.39 -22.45
C PRO F 269 6.03 -54.33 -23.42
N ALA F 270 7.31 -54.00 -23.27
CA ALA F 270 7.91 -52.95 -24.12
C ALA F 270 8.12 -53.42 -25.54
N GLN F 271 8.49 -54.67 -25.73
CA GLN F 271 8.79 -55.20 -27.05
C GLN F 271 7.54 -55.71 -27.76
N GLU F 272 6.36 -55.18 -27.42
CA GLU F 272 5.11 -55.66 -27.98
C GLU F 272 4.25 -54.58 -28.59
N ALA F 273 4.32 -53.34 -28.11
CA ALA F 273 3.60 -52.25 -28.78
C ALA F 273 3.99 -52.15 -30.24
N LEU F 274 5.28 -52.33 -30.53
CA LEU F 274 5.72 -52.46 -31.92
C LEU F 274 4.93 -53.54 -32.66
N GLY F 275 4.87 -54.75 -32.09
CA GLY F 275 4.16 -55.82 -32.76
C GLY F 275 2.66 -55.63 -32.77
N TYR F 276 2.10 -55.08 -31.69
CA TYR F 276 0.67 -54.83 -31.64
C TYR F 276 0.26 -53.87 -32.74
N PHE F 277 1.02 -52.79 -32.92
CA PHE F 277 0.66 -51.86 -33.99
C PHE F 277 1.04 -52.37 -35.37
N GLU F 278 2.02 -53.28 -35.46
CA GLU F 278 2.19 -54.04 -36.70
C GLU F 278 0.92 -54.75 -37.09
N SER F 279 0.40 -55.60 -36.19
CA SER F 279 -0.86 -56.28 -36.45
C SER F 279 -2.02 -55.32 -36.57
N ALA F 280 -1.87 -54.08 -36.09
CA ALA F 280 -2.90 -53.08 -36.28
C ALA F 280 -2.91 -52.53 -37.71
N GLY F 281 -1.79 -52.63 -38.43
CA GLY F 281 -1.75 -52.21 -39.82
C GLY F 281 -1.04 -50.90 -40.10
N TYR F 282 0.12 -50.67 -39.49
CA TYR F 282 0.90 -49.47 -39.74
C TYR F 282 2.37 -49.82 -39.92
N HIS F 283 3.03 -49.07 -40.82
CA HIS F 283 4.47 -49.17 -41.03
C HIS F 283 5.32 -48.58 -39.92
N CYS F 284 4.77 -47.67 -39.12
CA CYS F 284 5.48 -46.95 -38.07
C CYS F 284 6.73 -46.25 -38.57
N GLU F 285 6.73 -45.74 -39.80
CA GLU F 285 7.76 -44.79 -40.25
C GLU F 285 9.15 -45.40 -40.14
N ALA F 286 9.44 -46.34 -41.05
CA ALA F 286 10.43 -47.39 -40.87
C ALA F 286 11.61 -46.98 -39.98
N TYR F 287 12.21 -45.83 -40.23
CA TYR F 287 13.14 -45.21 -39.27
C TYR F 287 12.44 -44.00 -38.63
N ASN F 288 12.24 -44.09 -37.32
CA ASN F 288 11.48 -43.11 -36.55
C ASN F 288 11.73 -43.41 -35.08
N ASN F 289 10.96 -42.73 -34.23
CA ASN F 289 10.86 -43.04 -32.82
C ASN F 289 9.46 -43.54 -32.51
N PRO F 290 9.29 -44.82 -32.20
CA PRO F 290 7.93 -45.32 -31.94
C PRO F 290 7.24 -44.63 -30.79
N ALA F 291 7.99 -44.27 -29.75
CA ALA F 291 7.40 -43.62 -28.59
C ALA F 291 6.72 -42.31 -28.96
N ASP F 292 7.11 -41.72 -30.09
CA ASP F 292 6.35 -40.62 -30.66
C ASP F 292 5.35 -41.10 -31.71
N PHE F 293 5.61 -42.28 -32.30
CA PHE F 293 4.73 -42.78 -33.35
C PHE F 293 3.33 -43.09 -32.81
N PHE F 294 3.24 -43.66 -31.62
CA PHE F 294 1.92 -43.95 -31.07
C PHE F 294 1.14 -42.68 -30.83
N LEU F 295 1.81 -41.64 -30.34
CA LEU F 295 1.14 -40.36 -30.17
C LEU F 295 0.70 -39.81 -31.52
N ASP F 296 1.57 -39.96 -32.52
CA ASP F 296 1.21 -39.62 -33.90
C ASP F 296 -0.02 -40.37 -34.36
N ILE F 297 -0.23 -41.57 -33.81
CA ILE F 297 -1.48 -42.29 -34.09
C ILE F 297 -2.66 -41.60 -33.45
N ILE F 298 -2.55 -41.31 -32.15
CA ILE F 298 -3.77 -40.90 -31.45
C ILE F 298 -4.26 -39.55 -31.95
N ASN F 299 -3.34 -38.60 -32.18
CA ASN F 299 -3.79 -37.21 -32.33
C ASN F 299 -4.76 -37.04 -33.49
N GLY F 300 -4.29 -37.26 -34.71
CA GLY F 300 -5.13 -37.20 -35.89
C GLY F 300 -4.66 -38.15 -36.97
N ASP F 301 -3.77 -39.06 -36.58
CA ASP F 301 -3.13 -40.01 -37.50
C ASP F 301 -2.43 -39.29 -38.64
N LEU F 328 -12.68 -42.02 -34.98
CA LEU F 328 -11.31 -42.45 -34.83
C LEU F 328 -11.07 -43.21 -33.52
N ILE F 329 -11.60 -42.67 -32.42
CA ILE F 329 -11.21 -43.16 -31.09
C ILE F 329 -12.09 -44.29 -30.61
N GLU F 330 -13.41 -44.12 -30.65
CA GLU F 330 -14.32 -45.07 -30.00
C GLU F 330 -14.28 -46.45 -30.65
N LYS F 331 -13.47 -46.66 -31.71
CA LYS F 331 -13.11 -48.02 -32.09
C LYS F 331 -11.63 -48.33 -31.94
N LEU F 332 -10.78 -47.31 -31.78
CA LEU F 332 -9.37 -47.59 -31.56
C LEU F 332 -9.14 -48.10 -30.16
N ALA F 333 -9.90 -47.60 -29.20
CA ALA F 333 -9.93 -48.19 -27.87
C ALA F 333 -10.60 -49.56 -27.89
N GLU F 334 -11.54 -49.77 -28.81
CA GLU F 334 -12.28 -51.02 -28.92
C GLU F 334 -11.48 -52.13 -29.57
N ILE F 335 -10.51 -51.78 -30.42
CA ILE F 335 -9.74 -52.78 -31.15
C ILE F 335 -8.79 -53.56 -30.25
N TYR F 336 -8.61 -53.13 -29.00
CA TYR F 336 -7.62 -53.78 -28.13
C TYR F 336 -8.22 -54.90 -27.28
N VAL F 337 -9.40 -54.70 -26.71
CA VAL F 337 -10.00 -55.72 -25.85
C VAL F 337 -10.11 -57.04 -26.59
N ASN F 338 -10.34 -56.99 -27.89
CA ASN F 338 -10.40 -58.18 -28.70
C ASN F 338 -9.02 -58.78 -28.95
N SER F 339 -7.95 -57.99 -28.83
CA SER F 339 -6.62 -58.53 -28.99
C SER F 339 -6.29 -59.49 -27.84
N SER F 340 -5.10 -60.09 -27.92
CA SER F 340 -4.74 -61.15 -26.99
C SER F 340 -4.42 -60.60 -25.60
N PHE F 341 -3.95 -59.36 -25.52
CA PHE F 341 -3.37 -58.89 -24.27
C PHE F 341 -4.44 -58.63 -23.21
N TYR F 342 -5.61 -58.15 -23.62
CA TYR F 342 -6.71 -57.97 -22.66
C TYR F 342 -6.95 -59.26 -21.89
N LYS F 343 -7.35 -60.33 -22.61
CA LYS F 343 -7.55 -61.63 -21.99
C LYS F 343 -6.28 -62.16 -21.33
N GLU F 344 -5.12 -61.99 -21.97
CA GLU F 344 -3.84 -62.38 -21.37
C GLU F 344 -3.75 -61.96 -19.92
N THR F 345 -3.90 -60.66 -19.65
CA THR F 345 -3.75 -60.19 -18.28
C THR F 345 -5.01 -60.42 -17.46
N LYS F 346 -6.19 -60.24 -18.06
CA LYS F 346 -7.42 -60.27 -17.30
C LYS F 346 -7.69 -61.67 -16.76
N ALA F 347 -7.07 -62.68 -17.39
CA ALA F 347 -7.03 -64.02 -16.81
C ALA F 347 -6.52 -63.97 -15.37
N GLU F 348 -5.29 -63.47 -15.19
CA GLU F 348 -4.70 -63.42 -13.86
C GLU F 348 -5.37 -62.37 -12.99
N LEU F 349 -5.97 -61.34 -13.60
CA LEU F 349 -6.79 -60.43 -12.81
C LEU F 349 -7.90 -61.19 -12.10
N HIS F 350 -8.76 -61.86 -12.84
CA HIS F 350 -9.82 -62.64 -12.22
C HIS F 350 -9.28 -63.81 -11.41
N GLN F 351 -8.02 -64.20 -11.66
CA GLN F 351 -7.38 -65.19 -10.80
C GLN F 351 -7.16 -64.64 -9.40
N LEU F 352 -6.56 -63.46 -9.29
CA LEU F 352 -6.31 -62.84 -8.00
C LEU F 352 -7.56 -62.24 -7.38
N SER F 353 -8.64 -62.09 -8.16
CA SER F 353 -9.91 -61.66 -7.59
C SER F 353 -10.49 -62.71 -6.65
N GLY F 354 -9.99 -63.94 -6.70
CA GLY F 354 -10.47 -65.00 -5.86
C GLY F 354 -9.55 -66.20 -5.85
N TYR F 369 2.16 -39.31 12.20
CA TYR F 369 1.40 -40.47 12.65
C TYR F 369 2.28 -41.43 13.45
N THR F 370 3.39 -41.84 12.83
CA THR F 370 4.27 -42.81 13.46
C THR F 370 5.01 -42.19 14.65
N THR F 371 5.43 -40.94 14.50
CA THR F 371 6.18 -40.25 15.55
C THR F 371 5.22 -39.56 16.52
N SER F 372 5.78 -38.72 17.38
CA SER F 372 5.01 -37.96 18.35
C SER F 372 4.61 -36.61 17.78
N PHE F 373 4.17 -35.73 18.68
CA PHE F 373 4.04 -34.32 18.34
C PHE F 373 5.36 -33.59 18.58
N CYS F 374 6.13 -34.06 19.56
CA CYS F 374 7.39 -33.41 19.90
C CYS F 374 8.30 -33.32 18.68
N HIS F 375 8.64 -34.46 18.08
CA HIS F 375 9.51 -34.46 16.91
C HIS F 375 8.90 -33.64 15.78
N GLN F 376 7.63 -33.88 15.47
CA GLN F 376 7.04 -33.21 14.33
C GLN F 376 6.95 -31.71 14.52
N LEU F 377 7.20 -31.22 15.73
CA LEU F 377 7.38 -29.79 15.88
C LEU F 377 8.86 -29.40 15.88
N ARG F 378 9.68 -30.15 16.60
CA ARG F 378 11.08 -29.83 16.79
C ARG F 378 11.89 -29.94 15.52
N TRP F 379 11.36 -30.60 14.49
CA TRP F 379 12.05 -30.69 13.22
C TRP F 379 11.50 -29.76 12.16
N VAL F 380 10.19 -29.55 12.12
CA VAL F 380 9.66 -28.54 11.21
C VAL F 380 10.18 -27.17 11.60
N SER F 381 10.31 -26.90 12.90
CA SER F 381 10.87 -25.63 13.34
C SER F 381 12.30 -25.46 12.84
N LYS F 382 13.15 -26.48 13.06
CA LYS F 382 14.51 -26.41 12.57
C LYS F 382 14.55 -26.15 11.08
N ARG F 383 13.80 -26.93 10.30
CA ARG F 383 13.87 -26.80 8.86
C ARG F 383 13.44 -25.42 8.42
N SER F 384 12.33 -24.91 8.96
CA SER F 384 11.86 -23.60 8.52
C SER F 384 12.80 -22.50 8.97
N PHE F 385 13.39 -22.62 10.14
CA PHE F 385 14.30 -21.58 10.62
C PHE F 385 15.56 -21.54 9.77
N LYS F 386 16.18 -22.69 9.53
CA LYS F 386 17.38 -22.71 8.72
C LYS F 386 17.08 -22.34 7.27
N ASN F 387 15.85 -22.56 6.82
CA ASN F 387 15.45 -22.05 5.51
C ASN F 387 15.38 -20.54 5.51
N LEU F 388 14.71 -19.97 6.50
CA LEU F 388 14.68 -18.52 6.65
C LEU F 388 16.09 -17.94 6.60
N LEU F 389 17.01 -18.56 7.33
CA LEU F 389 18.40 -18.13 7.28
C LEU F 389 19.04 -18.36 5.91
N GLY F 390 18.58 -19.37 5.18
CA GLY F 390 19.26 -19.76 3.95
C GLY F 390 19.29 -18.66 2.90
N ASN F 391 18.12 -18.07 2.62
CA ASN F 391 18.06 -16.99 1.65
C ASN F 391 17.72 -15.68 2.38
N PRO F 392 18.70 -15.07 3.05
CA PRO F 392 18.39 -13.93 3.92
C PRO F 392 18.05 -12.66 3.18
N GLN F 393 18.33 -12.55 1.89
CA GLN F 393 18.05 -11.31 1.18
C GLN F 393 16.54 -11.05 1.10
N ALA F 394 15.72 -11.98 1.56
CA ALA F 394 14.28 -11.75 1.57
C ALA F 394 13.85 -11.08 2.87
N SER F 395 14.28 -11.62 4.02
CA SER F 395 13.86 -11.08 5.30
C SER F 395 14.82 -9.99 5.79
N ILE F 396 16.12 -10.30 5.82
CA ILE F 396 17.10 -9.37 6.34
C ILE F 396 16.98 -8.01 5.67
N ALA F 397 16.65 -8.02 4.38
CA ALA F 397 16.48 -6.76 3.66
C ALA F 397 15.44 -5.86 4.31
N GLN F 398 14.29 -6.38 4.74
CA GLN F 398 13.31 -5.45 5.29
C GLN F 398 13.69 -5.05 6.72
N ILE F 399 14.54 -5.83 7.39
CA ILE F 399 15.16 -5.37 8.62
C ILE F 399 16.04 -4.16 8.36
N ILE F 400 16.81 -4.19 7.28
CA ILE F 400 17.53 -2.98 6.90
C ILE F 400 16.56 -1.85 6.61
N VAL F 401 15.44 -2.14 5.94
CA VAL F 401 14.54 -1.04 5.59
C VAL F 401 13.80 -0.56 6.82
N THR F 402 13.57 -1.42 7.82
CA THR F 402 12.93 -0.90 9.03
C THR F 402 13.91 -0.10 9.86
N VAL F 403 15.19 -0.44 9.86
CA VAL F 403 16.18 0.42 10.50
C VAL F 403 16.22 1.79 9.83
N VAL F 404 16.20 1.80 8.49
CA VAL F 404 16.22 3.08 7.78
C VAL F 404 14.96 3.88 8.05
N LEU F 405 13.80 3.23 8.08
CA LEU F 405 12.57 3.94 8.39
C LEU F 405 12.62 4.53 9.79
N GLY F 406 13.08 3.73 10.77
CA GLY F 406 13.20 4.25 12.11
C GLY F 406 14.11 5.45 12.19
N LEU F 407 15.25 5.41 11.50
CA LEU F 407 16.19 6.52 11.57
C LEU F 407 15.63 7.75 10.89
N VAL F 408 15.01 7.60 9.72
CA VAL F 408 14.47 8.77 9.04
C VAL F 408 13.33 9.37 9.84
N ILE F 409 12.52 8.54 10.49
CA ILE F 409 11.45 9.11 11.31
C ILE F 409 12.02 9.81 12.52
N GLY F 410 13.05 9.24 13.14
CA GLY F 410 13.70 9.94 14.23
C GLY F 410 14.29 11.27 13.78
N ALA F 411 14.71 11.34 12.53
CA ALA F 411 15.25 12.61 12.02
C ALA F 411 14.16 13.63 11.79
N ILE F 412 13.00 13.19 11.30
CA ILE F 412 11.91 14.13 11.02
C ILE F 412 11.32 14.66 12.32
N TYR F 413 10.83 13.77 13.17
CA TYR F 413 10.19 14.16 14.42
C TYR F 413 11.19 14.27 15.56
N PHE F 414 12.28 15.01 15.40
CA PHE F 414 13.27 14.97 16.47
C PHE F 414 12.80 15.71 17.70
N GLY F 415 12.30 16.92 17.54
CA GLY F 415 11.97 17.74 18.69
C GLY F 415 10.82 17.22 19.52
N LEU F 416 9.63 17.15 18.91
CA LEU F 416 8.39 16.90 19.62
C LEU F 416 8.24 17.88 20.78
N LYS F 417 8.13 19.15 20.43
CA LYS F 417 7.86 20.18 21.41
C LYS F 417 6.49 19.95 22.03
N ASN F 418 6.16 20.75 23.03
CA ASN F 418 4.87 20.67 23.70
C ASN F 418 4.03 21.90 23.45
N ASP F 419 4.04 22.39 22.23
CA ASP F 419 3.19 23.51 21.86
C ASP F 419 2.13 23.03 20.88
N SER F 420 1.38 23.99 20.32
CA SER F 420 0.21 23.66 19.49
C SER F 420 0.54 22.66 18.40
N THR F 421 1.78 22.61 17.95
CA THR F 421 2.22 21.60 17.00
C THR F 421 2.78 20.38 17.69
N GLY F 422 2.36 20.10 18.91
CA GLY F 422 2.81 18.92 19.60
C GLY F 422 1.80 17.80 19.43
N ILE F 423 0.53 18.17 19.44
CA ILE F 423 -0.53 17.18 19.26
C ILE F 423 -0.49 16.61 17.85
N GLN F 424 -0.29 17.47 16.86
CA GLN F 424 -0.23 16.98 15.48
C GLN F 424 0.91 15.99 15.30
N ASN F 425 2.11 16.36 15.73
CA ASN F 425 3.24 15.45 15.59
C ASN F 425 3.03 14.16 16.37
N ARG F 426 2.53 14.27 17.60
CA ARG F 426 2.40 13.06 18.41
C ARG F 426 1.35 12.12 17.87
N ALA F 427 0.19 12.63 17.44
CA ALA F 427 -0.79 11.76 16.83
C ALA F 427 -0.45 11.43 15.38
N GLY F 428 0.62 11.98 14.85
CA GLY F 428 1.06 11.57 13.54
C GLY F 428 2.03 10.43 13.60
N VAL F 429 3.02 10.50 14.49
CA VAL F 429 4.06 9.47 14.49
C VAL F 429 3.49 8.14 14.96
N LEU F 430 2.68 8.15 16.02
CA LEU F 430 2.06 6.90 16.47
C LEU F 430 1.17 6.33 15.39
N PHE F 431 0.41 7.18 14.70
CA PHE F 431 -0.41 6.69 13.61
C PHE F 431 0.44 6.02 12.56
N PHE F 432 1.55 6.64 12.23
CA PHE F 432 2.44 6.12 11.20
C PHE F 432 3.22 4.92 11.58
N LEU F 433 3.36 4.69 12.82
CA LEU F 433 3.92 3.43 13.32
C LEU F 433 2.90 2.31 13.25
N THR F 434 1.66 2.57 13.68
CA THR F 434 0.67 1.50 13.66
C THR F 434 0.33 1.07 12.24
N THR F 435 -0.06 2.04 11.42
CA THR F 435 -0.47 1.58 10.09
C THR F 435 0.75 1.04 9.39
N ASN F 436 1.93 1.32 9.89
CA ASN F 436 3.11 0.81 9.19
C ASN F 436 3.22 -0.64 9.55
N GLN F 437 3.20 -0.93 10.83
CA GLN F 437 3.17 -2.29 11.35
C GLN F 437 2.11 -3.12 10.67
N CYS F 438 0.98 -2.51 10.33
CA CYS F 438 -0.05 -3.24 9.60
C CYS F 438 0.38 -3.53 8.17
N PHE F 439 0.57 -2.48 7.39
CA PHE F 439 0.77 -2.77 5.96
C PHE F 439 2.11 -3.42 5.67
N SER F 440 3.01 -3.51 6.60
CA SER F 440 4.20 -4.29 6.36
C SER F 440 4.05 -5.73 6.83
N SER F 441 2.83 -6.15 7.13
CA SER F 441 2.55 -7.54 7.45
C SER F 441 1.84 -8.26 6.32
N VAL F 442 1.36 -7.53 5.32
CA VAL F 442 0.82 -8.17 4.12
C VAL F 442 1.90 -8.92 3.36
N SER F 443 3.17 -8.68 3.65
CA SER F 443 4.26 -9.41 3.05
C SER F 443 4.56 -10.73 3.76
N ALA F 444 3.72 -11.14 4.70
CA ALA F 444 3.88 -12.41 5.39
C ALA F 444 2.76 -13.37 5.05
N VAL F 445 2.12 -13.18 3.89
CA VAL F 445 1.14 -14.15 3.42
C VAL F 445 1.80 -15.34 2.76
N GLU F 446 2.93 -15.15 2.09
CA GLU F 446 3.66 -16.23 1.43
C GLU F 446 4.22 -17.23 2.42
N LEU F 447 3.93 -17.06 3.72
CA LEU F 447 4.22 -18.10 4.68
C LEU F 447 3.54 -19.41 4.31
N PHE F 448 2.39 -19.34 3.65
CA PHE F 448 1.60 -20.53 3.35
C PHE F 448 1.15 -20.64 1.91
N VAL F 449 1.53 -19.71 1.04
CA VAL F 449 1.17 -19.83 -0.37
C VAL F 449 2.37 -20.14 -1.26
N VAL F 450 3.58 -20.08 -0.74
CA VAL F 450 4.72 -20.49 -1.54
C VAL F 450 4.88 -22.00 -1.52
N GLU F 451 4.51 -22.65 -0.42
CA GLU F 451 4.77 -24.06 -0.23
C GLU F 451 3.49 -24.87 -0.04
N LYS F 452 2.34 -24.36 -0.50
CA LYS F 452 1.13 -25.19 -0.50
C LYS F 452 1.39 -26.51 -1.21
N LYS F 453 2.06 -26.44 -2.35
CA LYS F 453 2.59 -27.64 -3.00
C LYS F 453 3.41 -28.50 -2.04
N LEU F 454 4.30 -27.89 -1.26
CA LEU F 454 5.16 -28.69 -0.40
C LEU F 454 4.39 -29.22 0.79
N PHE F 455 3.60 -28.38 1.44
CA PHE F 455 2.80 -28.86 2.57
C PHE F 455 1.88 -29.98 2.14
N ILE F 456 1.26 -29.86 0.98
CA ILE F 456 0.31 -30.87 0.54
C ILE F 456 1.02 -32.17 0.22
N HIS F 457 2.12 -32.12 -0.55
CA HIS F 457 2.83 -33.37 -0.82
C HIS F 457 3.32 -33.98 0.48
N GLU F 458 3.70 -33.17 1.45
CA GLU F 458 4.19 -33.71 2.70
C GLU F 458 3.09 -34.35 3.52
N TYR F 459 1.91 -33.74 3.57
CA TYR F 459 0.86 -34.27 4.42
C TYR F 459 0.18 -35.47 3.80
N ILE F 460 0.03 -35.53 2.48
CA ILE F 460 -0.51 -36.76 1.90
C ILE F 460 0.37 -37.93 2.25
N SER F 461 1.68 -37.71 2.31
CA SER F 461 2.59 -38.68 2.86
C SER F 461 2.53 -38.60 4.38
N GLY F 462 2.92 -39.68 5.04
CA GLY F 462 2.76 -39.72 6.48
C GLY F 462 3.82 -38.96 7.27
N TYR F 463 4.15 -37.73 6.87
CA TYR F 463 5.17 -37.00 7.60
C TYR F 463 4.67 -36.56 8.97
N TYR F 464 3.65 -35.71 9.00
CA TYR F 464 3.23 -35.15 10.28
C TYR F 464 1.73 -34.90 10.26
N ARG F 465 1.25 -34.25 11.30
CA ARG F 465 -0.14 -33.84 11.39
C ARG F 465 -0.22 -32.32 11.26
N VAL F 466 -1.33 -31.86 10.69
CA VAL F 466 -1.41 -30.47 10.25
C VAL F 466 -1.19 -29.49 11.39
N SER F 467 -1.60 -29.85 12.61
CA SER F 467 -1.38 -28.95 13.74
C SER F 467 0.10 -28.78 14.01
N SER F 468 0.88 -29.85 13.83
CA SER F 468 2.33 -29.76 14.02
C SER F 468 2.95 -28.83 12.98
N TYR F 469 2.61 -29.02 11.72
CA TYR F 469 3.10 -28.12 10.68
C TYR F 469 2.75 -26.68 11.00
N PHE F 470 1.52 -26.45 11.45
CA PHE F 470 1.08 -25.09 11.74
C PHE F 470 1.90 -24.47 12.85
N LEU F 471 1.97 -25.15 14.00
CA LEU F 471 2.70 -24.58 15.12
C LEU F 471 4.18 -24.41 14.81
N GLY F 472 4.77 -25.37 14.11
CA GLY F 472 6.17 -25.20 13.72
C GLY F 472 6.38 -24.00 12.85
N LYS F 473 5.57 -23.84 11.80
CA LYS F 473 5.73 -22.71 10.92
C LYS F 473 5.55 -21.39 11.66
N LEU F 474 4.58 -21.31 12.57
CA LEU F 474 4.40 -20.09 13.34
C LEU F 474 5.62 -19.83 14.20
N LEU F 475 6.00 -20.78 15.04
CA LEU F 475 7.12 -20.63 15.95
C LEU F 475 8.43 -20.38 15.22
N SER F 476 8.53 -20.69 13.93
CA SER F 476 9.77 -20.51 13.19
C SER F 476 9.82 -19.24 12.36
N ASP F 477 8.75 -18.85 11.68
CA ASP F 477 8.82 -17.72 10.78
C ASP F 477 7.99 -16.52 11.19
N LEU F 478 6.78 -16.72 11.70
CA LEU F 478 5.99 -15.60 12.16
C LEU F 478 6.59 -14.97 13.40
N LEU F 479 7.05 -15.79 14.34
CA LEU F 479 7.37 -15.27 15.66
C LEU F 479 8.64 -14.39 15.65
N PRO F 480 9.78 -14.86 15.12
CA PRO F 480 10.99 -14.04 15.17
C PRO F 480 11.19 -13.12 13.97
N MET F 481 10.21 -13.00 13.08
CA MET F 481 10.25 -12.01 12.02
C MET F 481 9.36 -10.80 12.30
N ARG F 482 8.28 -10.98 13.04
CA ARG F 482 7.40 -9.89 13.47
C ARG F 482 7.81 -9.32 14.82
N MET F 483 8.75 -9.95 15.51
CA MET F 483 9.20 -9.48 16.80
C MET F 483 10.35 -8.50 16.72
N LEU F 484 11.11 -8.51 15.62
CA LEU F 484 12.20 -7.54 15.50
C LEU F 484 11.69 -6.16 15.11
N PRO F 485 10.90 -5.97 14.05
CA PRO F 485 10.45 -4.61 13.72
C PRO F 485 9.60 -3.98 14.79
N SER F 486 9.35 -4.66 15.90
CA SER F 486 8.74 -4.07 17.06
C SER F 486 9.76 -3.63 18.09
N ILE F 487 11.04 -3.93 17.87
CA ILE F 487 12.10 -3.52 18.76
C ILE F 487 13.06 -2.56 18.09
N ILE F 488 13.16 -2.65 16.76
CA ILE F 488 13.92 -1.64 16.01
C ILE F 488 13.24 -0.28 16.13
N PHE F 489 11.96 -0.22 15.75
CA PHE F 489 11.20 1.02 15.87
C PHE F 489 11.25 1.57 17.28
N THR F 490 10.80 0.80 18.26
CA THR F 490 10.58 1.42 19.56
C THR F 490 11.86 1.66 20.34
N CYS F 491 12.99 1.11 19.93
CA CYS F 491 14.25 1.49 20.55
C CYS F 491 14.95 2.61 19.80
N ILE F 492 14.78 2.69 18.49
CA ILE F 492 15.41 3.74 17.71
C ILE F 492 14.68 5.07 17.93
N VAL F 493 13.36 5.06 17.82
CA VAL F 493 12.64 6.33 17.78
C VAL F 493 12.27 6.84 19.16
N TYR F 494 12.25 6.00 20.18
CA TYR F 494 11.68 6.45 21.45
C TYR F 494 12.54 7.52 22.10
N PHE F 495 13.85 7.43 21.96
CA PHE F 495 14.70 8.42 22.59
C PHE F 495 15.04 9.59 21.68
N MET F 496 15.05 9.38 20.37
CA MET F 496 15.16 10.52 19.46
C MET F 496 13.94 11.42 19.60
N LEU F 497 12.75 10.86 19.40
CA LEU F 497 11.53 11.66 19.48
C LEU F 497 11.36 12.26 20.86
N GLY F 498 11.79 11.57 21.90
CA GLY F 498 11.61 12.08 23.25
C GLY F 498 10.19 11.98 23.71
N LEU F 499 9.61 10.78 23.62
CA LEU F 499 8.24 10.56 24.04
C LEU F 499 8.19 10.46 25.56
N LYS F 500 7.07 10.00 26.10
CA LYS F 500 6.88 9.89 27.55
C LYS F 500 8.03 9.11 28.17
N PRO F 501 8.88 9.73 28.98
CA PRO F 501 10.11 9.09 29.47
C PRO F 501 9.89 8.31 30.76
N LYS F 502 9.38 7.09 30.62
CA LYS F 502 9.25 6.16 31.73
C LYS F 502 9.56 4.76 31.25
N ALA F 503 9.83 3.86 32.19
CA ALA F 503 10.13 2.49 31.82
C ALA F 503 8.89 1.80 31.26
N ASP F 504 7.85 1.67 32.06
CA ASP F 504 6.65 0.98 31.60
C ASP F 504 5.96 1.75 30.50
N ALA F 505 6.01 3.08 30.51
CA ALA F 505 5.45 3.83 29.40
C ALA F 505 6.25 3.66 28.13
N PHE F 506 7.31 2.87 28.16
CA PHE F 506 8.11 2.47 27.01
C PHE F 506 7.88 1.02 26.63
N PHE F 507 7.91 0.14 27.62
CA PHE F 507 7.63 -1.26 27.35
C PHE F 507 6.20 -1.46 26.88
N VAL F 508 5.28 -0.59 27.28
CA VAL F 508 3.92 -0.72 26.79
C VAL F 508 3.85 -0.39 25.30
N MET F 509 4.61 0.61 24.86
CA MET F 509 4.65 0.90 23.43
C MET F 509 5.26 -0.25 22.66
N MET F 510 6.37 -0.78 23.17
CA MET F 510 6.99 -1.93 22.52
C MET F 510 6.00 -3.09 22.41
N PHE F 511 5.34 -3.40 23.51
CA PHE F 511 4.41 -4.52 23.55
C PHE F 511 3.21 -4.29 22.65
N THR F 512 2.71 -3.06 22.57
CA THR F 512 1.55 -2.81 21.72
C THR F 512 1.91 -2.91 20.26
N LEU F 513 3.08 -2.42 19.88
CA LEU F 513 3.52 -2.62 18.50
C LEU F 513 3.65 -4.10 18.20
N MET F 514 4.19 -4.88 19.15
CA MET F 514 4.29 -6.32 18.93
C MET F 514 2.91 -6.93 18.74
N MET F 515 1.94 -6.51 19.56
CA MET F 515 0.60 -7.09 19.47
C MET F 515 -0.05 -6.74 18.14
N VAL F 516 0.05 -5.50 17.70
CA VAL F 516 -0.61 -5.13 16.45
C VAL F 516 0.07 -5.82 15.27
N ALA F 517 1.40 -5.97 15.33
CA ALA F 517 2.09 -6.71 14.29
C ALA F 517 1.57 -8.13 14.22
N TYR F 518 1.51 -8.82 15.36
CA TYR F 518 1.05 -10.20 15.37
C TYR F 518 -0.39 -10.31 14.90
N SER F 519 -1.25 -9.38 15.31
CA SER F 519 -2.66 -9.49 14.97
C SER F 519 -2.89 -9.24 13.48
N ALA F 520 -2.27 -8.21 12.92
CA ALA F 520 -2.40 -7.98 11.49
C ALA F 520 -1.79 -9.09 10.67
N SER F 521 -0.63 -9.62 11.07
CA SER F 521 -0.07 -10.69 10.28
C SER F 521 -0.86 -11.98 10.43
N SER F 522 -1.51 -12.18 11.57
CA SER F 522 -2.34 -13.36 11.73
C SER F 522 -3.60 -13.25 10.88
N MET F 523 -4.17 -12.05 10.76
CA MET F 523 -5.26 -11.88 9.82
C MET F 523 -4.80 -12.15 8.40
N ALA F 524 -3.61 -11.68 8.05
CA ALA F 524 -3.04 -11.99 6.75
C ALA F 524 -2.95 -13.50 6.55
N LEU F 525 -2.55 -14.21 7.60
CA LEU F 525 -2.52 -15.67 7.51
C LEU F 525 -3.91 -16.25 7.31
N ALA F 526 -4.91 -15.70 8.00
CA ALA F 526 -6.25 -16.26 7.93
C ALA F 526 -6.86 -16.06 6.56
N ILE F 527 -6.50 -14.98 5.87
CA ILE F 527 -7.07 -14.76 4.56
C ILE F 527 -6.40 -15.65 3.52
N ALA F 528 -5.08 -15.78 3.57
CA ALA F 528 -4.31 -16.47 2.53
C ALA F 528 -3.81 -17.82 2.99
N ALA F 529 -4.61 -18.59 3.72
CA ALA F 529 -4.15 -19.88 4.21
C ALA F 529 -4.42 -21.00 3.22
N GLY F 530 -5.30 -20.78 2.25
CA GLY F 530 -5.70 -21.88 1.39
C GLY F 530 -5.34 -21.72 -0.07
N GLN F 531 -5.24 -20.48 -0.55
CA GLN F 531 -5.08 -20.23 -1.97
C GLN F 531 -3.75 -20.77 -2.47
N SER F 532 -3.53 -20.61 -3.78
CA SER F 532 -2.25 -20.87 -4.39
C SER F 532 -1.71 -19.69 -5.16
N VAL F 533 -2.56 -18.79 -5.62
CA VAL F 533 -2.14 -17.56 -6.26
C VAL F 533 -2.27 -16.42 -5.25
N VAL F 534 -1.27 -15.54 -5.24
CA VAL F 534 -1.23 -14.50 -4.21
C VAL F 534 -1.84 -13.19 -4.65
N SER F 535 -2.31 -13.09 -5.89
CA SER F 535 -2.83 -11.81 -6.38
C SER F 535 -4.06 -11.39 -5.60
N VAL F 536 -5.12 -12.19 -5.66
CA VAL F 536 -6.37 -11.80 -5.02
C VAL F 536 -6.20 -11.70 -3.51
N ALA F 537 -5.29 -12.48 -2.94
CA ALA F 537 -5.05 -12.39 -1.51
C ALA F 537 -4.48 -11.03 -1.14
N THR F 538 -3.41 -10.62 -1.82
CA THR F 538 -2.82 -9.31 -1.54
C THR F 538 -3.81 -8.20 -1.82
N LEU F 539 -4.64 -8.36 -2.84
CA LEU F 539 -5.63 -7.32 -3.13
C LEU F 539 -6.65 -7.20 -1.99
N LEU F 540 -7.22 -8.32 -1.55
CA LEU F 540 -8.19 -8.28 -0.47
C LEU F 540 -7.57 -7.72 0.81
N MET F 541 -6.32 -8.11 1.10
CA MET F 541 -5.70 -7.63 2.33
C MET F 541 -5.40 -6.14 2.25
N THR F 542 -5.04 -5.68 1.08
CA THR F 542 -4.74 -4.24 1.02
C THR F 542 -6.03 -3.46 1.13
N ILE F 543 -7.12 -3.95 0.56
CA ILE F 543 -8.39 -3.26 0.74
C ILE F 543 -8.86 -3.28 2.18
N CYS F 544 -8.80 -4.43 2.84
CA CYS F 544 -9.22 -4.51 4.24
C CYS F 544 -8.38 -3.58 5.12
N PHE F 545 -7.07 -3.55 4.89
CA PHE F 545 -6.22 -2.68 5.68
C PHE F 545 -6.52 -1.21 5.41
N VAL F 546 -6.86 -0.90 4.16
CA VAL F 546 -7.20 0.54 3.91
C VAL F 546 -8.44 0.86 4.70
N PHE F 547 -9.46 0.03 4.68
CA PHE F 547 -10.68 0.37 5.40
C PHE F 547 -10.43 0.47 6.91
N MET F 548 -9.66 -0.47 7.46
CA MET F 548 -9.31 -0.38 8.87
C MET F 548 -8.56 0.91 9.16
N MET F 549 -7.73 1.32 8.23
CA MET F 549 -6.99 2.55 8.52
C MET F 549 -7.99 3.69 8.49
N ILE F 550 -8.92 3.75 7.54
CA ILE F 550 -9.91 4.83 7.57
C ILE F 550 -10.57 4.88 8.94
N PHE F 551 -10.97 3.73 9.47
CA PHE F 551 -11.59 3.70 10.78
C PHE F 551 -10.59 3.71 11.93
N SER F 552 -9.32 4.01 11.65
CA SER F 552 -8.31 3.96 12.70
C SER F 552 -8.61 4.93 13.82
N GLY F 553 -8.87 6.19 13.50
CA GLY F 553 -9.18 7.15 14.54
C GLY F 553 -8.53 8.50 14.36
N LEU F 554 -7.79 8.67 13.27
CA LEU F 554 -7.19 9.96 12.97
C LEU F 554 -7.87 10.66 11.81
N LEU F 555 -8.18 9.91 10.76
CA LEU F 555 -8.81 10.50 9.58
C LEU F 555 -10.27 10.84 9.81
N VAL F 556 -10.88 10.43 10.92
CA VAL F 556 -12.26 10.79 11.21
C VAL F 556 -12.51 10.68 12.70
N ASN F 557 -13.12 11.70 13.28
CA ASN F 557 -13.41 11.68 14.71
C ASN F 557 -14.46 10.62 14.97
N LEU F 558 -14.06 9.54 15.64
CA LEU F 558 -14.91 8.35 15.76
C LEU F 558 -16.19 8.59 16.53
N THR F 559 -16.42 9.79 17.06
CA THR F 559 -17.67 10.05 17.74
C THR F 559 -18.71 10.72 16.84
N THR F 560 -18.28 11.25 15.70
CA THR F 560 -19.20 11.90 14.79
C THR F 560 -19.66 10.98 13.66
N ILE F 561 -19.29 9.71 13.70
CA ILE F 561 -19.80 8.77 12.72
C ILE F 561 -21.25 8.46 13.05
N ALA F 562 -22.07 8.31 12.01
CA ALA F 562 -23.48 8.01 12.21
C ALA F 562 -23.64 6.73 13.02
N SER F 563 -24.82 6.59 13.64
CA SER F 563 -25.02 5.49 14.58
C SER F 563 -24.94 4.13 13.89
N TRP F 564 -25.43 4.03 12.66
CA TRP F 564 -25.45 2.75 11.97
C TRP F 564 -24.13 2.41 11.30
N LEU F 565 -23.13 3.28 11.38
CA LEU F 565 -21.78 2.94 10.99
C LEU F 565 -20.81 2.81 12.15
N SER F 566 -21.15 3.32 13.33
CA SER F 566 -20.21 3.26 14.43
C SER F 566 -19.97 1.84 14.91
N TRP F 567 -20.80 0.89 14.50
CA TRP F 567 -20.54 -0.49 14.89
C TRP F 567 -19.42 -1.11 14.08
N LEU F 568 -19.02 -0.48 12.97
CA LEU F 568 -17.94 -1.01 12.17
C LEU F 568 -16.58 -0.76 12.80
N GLN F 569 -16.48 0.20 13.69
CA GLN F 569 -15.17 0.59 14.21
C GLN F 569 -14.57 -0.46 15.11
N TYR F 570 -15.25 -1.56 15.37
CA TYR F 570 -14.69 -2.57 16.26
C TYR F 570 -13.89 -3.63 15.52
N PHE F 571 -14.02 -3.72 14.21
CA PHE F 571 -13.31 -4.71 13.43
C PHE F 571 -11.92 -4.26 13.03
N SER F 572 -11.52 -3.05 13.40
CA SER F 572 -10.34 -2.41 12.86
C SER F 572 -9.16 -2.60 13.80
N ILE F 573 -8.10 -3.23 13.30
CA ILE F 573 -6.89 -3.42 14.11
C ILE F 573 -6.13 -2.12 14.32
N PRO F 574 -5.86 -1.31 13.29
CA PRO F 574 -5.18 -0.04 13.56
C PRO F 574 -5.86 0.78 14.64
N ARG F 575 -7.18 0.68 14.80
CA ARG F 575 -7.81 1.38 15.90
C ARG F 575 -7.31 0.85 17.23
N TYR F 576 -7.31 -0.47 17.40
CA TYR F 576 -6.90 -1.02 18.69
C TYR F 576 -5.42 -0.79 18.95
N GLY F 577 -4.63 -0.54 17.91
CA GLY F 577 -3.23 -0.25 18.15
C GLY F 577 -3.00 1.21 18.46
N PHE F 578 -3.57 2.06 17.59
CA PHE F 578 -3.38 3.50 17.72
C PHE F 578 -3.99 4.03 18.99
N THR F 579 -5.12 3.48 19.40
CA THR F 579 -5.75 3.94 20.63
C THR F 579 -4.90 3.59 21.84
N ALA F 580 -4.34 2.37 21.86
CA ALA F 580 -3.47 2.00 22.96
C ALA F 580 -2.24 2.89 23.00
N LEU F 581 -1.63 3.14 21.85
CA LEU F 581 -0.45 3.99 21.83
C LEU F 581 -0.77 5.40 22.30
N GLN F 582 -1.87 5.98 21.81
CA GLN F 582 -2.28 7.29 22.27
C GLN F 582 -2.48 7.30 23.77
N HIS F 583 -3.33 6.41 24.29
CA HIS F 583 -3.60 6.40 25.71
C HIS F 583 -2.33 6.23 26.52
N ASN F 584 -1.36 5.51 25.98
CA ASN F 584 -0.08 5.43 26.67
C ASN F 584 0.63 6.77 26.69
N GLU F 585 0.59 7.50 25.58
CA GLU F 585 1.49 8.63 25.41
C GLU F 585 0.90 9.97 25.77
N PHE F 586 -0.42 10.11 25.78
CA PHE F 586 -1.04 11.43 25.86
C PHE F 586 -1.52 11.79 27.25
N LEU F 587 -1.22 11.00 28.27
CA LEU F 587 -1.93 11.19 29.53
C LEU F 587 -1.48 12.43 30.29
N GLY F 588 -0.23 12.49 30.69
CA GLY F 588 0.15 13.55 31.60
C GLY F 588 0.72 14.80 30.97
N GLN F 589 0.36 15.06 29.71
CA GLN F 589 1.01 16.10 28.93
C GLN F 589 0.26 17.41 29.05
N ASN F 590 0.92 18.50 28.70
CA ASN F 590 0.31 19.83 28.63
C ASN F 590 0.76 20.49 27.35
N PHE F 591 -0.15 20.64 26.39
CA PHE F 591 0.18 21.12 25.06
C PHE F 591 -0.15 22.60 24.85
N CYS F 592 -0.01 23.41 25.89
CA CYS F 592 -0.26 24.85 25.78
C CYS F 592 0.74 25.58 26.65
N PRO F 593 1.76 26.19 26.06
CA PRO F 593 2.77 26.87 26.86
C PRO F 593 2.19 28.07 27.58
N GLY F 594 2.39 28.10 28.89
CA GLY F 594 1.98 29.23 29.67
C GLY F 594 0.59 29.16 30.25
N LEU F 595 -0.22 28.21 29.82
CA LEU F 595 -1.60 28.09 30.30
C LEU F 595 -1.73 26.76 31.02
N ASN F 596 -1.93 26.82 32.33
CA ASN F 596 -2.14 25.62 33.13
C ASN F 596 -3.62 25.30 33.14
N ALA F 597 -4.03 24.35 32.30
CA ALA F 597 -5.43 23.99 32.14
C ALA F 597 -5.85 22.84 33.05
N THR F 598 -4.90 22.18 33.71
CA THR F 598 -5.23 21.01 34.52
C THR F 598 -6.18 21.37 35.65
N GLY F 599 -6.11 22.59 36.18
CA GLY F 599 -7.05 23.01 37.19
C GLY F 599 -8.40 23.30 36.58
N ASN F 600 -8.41 24.05 35.49
CA ASN F 600 -9.61 24.34 34.74
C ASN F 600 -9.16 24.89 33.40
N ASN F 601 -9.93 24.60 32.34
CA ASN F 601 -9.55 25.06 31.02
C ASN F 601 -10.31 26.33 30.68
N PRO F 602 -9.64 27.45 30.45
CA PRO F 602 -10.33 28.63 29.95
C PRO F 602 -10.53 28.55 28.45
N CYS F 603 -11.64 29.09 27.99
CA CYS F 603 -11.97 29.30 26.58
C CYS F 603 -12.33 28.00 25.85
N ASN F 604 -12.23 26.86 26.52
CA ASN F 604 -12.89 25.60 26.16
C ASN F 604 -12.91 25.26 24.68
N TYR F 605 -11.95 25.74 23.91
CA TYR F 605 -11.78 25.31 22.52
C TYR F 605 -10.34 24.98 22.23
N ALA F 606 -9.59 24.61 23.26
CA ALA F 606 -8.14 24.76 23.18
C ALA F 606 -7.35 23.47 23.11
N THR F 607 -7.88 22.35 23.61
CA THR F 607 -7.13 21.10 23.74
C THR F 607 -5.77 21.35 24.41
N CYS F 608 -5.83 22.07 25.52
CA CYS F 608 -4.64 22.43 26.28
C CYS F 608 -4.22 21.37 27.26
N THR F 609 -4.56 20.12 27.01
CA THR F 609 -4.00 19.04 27.80
C THR F 609 -4.21 17.74 27.04
N GLY F 610 -3.45 16.72 27.43
CA GLY F 610 -3.55 15.46 26.75
C GLY F 610 -4.86 14.75 27.01
N GLU F 611 -5.40 14.90 28.22
CA GLU F 611 -6.68 14.29 28.54
C GLU F 611 -7.78 14.80 27.62
N GLU F 612 -7.77 16.09 27.28
CA GLU F 612 -8.84 16.63 26.45
C GLU F 612 -8.74 16.09 25.03
N TYR F 613 -7.54 16.02 24.48
CA TYR F 613 -7.42 15.42 23.16
C TYR F 613 -7.70 13.94 23.19
N LEU F 614 -7.55 13.30 24.35
CA LEU F 614 -7.78 11.87 24.42
C LEU F 614 -9.27 11.56 24.52
N VAL F 615 -10.01 12.40 25.24
CA VAL F 615 -11.45 12.18 25.34
C VAL F 615 -12.14 12.68 24.09
N LYS F 616 -11.63 13.73 23.47
CA LYS F 616 -12.26 14.27 22.28
C LYS F 616 -12.33 13.26 21.15
N GLN F 617 -11.45 12.25 21.15
CA GLN F 617 -11.49 11.20 20.15
C GLN F 617 -12.29 10.00 20.61
N GLY F 618 -12.99 10.09 21.74
CA GLY F 618 -13.72 8.95 22.24
C GLY F 618 -12.81 7.82 22.68
N ILE F 619 -12.05 8.05 23.74
CA ILE F 619 -11.15 7.06 24.32
C ILE F 619 -11.31 7.09 25.82
N ASP F 620 -11.30 5.93 26.46
CA ASP F 620 -11.37 5.90 27.91
C ASP F 620 -10.13 6.53 28.51
N LEU F 621 -10.15 6.68 29.83
CA LEU F 621 -8.99 7.13 30.58
C LEU F 621 -8.65 6.24 31.75
N SER F 622 -9.60 5.44 32.23
CA SER F 622 -9.29 4.48 33.27
C SER F 622 -8.21 3.52 32.80
N PRO F 623 -7.40 2.99 33.71
CA PRO F 623 -6.36 2.03 33.31
C PRO F 623 -6.89 0.89 32.47
N TRP F 624 -8.15 0.51 32.66
CA TRP F 624 -8.74 -0.46 31.75
C TRP F 624 -8.84 0.09 30.34
N GLY F 625 -8.93 1.41 30.21
CA GLY F 625 -9.06 2.01 28.88
C GLY F 625 -7.91 1.70 27.96
N LEU F 626 -6.78 1.27 28.50
CA LEU F 626 -5.64 0.88 27.68
C LEU F 626 -5.62 -0.63 27.43
N TRP F 627 -5.66 -1.43 28.50
CA TRP F 627 -5.56 -2.87 28.35
C TRP F 627 -6.78 -3.48 27.69
N LYS F 628 -7.87 -2.73 27.57
CA LYS F 628 -8.99 -3.22 26.77
C LYS F 628 -8.56 -3.44 25.33
N ASN F 629 -7.62 -2.63 24.86
CA ASN F 629 -7.12 -2.81 23.51
C ASN F 629 -6.20 -4.01 23.39
N HIS F 630 -5.63 -4.48 24.49
CA HIS F 630 -4.78 -5.66 24.41
C HIS F 630 -5.56 -6.95 24.60
N VAL F 631 -6.62 -6.92 25.41
CA VAL F 631 -7.49 -8.09 25.46
C VAL F 631 -8.29 -8.22 24.18
N ALA F 632 -8.39 -7.13 23.41
CA ALA F 632 -9.07 -7.19 22.14
C ALA F 632 -8.14 -7.53 21.00
N LEU F 633 -6.84 -7.37 21.20
CA LEU F 633 -5.86 -7.81 20.22
C LEU F 633 -5.32 -9.19 20.51
N ALA F 634 -5.38 -9.63 21.77
CA ALA F 634 -5.06 -11.02 22.06
C ALA F 634 -6.21 -11.95 21.69
N CYS F 635 -7.33 -11.39 21.25
CA CYS F 635 -8.47 -12.18 20.82
C CYS F 635 -8.56 -12.29 19.31
N MET F 636 -8.24 -11.20 18.59
CA MET F 636 -8.19 -11.29 17.14
C MET F 636 -7.05 -12.20 16.71
N ILE F 637 -6.02 -12.33 17.54
CA ILE F 637 -4.95 -13.28 17.24
C ILE F 637 -5.49 -14.70 17.28
N VAL F 638 -6.17 -15.06 18.37
CA VAL F 638 -6.60 -16.44 18.53
C VAL F 638 -7.68 -16.78 17.51
N ILE F 639 -8.57 -15.83 17.22
CA ILE F 639 -9.61 -16.11 16.24
C ILE F 639 -9.00 -16.25 14.86
N PHE F 640 -8.16 -15.30 14.47
CA PHE F 640 -7.56 -15.34 13.15
C PHE F 640 -6.52 -16.43 13.01
N LEU F 641 -6.12 -17.07 14.10
CA LEU F 641 -5.26 -18.24 14.00
C LEU F 641 -6.04 -19.54 13.96
N THR F 642 -7.12 -19.66 14.73
CA THR F 642 -7.92 -20.87 14.60
C THR F 642 -8.64 -20.91 13.27
N ILE F 643 -8.99 -19.75 12.69
CA ILE F 643 -9.55 -19.77 11.35
C ILE F 643 -8.52 -20.29 10.37
N ALA F 644 -7.27 -19.90 10.53
CA ALA F 644 -6.22 -20.39 9.64
C ALA F 644 -6.01 -21.89 9.81
N TYR F 645 -6.00 -22.36 11.06
CA TYR F 645 -5.81 -23.79 11.28
C TYR F 645 -6.96 -24.58 10.68
N LEU F 646 -8.18 -24.07 10.79
CA LEU F 646 -9.30 -24.76 10.16
C LEU F 646 -9.16 -24.76 8.65
N LYS F 647 -8.82 -23.63 8.06
CA LYS F 647 -8.67 -23.58 6.62
C LYS F 647 -7.58 -24.53 6.15
N LEU F 648 -6.59 -24.80 6.99
CA LEU F 648 -5.58 -25.79 6.62
C LEU F 648 -6.12 -27.20 6.80
N LEU F 649 -6.93 -27.42 7.83
CA LEU F 649 -7.39 -28.77 8.11
C LEU F 649 -8.42 -29.23 7.09
N PHE F 650 -9.32 -28.33 6.67
CA PHE F 650 -10.42 -28.67 5.78
C PHE F 650 -10.06 -28.53 4.31
N LEU F 651 -8.80 -28.24 4.00
CA LEU F 651 -8.39 -28.08 2.61
C LEU F 651 -8.30 -29.42 1.91
N LYS F 652 -8.81 -29.47 0.68
CA LYS F 652 -8.75 -30.70 -0.11
C LYS F 652 -7.29 -31.10 -0.30
N LYS F 653 -6.89 -32.21 0.34
CA LYS F 653 -5.53 -32.71 0.24
C LYS F 653 -5.35 -33.68 -0.92
N TYR F 654 -6.17 -33.56 -1.96
CA TYR F 654 -6.06 -34.47 -3.09
C TYR F 654 -6.10 -33.70 -4.40
#